data_1K8U
# 
_entry.id   1K8U 
# 
_audit_conform.dict_name       mmcif_pdbx.dic 
_audit_conform.dict_version    5.397 
_audit_conform.dict_location   http://mmcif.pdb.org/dictionaries/ascii/mmcif_pdbx.dic 
# 
loop_
_database_2.database_id 
_database_2.database_code 
_database_2.pdbx_database_accession 
_database_2.pdbx_DOI 
PDB   1K8U         pdb_00001k8u 10.2210/pdb1k8u/pdb 
RCSB  RCSB014704   ?            ?                   
WWPDB D_1000014704 ?            ?                   
# 
loop_
_pdbx_audit_revision_history.ordinal 
_pdbx_audit_revision_history.data_content_type 
_pdbx_audit_revision_history.major_revision 
_pdbx_audit_revision_history.minor_revision 
_pdbx_audit_revision_history.revision_date 
1 'Structure model' 1 0 2002-04-10 
2 'Structure model' 1 1 2008-04-27 
3 'Structure model' 1 2 2011-07-13 
4 'Structure model' 1 3 2024-10-30 
# 
_pdbx_audit_revision_details.ordinal             1 
_pdbx_audit_revision_details.revision_ordinal    1 
_pdbx_audit_revision_details.data_content_type   'Structure model' 
_pdbx_audit_revision_details.provider            repository 
_pdbx_audit_revision_details.type                'Initial release' 
_pdbx_audit_revision_details.description         ? 
_pdbx_audit_revision_details.details             ? 
# 
loop_
_pdbx_audit_revision_group.ordinal 
_pdbx_audit_revision_group.revision_ordinal 
_pdbx_audit_revision_group.data_content_type 
_pdbx_audit_revision_group.group 
1 2 'Structure model' 'Version format compliance' 
2 3 'Structure model' 'Derived calculations'      
3 3 'Structure model' 'Version format compliance' 
4 4 'Structure model' 'Data collection'           
5 4 'Structure model' 'Database references'       
6 4 'Structure model' 'Derived calculations'      
7 4 'Structure model' 'Structure summary'         
# 
loop_
_pdbx_audit_revision_category.ordinal 
_pdbx_audit_revision_category.revision_ordinal 
_pdbx_audit_revision_category.data_content_type 
_pdbx_audit_revision_category.category 
1 4 'Structure model' chem_comp_atom            
2 4 'Structure model' chem_comp_bond            
3 4 'Structure model' database_2                
4 4 'Structure model' pdbx_entry_details        
5 4 'Structure model' pdbx_modification_feature 
6 4 'Structure model' struct_conn               
7 4 'Structure model' struct_ref_seq_dif        
# 
loop_
_pdbx_audit_revision_item.ordinal 
_pdbx_audit_revision_item.revision_ordinal 
_pdbx_audit_revision_item.data_content_type 
_pdbx_audit_revision_item.item 
1 4 'Structure model' '_database_2.pdbx_DOI'                
2 4 'Structure model' '_database_2.pdbx_database_accession' 
3 4 'Structure model' '_struct_conn.pdbx_leaving_atom_flag' 
4 4 'Structure model' '_struct_ref_seq_dif.details'         
# 
_pdbx_database_status.status_code                     REL 
_pdbx_database_status.entry_id                        1K8U 
_pdbx_database_status.recvd_initial_deposition_date   2001-10-25 
_pdbx_database_status.deposit_site                    RCSB 
_pdbx_database_status.process_site                    RCSB 
_pdbx_database_status.SG_entry                        . 
_pdbx_database_status.pdb_format_compatible           Y 
_pdbx_database_status.status_code_mr                  ? 
_pdbx_database_status.status_code_sf                  ? 
_pdbx_database_status.status_code_cs                  ? 
_pdbx_database_status.status_code_nmr_data            ? 
_pdbx_database_status.methods_development_category    ? 
# 
loop_
_pdbx_database_related.db_name 
_pdbx_database_related.db_id 
_pdbx_database_related.details 
_pdbx_database_related.content_type 
PDB 1K96 'CRYSTAL STRUCTURE OF CALCIUM BOUND HUMAN S100A6'        unspecified 
PDB 1K9K 'CRYSTAL STRUCTURE OF CALCIUM BOUND HUMAN S100A6'        unspecified 
PDB 1K9P 'CRYSTAL STRUCTURE OF CALCIUM FREE(OR APO) HUMAN S100A6' unspecified 
# 
loop_
_audit_author.name 
_audit_author.pdbx_ordinal 
'Otterbein, L.R.' 1 
'Dominguez, R.'   2 
# 
_citation.id                        primary 
_citation.title                     
;Crystal structures of S100A6 in the Ca(2+)-free and Ca(2+)-bound states: the calcium sensor mechanism of S100 proteins revealed at atomic resolution.
;
_citation.journal_abbrev            Structure 
_citation.journal_volume            10 
_citation.page_first                557 
_citation.page_last                 567 
_citation.year                      2002 
_citation.journal_id_ASTM           STRUE6 
_citation.country                   UK 
_citation.journal_id_ISSN           0969-2126 
_citation.journal_id_CSD            2005 
_citation.book_publisher            ? 
_citation.pdbx_database_id_PubMed   11937060 
_citation.pdbx_database_id_DOI      '10.1016/S0969-2126(02)00740-2' 
# 
loop_
_citation_author.citation_id 
_citation_author.name 
_citation_author.ordinal 
_citation_author.identifier_ORCID 
primary 'Otterbein, L.R.'    1 ? 
primary 'Kordowska, J.'      2 ? 
primary 'Witte-Hoffmann, C.' 3 ? 
primary 'Wang, C.L.'         4 ? 
primary 'Dominguez, R.'      5 ? 
# 
loop_
_entity.id 
_entity.type 
_entity.src_method 
_entity.pdbx_description 
_entity.formula_weight 
_entity.pdbx_number_of_molecules 
_entity.pdbx_ec 
_entity.pdbx_mutation 
_entity.pdbx_fragment 
_entity.details 
1 polymer man S100A6 10315.572 1   ? ? ? ? 
2 water   nat water  18.015    117 ? ? ? ? 
# 
_entity_name_com.entity_id   1 
_entity_name_com.name        'CALCYCLIN, CACY' 
# 
_entity_poly.entity_id                      1 
_entity_poly.type                           'polypeptide(L)' 
_entity_poly.nstd_linkage                   no 
_entity_poly.nstd_monomer                   yes 
_entity_poly.pdbx_seq_one_letter_code       
;MA(MSE)PLDQAIGLLVAIFHKYSGREGDKHTLSKKELKELIQKELTIGSKLQDAEIARL(MSE)EDLDRNKDQEVNFQE
YVTFLGALALIYNEALKG
;
_entity_poly.pdbx_seq_one_letter_code_can   
;MAMPLDQAIGLLVAIFHKYSGREGDKHTLSKKELKELIQKELTIGSKLQDAEIARLMEDLDRNKDQEVNFQEYVTFLGAL
ALIYNEALKG
;
_entity_poly.pdbx_strand_id                 A 
_entity_poly.pdbx_target_identifier         ? 
# 
_pdbx_entity_nonpoly.entity_id   2 
_pdbx_entity_nonpoly.name        water 
_pdbx_entity_nonpoly.comp_id     HOH 
# 
loop_
_entity_poly_seq.entity_id 
_entity_poly_seq.num 
_entity_poly_seq.mon_id 
_entity_poly_seq.hetero 
1 1  MET n 
1 2  ALA n 
1 3  MSE n 
1 4  PRO n 
1 5  LEU n 
1 6  ASP n 
1 7  GLN n 
1 8  ALA n 
1 9  ILE n 
1 10 GLY n 
1 11 LEU n 
1 12 LEU n 
1 13 VAL n 
1 14 ALA n 
1 15 ILE n 
1 16 PHE n 
1 17 HIS n 
1 18 LYS n 
1 19 TYR n 
1 20 SER n 
1 21 GLY n 
1 22 ARG n 
1 23 GLU n 
1 24 GLY n 
1 25 ASP n 
1 26 LYS n 
1 27 HIS n 
1 28 THR n 
1 29 LEU n 
1 30 SER n 
1 31 LYS n 
1 32 LYS n 
1 33 GLU n 
1 34 LEU n 
1 35 LYS n 
1 36 GLU n 
1 37 LEU n 
1 38 ILE n 
1 39 GLN n 
1 40 LYS n 
1 41 GLU n 
1 42 LEU n 
1 43 THR n 
1 44 ILE n 
1 45 GLY n 
1 46 SER n 
1 47 LYS n 
1 48 LEU n 
1 49 GLN n 
1 50 ASP n 
1 51 ALA n 
1 52 GLU n 
1 53 ILE n 
1 54 ALA n 
1 55 ARG n 
1 56 LEU n 
1 57 MSE n 
1 58 GLU n 
1 59 ASP n 
1 60 LEU n 
1 61 ASP n 
1 62 ARG n 
1 63 ASN n 
1 64 LYS n 
1 65 ASP n 
1 66 GLN n 
1 67 GLU n 
1 68 VAL n 
1 69 ASN n 
1 70 PHE n 
1 71 GLN n 
1 72 GLU n 
1 73 TYR n 
1 74 VAL n 
1 75 THR n 
1 76 PHE n 
1 77 LEU n 
1 78 GLY n 
1 79 ALA n 
1 80 LEU n 
1 81 ALA n 
1 82 LEU n 
1 83 ILE n 
1 84 TYR n 
1 85 ASN n 
1 86 GLU n 
1 87 ALA n 
1 88 LEU n 
1 89 LYS n 
1 90 GLY n 
# 
_entity_src_gen.entity_id                          1 
_entity_src_gen.pdbx_src_id                        1 
_entity_src_gen.pdbx_alt_source_flag               sample 
_entity_src_gen.pdbx_seq_type                      ? 
_entity_src_gen.pdbx_beg_seq_num                   ? 
_entity_src_gen.pdbx_end_seq_num                   ? 
_entity_src_gen.gene_src_common_name               human 
_entity_src_gen.gene_src_genus                     Homo 
_entity_src_gen.pdbx_gene_src_gene                 ? 
_entity_src_gen.gene_src_species                   ? 
_entity_src_gen.gene_src_strain                    ? 
_entity_src_gen.gene_src_tissue                    ? 
_entity_src_gen.gene_src_tissue_fraction           ? 
_entity_src_gen.gene_src_details                   ? 
_entity_src_gen.pdbx_gene_src_fragment             ? 
_entity_src_gen.pdbx_gene_src_scientific_name      'Homo sapiens' 
_entity_src_gen.pdbx_gene_src_ncbi_taxonomy_id     9606 
_entity_src_gen.pdbx_gene_src_variant              ? 
_entity_src_gen.pdbx_gene_src_cell_line            ? 
_entity_src_gen.pdbx_gene_src_atcc                 ? 
_entity_src_gen.pdbx_gene_src_organ                ? 
_entity_src_gen.pdbx_gene_src_organelle            ? 
_entity_src_gen.pdbx_gene_src_cell                 ? 
_entity_src_gen.pdbx_gene_src_cellular_location    ? 
_entity_src_gen.host_org_common_name               ? 
_entity_src_gen.pdbx_host_org_scientific_name      'Escherichia coli' 
_entity_src_gen.pdbx_host_org_ncbi_taxonomy_id     562 
_entity_src_gen.host_org_genus                     Escherichia 
_entity_src_gen.pdbx_host_org_gene                 ? 
_entity_src_gen.pdbx_host_org_organ                ? 
_entity_src_gen.host_org_species                   ? 
_entity_src_gen.pdbx_host_org_tissue               ? 
_entity_src_gen.pdbx_host_org_tissue_fraction      ? 
_entity_src_gen.pdbx_host_org_strain               'Bl21 (DE3) pLYS' 
_entity_src_gen.pdbx_host_org_variant              ? 
_entity_src_gen.pdbx_host_org_cell_line            ? 
_entity_src_gen.pdbx_host_org_atcc                 ? 
_entity_src_gen.pdbx_host_org_culture_collection   ? 
_entity_src_gen.pdbx_host_org_cell                 ? 
_entity_src_gen.pdbx_host_org_organelle            ? 
_entity_src_gen.pdbx_host_org_cellular_location    ? 
_entity_src_gen.pdbx_host_org_vector_type          PLASMID 
_entity_src_gen.pdbx_host_org_vector               ? 
_entity_src_gen.host_org_details                   ? 
_entity_src_gen.expression_system_id               ? 
_entity_src_gen.plasmid_name                       pAED4 
_entity_src_gen.plasmid_details                    ? 
_entity_src_gen.pdbx_description                   ? 
# 
loop_
_chem_comp.id 
_chem_comp.type 
_chem_comp.mon_nstd_flag 
_chem_comp.name 
_chem_comp.pdbx_synonyms 
_chem_comp.formula 
_chem_comp.formula_weight 
ALA 'L-peptide linking' y ALANINE          ? 'C3 H7 N O2'     89.093  
ARG 'L-peptide linking' y ARGININE         ? 'C6 H15 N4 O2 1' 175.209 
ASN 'L-peptide linking' y ASPARAGINE       ? 'C4 H8 N2 O3'    132.118 
ASP 'L-peptide linking' y 'ASPARTIC ACID'  ? 'C4 H7 N O4'     133.103 
CYS 'L-peptide linking' y CYSTEINE         ? 'C3 H7 N O2 S'   121.158 
GLN 'L-peptide linking' y GLUTAMINE        ? 'C5 H10 N2 O3'   146.144 
GLU 'L-peptide linking' y 'GLUTAMIC ACID'  ? 'C5 H9 N O4'     147.129 
GLY 'peptide linking'   y GLYCINE          ? 'C2 H5 N O2'     75.067  
HIS 'L-peptide linking' y HISTIDINE        ? 'C6 H10 N3 O2 1' 156.162 
HOH non-polymer         . WATER            ? 'H2 O'           18.015  
ILE 'L-peptide linking' y ISOLEUCINE       ? 'C6 H13 N O2'    131.173 
LEU 'L-peptide linking' y LEUCINE          ? 'C6 H13 N O2'    131.173 
LYS 'L-peptide linking' y LYSINE           ? 'C6 H15 N2 O2 1' 147.195 
MET 'L-peptide linking' y METHIONINE       ? 'C5 H11 N O2 S'  149.211 
MSE 'L-peptide linking' n SELENOMETHIONINE ? 'C5 H11 N O2 Se' 196.106 
PHE 'L-peptide linking' y PHENYLALANINE    ? 'C9 H11 N O2'    165.189 
PRO 'L-peptide linking' y PROLINE          ? 'C5 H9 N O2'     115.130 
SER 'L-peptide linking' y SERINE           ? 'C3 H7 N O3'     105.093 
THR 'L-peptide linking' y THREONINE        ? 'C4 H9 N O3'     119.119 
TYR 'L-peptide linking' y TYROSINE         ? 'C9 H11 N O3'    181.189 
VAL 'L-peptide linking' y VALINE           ? 'C5 H11 N O2'    117.146 
# 
loop_
_pdbx_poly_seq_scheme.asym_id 
_pdbx_poly_seq_scheme.entity_id 
_pdbx_poly_seq_scheme.seq_id 
_pdbx_poly_seq_scheme.mon_id 
_pdbx_poly_seq_scheme.ndb_seq_num 
_pdbx_poly_seq_scheme.pdb_seq_num 
_pdbx_poly_seq_scheme.auth_seq_num 
_pdbx_poly_seq_scheme.pdb_mon_id 
_pdbx_poly_seq_scheme.auth_mon_id 
_pdbx_poly_seq_scheme.pdb_strand_id 
_pdbx_poly_seq_scheme.pdb_ins_code 
_pdbx_poly_seq_scheme.hetero 
A 1 1  MET 1  1  ?  ?   ?   A . n 
A 1 2  ALA 2  2  2  ALA ALA A . n 
A 1 3  MSE 3  3  3  MSE MSE A . n 
A 1 4  PRO 4  4  4  PRO PRO A . n 
A 1 5  LEU 5  5  5  LEU LEU A . n 
A 1 6  ASP 6  6  6  ASP ASP A . n 
A 1 7  GLN 7  7  7  GLN GLN A . n 
A 1 8  ALA 8  8  8  ALA ALA A . n 
A 1 9  ILE 9  9  9  ILE ILE A . n 
A 1 10 GLY 10 10 10 GLY GLY A . n 
A 1 11 LEU 11 11 11 LEU LEU A . n 
A 1 12 LEU 12 12 12 LEU LEU A . n 
A 1 13 VAL 13 13 13 VAL VAL A . n 
A 1 14 ALA 14 14 14 ALA ALA A . n 
A 1 15 ILE 15 15 15 ILE ILE A . n 
A 1 16 PHE 16 16 16 PHE PHE A . n 
A 1 17 HIS 17 17 17 HIS HIS A . n 
A 1 18 LYS 18 18 18 LYS LYS A . n 
A 1 19 TYR 19 19 19 TYR TYR A . n 
A 1 20 SER 20 20 20 SER SER A . n 
A 1 21 GLY 21 21 21 GLY GLY A . n 
A 1 22 ARG 22 22 22 ARG ARG A . n 
A 1 23 GLU 23 23 23 GLU GLU A . n 
A 1 24 GLY 24 24 24 GLY GLY A . n 
A 1 25 ASP 25 25 25 ASP ASP A . n 
A 1 26 LYS 26 26 26 LYS LYS A . n 
A 1 27 HIS 27 27 27 HIS HIS A . n 
A 1 28 THR 28 28 28 THR THR A . n 
A 1 29 LEU 29 29 29 LEU LEU A . n 
A 1 30 SER 30 30 30 SER SER A . n 
A 1 31 LYS 31 31 31 LYS LYS A . n 
A 1 32 LYS 32 32 32 LYS LYS A . n 
A 1 33 GLU 33 33 33 GLU GLU A . n 
A 1 34 LEU 34 34 34 LEU LEU A . n 
A 1 35 LYS 35 35 35 LYS LYS A . n 
A 1 36 GLU 36 36 36 GLU GLU A . n 
A 1 37 LEU 37 37 37 LEU LEU A . n 
A 1 38 ILE 38 38 38 ILE ILE A . n 
A 1 39 GLN 39 39 39 GLN GLN A . n 
A 1 40 LYS 40 40 40 LYS LYS A . n 
A 1 41 GLU 41 41 41 GLU GLU A . n 
A 1 42 LEU 42 42 42 LEU LEU A . n 
A 1 43 THR 43 43 43 THR THR A . n 
A 1 44 ILE 44 44 44 ILE ILE A . n 
A 1 45 GLY 45 45 45 GLY GLY A . n 
A 1 46 SER 46 46 46 SER SER A . n 
A 1 47 LYS 47 47 47 LYS LYS A . n 
A 1 48 LEU 48 48 48 LEU LEU A . n 
A 1 49 GLN 49 49 49 GLN GLN A . n 
A 1 50 ASP 50 50 50 ASP ASP A . n 
A 1 51 ALA 51 51 51 ALA ALA A . n 
A 1 52 GLU 52 52 52 GLU GLU A . n 
A 1 53 ILE 53 53 53 ILE ILE A . n 
A 1 54 ALA 54 54 54 ALA ALA A . n 
A 1 55 ARG 55 55 55 ARG ARG A . n 
A 1 56 LEU 56 56 56 LEU LEU A . n 
A 1 57 MSE 57 57 57 MSE MSE A . n 
A 1 58 GLU 58 58 58 GLU GLU A . n 
A 1 59 ASP 59 59 59 ASP ASP A . n 
A 1 60 LEU 60 60 60 LEU LEU A . n 
A 1 61 ASP 61 61 61 ASP ASP A . n 
A 1 62 ARG 62 62 62 ARG ARG A . n 
A 1 63 ASN 63 63 63 ASN ASN A . n 
A 1 64 LYS 64 64 64 LYS LYS A . n 
A 1 65 ASP 65 65 65 ASP ASP A . n 
A 1 66 GLN 66 66 66 GLN GLN A . n 
A 1 67 GLU 67 67 67 GLU GLU A . n 
A 1 68 VAL 68 68 68 VAL VAL A . n 
A 1 69 ASN 69 69 69 ASN ASN A . n 
A 1 70 PHE 70 70 70 PHE PHE A . n 
A 1 71 GLN 71 71 71 GLN GLN A . n 
A 1 72 GLU 72 72 72 GLU GLU A . n 
A 1 73 TYR 73 73 73 TYR TYR A . n 
A 1 74 VAL 74 74 74 VAL VAL A . n 
A 1 75 THR 75 75 75 THR THR A . n 
A 1 76 PHE 76 76 76 PHE PHE A . n 
A 1 77 LEU 77 77 77 LEU LEU A . n 
A 1 78 GLY 78 78 78 GLY GLY A . n 
A 1 79 ALA 79 79 79 ALA ALA A . n 
A 1 80 LEU 80 80 80 LEU LEU A . n 
A 1 81 ALA 81 81 81 ALA ALA A . n 
A 1 82 LEU 82 82 82 LEU LEU A . n 
A 1 83 ILE 83 83 83 ILE ILE A . n 
A 1 84 TYR 84 84 84 TYR TYR A . n 
A 1 85 ASN 85 85 85 ASN ASN A . n 
A 1 86 GLU 86 86 86 GLU GLU A . n 
A 1 87 ALA 87 87 87 ALA ALA A . n 
A 1 88 LEU 88 88 88 LEU LEU A . n 
A 1 89 LYS 89 89 89 LYS LYS A . n 
A 1 90 GLY 90 90 90 GLY GLY A . n 
# 
loop_
_pdbx_nonpoly_scheme.asym_id 
_pdbx_nonpoly_scheme.entity_id 
_pdbx_nonpoly_scheme.mon_id 
_pdbx_nonpoly_scheme.ndb_seq_num 
_pdbx_nonpoly_scheme.pdb_seq_num 
_pdbx_nonpoly_scheme.auth_seq_num 
_pdbx_nonpoly_scheme.pdb_mon_id 
_pdbx_nonpoly_scheme.auth_mon_id 
_pdbx_nonpoly_scheme.pdb_strand_id 
_pdbx_nonpoly_scheme.pdb_ins_code 
B 2 HOH 1   91  1   HOH HOH A . 
B 2 HOH 2   92  2   HOH HOH A . 
B 2 HOH 3   93  3   HOH HOH A . 
B 2 HOH 4   94  4   HOH HOH A . 
B 2 HOH 5   95  5   HOH HOH A . 
B 2 HOH 6   96  6   HOH HOH A . 
B 2 HOH 7   97  7   HOH HOH A . 
B 2 HOH 8   98  8   HOH HOH A . 
B 2 HOH 9   99  9   HOH HOH A . 
B 2 HOH 10  100 10  HOH HOH A . 
B 2 HOH 11  101 11  HOH HOH A . 
B 2 HOH 12  102 12  HOH HOH A . 
B 2 HOH 13  103 13  HOH HOH A . 
B 2 HOH 14  104 14  HOH HOH A . 
B 2 HOH 15  105 15  HOH HOH A . 
B 2 HOH 16  106 16  HOH HOH A . 
B 2 HOH 17  107 17  HOH HOH A . 
B 2 HOH 18  108 18  HOH HOH A . 
B 2 HOH 19  109 19  HOH HOH A . 
B 2 HOH 20  110 20  HOH HOH A . 
B 2 HOH 21  111 21  HOH HOH A . 
B 2 HOH 22  112 22  HOH HOH A . 
B 2 HOH 23  113 23  HOH HOH A . 
B 2 HOH 24  114 24  HOH HOH A . 
B 2 HOH 25  115 25  HOH HOH A . 
B 2 HOH 26  116 26  HOH HOH A . 
B 2 HOH 27  117 27  HOH HOH A . 
B 2 HOH 28  118 28  HOH HOH A . 
B 2 HOH 29  119 29  HOH HOH A . 
B 2 HOH 30  120 30  HOH HOH A . 
B 2 HOH 31  121 31  HOH HOH A . 
B 2 HOH 32  122 32  HOH HOH A . 
B 2 HOH 33  123 33  HOH HOH A . 
B 2 HOH 34  124 34  HOH HOH A . 
B 2 HOH 35  125 35  HOH HOH A . 
B 2 HOH 36  126 36  HOH HOH A . 
B 2 HOH 37  127 37  HOH HOH A . 
B 2 HOH 38  128 38  HOH HOH A . 
B 2 HOH 39  129 39  HOH HOH A . 
B 2 HOH 40  130 40  HOH HOH A . 
B 2 HOH 41  131 41  HOH HOH A . 
B 2 HOH 42  132 42  HOH HOH A . 
B 2 HOH 43  133 43  HOH HOH A . 
B 2 HOH 44  134 44  HOH HOH A . 
B 2 HOH 45  135 45  HOH HOH A . 
B 2 HOH 46  136 46  HOH HOH A . 
B 2 HOH 47  137 47  HOH HOH A . 
B 2 HOH 48  138 48  HOH HOH A . 
B 2 HOH 49  139 49  HOH HOH A . 
B 2 HOH 50  140 50  HOH HOH A . 
B 2 HOH 51  141 51  HOH HOH A . 
B 2 HOH 52  142 52  HOH HOH A . 
B 2 HOH 53  143 53  HOH HOH A . 
B 2 HOH 54  144 54  HOH HOH A . 
B 2 HOH 55  145 55  HOH HOH A . 
B 2 HOH 56  146 56  HOH HOH A . 
B 2 HOH 57  147 57  HOH HOH A . 
B 2 HOH 58  148 58  HOH HOH A . 
B 2 HOH 59  149 59  HOH HOH A . 
B 2 HOH 60  150 60  HOH HOH A . 
B 2 HOH 61  151 61  HOH HOH A . 
B 2 HOH 62  152 62  HOH HOH A . 
B 2 HOH 63  153 63  HOH HOH A . 
B 2 HOH 64  154 64  HOH HOH A . 
B 2 HOH 65  155 65  HOH HOH A . 
B 2 HOH 66  156 66  HOH HOH A . 
B 2 HOH 67  157 67  HOH HOH A . 
B 2 HOH 68  158 68  HOH HOH A . 
B 2 HOH 69  159 69  HOH HOH A . 
B 2 HOH 70  160 70  HOH HOH A . 
B 2 HOH 71  161 71  HOH HOH A . 
B 2 HOH 72  162 72  HOH HOH A . 
B 2 HOH 73  163 73  HOH HOH A . 
B 2 HOH 74  164 74  HOH HOH A . 
B 2 HOH 75  165 75  HOH HOH A . 
B 2 HOH 76  166 76  HOH HOH A . 
B 2 HOH 77  167 77  HOH HOH A . 
B 2 HOH 78  168 78  HOH HOH A . 
B 2 HOH 79  169 79  HOH HOH A . 
B 2 HOH 80  170 80  HOH HOH A . 
B 2 HOH 81  171 81  HOH HOH A . 
B 2 HOH 82  172 82  HOH HOH A . 
B 2 HOH 83  173 83  HOH HOH A . 
B 2 HOH 84  174 84  HOH HOH A . 
B 2 HOH 85  175 85  HOH HOH A . 
B 2 HOH 86  176 86  HOH HOH A . 
B 2 HOH 87  177 87  HOH HOH A . 
B 2 HOH 88  178 88  HOH HOH A . 
B 2 HOH 89  179 89  HOH HOH A . 
B 2 HOH 90  180 90  HOH HOH A . 
B 2 HOH 91  181 91  HOH HOH A . 
B 2 HOH 92  182 92  HOH HOH A . 
B 2 HOH 93  183 93  HOH HOH A . 
B 2 HOH 94  184 94  HOH HOH A . 
B 2 HOH 95  185 95  HOH HOH A . 
B 2 HOH 96  186 96  HOH HOH A . 
B 2 HOH 97  187 97  HOH HOH A . 
B 2 HOH 98  188 98  HOH HOH A . 
B 2 HOH 99  189 99  HOH HOH A . 
B 2 HOH 100 190 100 HOH HOH A . 
B 2 HOH 101 191 101 HOH HOH A . 
B 2 HOH 102 192 102 HOH HOH A . 
B 2 HOH 103 193 103 HOH HOH A . 
B 2 HOH 104 194 104 HOH HOH A . 
B 2 HOH 105 195 105 HOH HOH A . 
B 2 HOH 106 196 106 HOH HOH A . 
B 2 HOH 107 197 107 HOH HOH A . 
B 2 HOH 108 198 108 HOH HOH A . 
B 2 HOH 109 199 109 HOH HOH A . 
B 2 HOH 110 200 110 HOH HOH A . 
B 2 HOH 111 201 111 HOH HOH A . 
B 2 HOH 112 202 112 HOH HOH A . 
B 2 HOH 113 203 113 HOH HOH A . 
B 2 HOH 114 204 114 HOH HOH A . 
B 2 HOH 115 205 115 HOH HOH A . 
B 2 HOH 116 206 116 HOH HOH A . 
B 2 HOH 117 207 117 HOH HOH A . 
# 
loop_
_software.name 
_software.classification 
_software.version 
_software.citation_id 
_software.pdbx_ordinal 
SHARP     phasing          . ? 1 
REFMAC    refinement       . ? 2 
DENZO     'data reduction' . ? 3 
SCALEPACK 'data scaling'   . ? 4 
# 
_cell.entry_id           1K8U 
_cell.length_a           37.259 
_cell.length_b           48.113 
_cell.length_c           83.473 
_cell.angle_alpha        90.00 
_cell.angle_beta         90.00 
_cell.angle_gamma        90.00 
_cell.Z_PDB              8 
_cell.pdbx_unique_axis   ? 
# 
_symmetry.entry_id                         1K8U 
_symmetry.space_group_name_H-M             'C 2 2 21' 
_symmetry.pdbx_full_space_group_name_H-M   ? 
_symmetry.cell_setting                     ? 
_symmetry.Int_Tables_number                20 
# 
_exptl.entry_id          1K8U 
_exptl.method            'X-RAY DIFFRACTION' 
_exptl.crystals_number   1 
# 
_exptl_crystal.id                    1 
_exptl_crystal.density_meas          ? 
_exptl_crystal.density_Matthews      1.910 
_exptl_crystal.density_percent_sol   35.54 
_exptl_crystal.description           ? 
# 
_exptl_crystal_grow.crystal_id      1 
_exptl_crystal_grow.method          'VAPOR DIFFUSION, HANGING DROP' 
_exptl_crystal_grow.temp            293 
_exptl_crystal_grow.temp_details    ? 
_exptl_crystal_grow.pH              7.0 
_exptl_crystal_grow.pdbx_details    
'28% PEG 1500, 30mM sodium cacodylate, 6% glycerol, pH 7.0, VAPOR DIFFUSION, HANGING DROP, temperature 293K' 
_exptl_crystal_grow.pdbx_pH_range   . 
# 
loop_
_diffrn.id 
_diffrn.ambient_temp 
_diffrn.ambient_temp_details 
_diffrn.crystal_id 
1   100.0 ? 1 
2   ?     ? 1 
1,2 ?     ? 1 
# 
loop_
_diffrn_detector.diffrn_id 
_diffrn_detector.detector 
_diffrn_detector.type 
_diffrn_detector.pdbx_collection_date 
_diffrn_detector.details 
1 CCD 'ADSC QUANTUM 4' 2000-12-07 'Bent cylindrical Si-mirror (Rh coating)' 
2 CCD 'ADSC QUANTUM 4' 2000-12-08 'Bent cylindrical Si-mirror (Rh coating)' 
# 
loop_
_diffrn_radiation.diffrn_id 
_diffrn_radiation.wavelength_id 
_diffrn_radiation.pdbx_monochromatic_or_laue_m_l 
_diffrn_radiation.monochromator 
_diffrn_radiation.pdbx_diffrn_protocol 
_diffrn_radiation.pdbx_scattering_type 
1 1 M 'SI(111) DOUBLE-CRYSTAL MONOCHROMATOR' MAD x-ray 
2 1 M 'SI(111) DOUBLE-CRYSTAL MONOCHROMATOR' MAD x-ray 
# 
loop_
_diffrn_radiation_wavelength.id 
_diffrn_radiation_wavelength.wavelength 
_diffrn_radiation_wavelength.wt 
1 1.00000 1.0 
2 1.02046 1.0 
3 0.97997 1.0 
4 0.94286 1.0 
# 
loop_
_diffrn_source.diffrn_id 
_diffrn_source.source 
_diffrn_source.type 
_diffrn_source.pdbx_synchrotron_site 
_diffrn_source.pdbx_synchrotron_beamline 
_diffrn_source.pdbx_wavelength 
_diffrn_source.pdbx_wavelength_list 
1 SYNCHROTRON 'APS BEAMLINE 14-BM-D' APS 14-BM-D 1.00000 '1.02046, 0.97997, 0.94286' 
2 SYNCHROTRON 'APS BEAMLINE 14-BM-D' APS 14-BM-D ?       '1.02046, 0.97997, 0.94286' 
# 
_reflns.entry_id                     1K8U 
_reflns.observed_criterion_sigma_I   ? 
_reflns.observed_criterion_sigma_F   ? 
_reflns.d_resolution_low             30.00 
_reflns.d_resolution_high            1.15 
_reflns.number_obs                   25759 
_reflns.number_all                   27160 
_reflns.percent_possible_obs         95.2 
_reflns.pdbx_Rmerge_I_obs            0.0610000 
_reflns.pdbx_Rsym_value              ? 
_reflns.pdbx_netI_over_sigmaI        11.7 
_reflns.B_iso_Wilson_estimate        14 
_reflns.pdbx_redundancy              14.8 
_reflns.R_free_details               ? 
_reflns.limit_h_max                  ? 
_reflns.limit_h_min                  ? 
_reflns.limit_k_max                  ? 
_reflns.limit_k_min                  ? 
_reflns.limit_l_max                  ? 
_reflns.limit_l_min                  ? 
_reflns.observed_criterion_F_max     ? 
_reflns.observed_criterion_F_min     ? 
_reflns.pdbx_ordinal                 1 
_reflns.pdbx_diffrn_id               1,2 
# 
_reflns_shell.d_res_high             1.15 
_reflns_shell.d_res_low              1.24 
_reflns_shell.percent_possible_all   87.6 
_reflns_shell.Rmerge_I_obs           0.2670000 
_reflns_shell.pdbx_Rsym_value        ? 
_reflns_shell.meanI_over_sigI_obs    ? 
_reflns_shell.pdbx_redundancy        8 
_reflns_shell.percent_possible_obs   ? 
_reflns_shell.number_unique_all      4162 
_reflns_shell.pdbx_ordinal           1 
_reflns_shell.pdbx_diffrn_id         1,2 
# 
_refine.entry_id                                 1K8U 
_refine.ls_number_reflns_obs                     24523 
_refine.ls_number_reflns_all                     25759 
_refine.pdbx_ls_sigma_I                          0.000 
_refine.pdbx_ls_sigma_F                          0.000 
_refine.pdbx_data_cutoff_high_absF               ? 
_refine.pdbx_data_cutoff_low_absF                ? 
_refine.ls_d_res_low                             20.00 
_refine.ls_d_res_high                            1.15 
_refine.ls_percent_reflns_obs                    95.2 
_refine.ls_R_factor_obs                          0.1860000 
_refine.ls_R_factor_all                          0.1860000 
_refine.ls_R_factor_R_work                       0.1860000 
_refine.ls_R_factor_R_free                       0.2210000 
_refine.ls_R_factor_R_free_error                 ? 
_refine.ls_R_factor_R_free_error_details         ? 
_refine.ls_percent_reflns_R_free                 5 
_refine.ls_number_reflns_R_free                  1226 
_refine.ls_number_parameters                     ? 
_refine.ls_number_restraints                     ? 
_refine.occupancy_min                            ? 
_refine.occupancy_max                            ? 
_refine.B_iso_mean                               ? 
_refine.aniso_B[1][1]                            ? 
_refine.aniso_B[2][2]                            ? 
_refine.aniso_B[3][3]                            ? 
_refine.aniso_B[1][2]                            ? 
_refine.aniso_B[1][3]                            ? 
_refine.aniso_B[2][3]                            ? 
_refine.solvent_model_details                    ? 
_refine.solvent_model_param_ksol                 ? 
_refine.solvent_model_param_bsol                 ? 
_refine.pdbx_ls_cross_valid_method               THROUGHOUT 
_refine.details                                  ? 
_refine.pdbx_starting_model                      ? 
_refine.pdbx_method_to_determine_struct          MAD 
_refine.pdbx_isotropic_thermal_model             ? 
_refine.pdbx_stereochemistry_target_values       ? 
_refine.pdbx_stereochem_target_val_spec_case     ? 
_refine.pdbx_R_Free_selection_details            RANDOM 
_refine.pdbx_overall_ESU_R_Free                  ? 
_refine.overall_SU_B                             ? 
_refine.ls_redundancy_reflns_obs                 ? 
_refine.B_iso_min                                ? 
_refine.B_iso_max                                ? 
_refine.correlation_coeff_Fo_to_Fc               ? 
_refine.overall_SU_R_Cruickshank_DPI             ? 
_refine.overall_SU_R_free                        ? 
_refine.overall_SU_ML                            ? 
_refine.pdbx_overall_ESU_R                       ? 
_refine.pdbx_data_cutoff_high_rms_absF           ? 
_refine.correlation_coeff_Fo_to_Fc_free          ? 
_refine.pdbx_solvent_vdw_probe_radii             ? 
_refine.pdbx_solvent_ion_probe_radii             ? 
_refine.pdbx_solvent_shrinkage_radii             ? 
_refine.pdbx_refine_id                           'X-RAY DIFFRACTION' 
_refine.pdbx_diffrn_id                           1 
_refine.pdbx_TLS_residual_ADP_flag               ? 
_refine.pdbx_overall_phase_error                 ? 
_refine.pdbx_overall_SU_R_free_Cruickshank_DPI   ? 
_refine.pdbx_overall_SU_R_Blow_DPI               ? 
_refine.pdbx_overall_SU_R_free_Blow_DPI          ? 
# 
_refine_analyze.entry_id                        1K8U 
_refine_analyze.Luzzati_coordinate_error_obs    ? 
_refine_analyze.Luzzati_sigma_a_obs             0.16 
_refine_analyze.Luzzati_d_res_low_obs           ? 
_refine_analyze.Luzzati_coordinate_error_free   ? 
_refine_analyze.Luzzati_sigma_a_free            ? 
_refine_analyze.Luzzati_d_res_low_free          ? 
_refine_analyze.number_disordered_residues      ? 
_refine_analyze.occupancy_sum_hydrogen          ? 
_refine_analyze.occupancy_sum_non_hydrogen      ? 
_refine_analyze.pdbx_Luzzati_d_res_high_obs     ? 
_refine_analyze.pdbx_refine_id                  'X-RAY DIFFRACTION' 
# 
_refine_hist.pdbx_refine_id                   'X-RAY DIFFRACTION' 
_refine_hist.cycle_id                         LAST 
_refine_hist.pdbx_number_atoms_protein        709 
_refine_hist.pdbx_number_atoms_nucleic_acid   0 
_refine_hist.pdbx_number_atoms_ligand         0 
_refine_hist.number_atoms_solvent             117 
_refine_hist.number_atoms_total               826 
_refine_hist.d_res_high                       1.15 
_refine_hist.d_res_low                        20.00 
# 
loop_
_refine_ls_restr.type 
_refine_ls_restr.dev_ideal 
_refine_ls_restr.dev_ideal_target 
_refine_ls_restr.weight 
_refine_ls_restr.number 
_refine_ls_restr.pdbx_refine_id 
_refine_ls_restr.pdbx_restraint_function 
c_bond_d           0.015 ? ? ? 'X-RAY DIFFRACTION' ? 
c_angle_d          2.5   ? ? ? 'X-RAY DIFFRACTION' ? 
c_dihedral_angle_d 20.4  ? ? ? 'X-RAY DIFFRACTION' ? 
c_improper_angle_d 2.07  ? ? ? 'X-RAY DIFFRACTION' ? 
# 
_refine_ls_shell.pdbx_total_number_of_bins_used   ? 
_refine_ls_shell.d_res_high                       1.15 
_refine_ls_shell.d_res_low                        1.24 
_refine_ls_shell.number_reflns_R_work             ? 
_refine_ls_shell.R_factor_R_work                  0.1860000 
_refine_ls_shell.percent_reflns_obs               87.6 
_refine_ls_shell.R_factor_R_free                  0.2200000 
_refine_ls_shell.R_factor_R_free_error            0.09 
_refine_ls_shell.percent_reflns_R_free            ? 
_refine_ls_shell.number_reflns_R_free             208 
_refine_ls_shell.number_reflns_obs                4162 
_refine_ls_shell.redundancy_reflns_obs            ? 
_refine_ls_shell.number_reflns_all                ? 
_refine_ls_shell.pdbx_refine_id                   'X-RAY DIFFRACTION' 
_refine_ls_shell.R_factor_all                     ? 
# 
_struct.entry_id                  1K8U 
_struct.title                     
'CRYSTAL STRUCTURE OF CALCIUM-FREE (OR APO) HUMAN S100A6; CYS3MET MUTANT (SELENOMETHIONINE DERIVATIVE)' 
_struct.pdbx_model_details        ? 
_struct.pdbx_CASP_flag            ? 
_struct.pdbx_model_type_details   ? 
# 
_struct_keywords.entry_id        1K8U 
_struct_keywords.pdbx_keywords   'SIGNALING PROTEIN' 
_struct_keywords.text            'S100A6, CALCYCLIN, CALCIUM REGULATORY PROTEIN, CALCIUM FREE, APO, CACY, SIGNALING PROTEIN' 
# 
loop_
_struct_asym.id 
_struct_asym.pdbx_blank_PDB_chainid_flag 
_struct_asym.pdbx_modified 
_struct_asym.entity_id 
_struct_asym.details 
A N N 1 ? 
B N N 2 ? 
# 
_struct_ref.id                         1 
_struct_ref.db_name                    UNP 
_struct_ref.db_code                    S10A6_HUMAN 
_struct_ref.entity_id                  1 
_struct_ref.pdbx_seq_one_letter_code   
;MACPLDQAIGLLVAIFHKYSGREGDKHTLSKKELKELIQKELTIGSKLQDAEIARLMEDLDRNKDQEVNFQEYVTFLGAL
ALIYNEALKG
;
_struct_ref.pdbx_align_begin           1 
_struct_ref.pdbx_db_accession          P06703 
_struct_ref.pdbx_db_isoform            ? 
# 
_struct_ref_seq.align_id                      1 
_struct_ref_seq.ref_id                        1 
_struct_ref_seq.pdbx_PDB_id_code              1K8U 
_struct_ref_seq.pdbx_strand_id                A 
_struct_ref_seq.seq_align_beg                 1 
_struct_ref_seq.pdbx_seq_align_beg_ins_code   ? 
_struct_ref_seq.seq_align_end                 90 
_struct_ref_seq.pdbx_seq_align_end_ins_code   ? 
_struct_ref_seq.pdbx_db_accession             P06703 
_struct_ref_seq.db_align_beg                  1 
_struct_ref_seq.pdbx_db_align_beg_ins_code    ? 
_struct_ref_seq.db_align_end                  90 
_struct_ref_seq.pdbx_db_align_end_ins_code    ? 
_struct_ref_seq.pdbx_auth_seq_align_beg       1 
_struct_ref_seq.pdbx_auth_seq_align_end       90 
# 
loop_
_struct_ref_seq_dif.align_id 
_struct_ref_seq_dif.pdbx_pdb_id_code 
_struct_ref_seq_dif.mon_id 
_struct_ref_seq_dif.pdbx_pdb_strand_id 
_struct_ref_seq_dif.seq_num 
_struct_ref_seq_dif.pdbx_pdb_ins_code 
_struct_ref_seq_dif.pdbx_seq_db_name 
_struct_ref_seq_dif.pdbx_seq_db_accession_code 
_struct_ref_seq_dif.db_mon_id 
_struct_ref_seq_dif.pdbx_seq_db_seq_num 
_struct_ref_seq_dif.details 
_struct_ref_seq_dif.pdbx_auth_seq_num 
_struct_ref_seq_dif.pdbx_ordinal 
1 1K8U MSE A 3  ? UNP P06703 CYS 3  'modified residue' 3  1 
1 1K8U MSE A 57 ? UNP P06703 MET 57 'modified residue' 57 2 
# 
_pdbx_struct_assembly.id                   1 
_pdbx_struct_assembly.details              author_and_software_defined_assembly 
_pdbx_struct_assembly.method_details       PISA,PQS 
_pdbx_struct_assembly.oligomeric_details   dimeric 
_pdbx_struct_assembly.oligomeric_count     2 
# 
loop_
_pdbx_struct_assembly_prop.biol_id 
_pdbx_struct_assembly_prop.type 
_pdbx_struct_assembly_prop.value 
_pdbx_struct_assembly_prop.details 
1 'ABSA (A^2)' 3020 ? 
1 MORE         -24  ? 
1 'SSA (A^2)'  9140 ? 
# 
_pdbx_struct_assembly_gen.assembly_id       1 
_pdbx_struct_assembly_gen.oper_expression   1,2 
_pdbx_struct_assembly_gen.asym_id_list      A,B 
# 
loop_
_pdbx_struct_oper_list.id 
_pdbx_struct_oper_list.type 
_pdbx_struct_oper_list.name 
_pdbx_struct_oper_list.symmetry_operation 
_pdbx_struct_oper_list.matrix[1][1] 
_pdbx_struct_oper_list.matrix[1][2] 
_pdbx_struct_oper_list.matrix[1][3] 
_pdbx_struct_oper_list.vector[1] 
_pdbx_struct_oper_list.matrix[2][1] 
_pdbx_struct_oper_list.matrix[2][2] 
_pdbx_struct_oper_list.matrix[2][3] 
_pdbx_struct_oper_list.vector[2] 
_pdbx_struct_oper_list.matrix[3][1] 
_pdbx_struct_oper_list.matrix[3][2] 
_pdbx_struct_oper_list.matrix[3][3] 
_pdbx_struct_oper_list.vector[3] 
1 'identity operation'         1_555 x,y,z     1.0000000000 0.0000000000 0.0000000000  0.0000000000 0.0000000000 1.0000000000  0.0000000000  0.0000000000  0.0000000000  0.0000000000  1.0000000000  0.0000000000  
2 'crystal symmetry operation' 4_556 x,-y,-z+1 0.4602175612 0.4985130772 -0.7346322265 8.8705054716 0.4985130772 -0.8298094101 -0.2508008269 -1.8579966134 -0.7346322265 -0.2508008269 -0.6304081511 16.3709565453 
# 
_struct_biol.id                    1 
_struct_biol.details               
;The second part of the biological assembly is generated  
by the two fold axis:  
x, -y, -z+1
;
_struct_biol.pdbx_parent_biol_id   ? 
# 
loop_
_struct_conf.conf_type_id 
_struct_conf.id 
_struct_conf.pdbx_PDB_helix_id 
_struct_conf.beg_label_comp_id 
_struct_conf.beg_label_asym_id 
_struct_conf.beg_label_seq_id 
_struct_conf.pdbx_beg_PDB_ins_code 
_struct_conf.end_label_comp_id 
_struct_conf.end_label_asym_id 
_struct_conf.end_label_seq_id 
_struct_conf.pdbx_end_PDB_ins_code 
_struct_conf.beg_auth_comp_id 
_struct_conf.beg_auth_asym_id 
_struct_conf.beg_auth_seq_id 
_struct_conf.end_auth_comp_id 
_struct_conf.end_auth_asym_id 
_struct_conf.end_auth_seq_id 
_struct_conf.pdbx_PDB_helix_class 
_struct_conf.details 
_struct_conf.pdbx_PDB_helix_length 
HELX_P HELX_P1 1 MSE A 3  ? GLY A 21 ? MSE A 3  GLY A 21 1 ? 19 
HELX_P HELX_P2 2 LYS A 31 ? LEU A 42 ? LYS A 31 LEU A 42 1 ? 12 
HELX_P HELX_P3 3 ILE A 44 ? LEU A 48 ? ILE A 44 LEU A 48 5 ? 5  
HELX_P HELX_P4 4 ASP A 50 ? ASN A 63 ? ASP A 50 ASN A 63 1 ? 14 
HELX_P HELX_P5 5 PHE A 70 ? ASN A 85 ? PHE A 70 ASN A 85 1 ? 16 
HELX_P HELX_P6 6 GLU A 86 ? LYS A 89 ? GLU A 86 LYS A 89 5 ? 4  
# 
_struct_conf_type.id          HELX_P 
_struct_conf_type.criteria    ? 
_struct_conf_type.reference   ? 
# 
loop_
_struct_conn.id 
_struct_conn.conn_type_id 
_struct_conn.pdbx_leaving_atom_flag 
_struct_conn.pdbx_PDB_id 
_struct_conn.ptnr1_label_asym_id 
_struct_conn.ptnr1_label_comp_id 
_struct_conn.ptnr1_label_seq_id 
_struct_conn.ptnr1_label_atom_id 
_struct_conn.pdbx_ptnr1_label_alt_id 
_struct_conn.pdbx_ptnr1_PDB_ins_code 
_struct_conn.pdbx_ptnr1_standard_comp_id 
_struct_conn.ptnr1_symmetry 
_struct_conn.ptnr2_label_asym_id 
_struct_conn.ptnr2_label_comp_id 
_struct_conn.ptnr2_label_seq_id 
_struct_conn.ptnr2_label_atom_id 
_struct_conn.pdbx_ptnr2_label_alt_id 
_struct_conn.pdbx_ptnr2_PDB_ins_code 
_struct_conn.ptnr1_auth_asym_id 
_struct_conn.ptnr1_auth_comp_id 
_struct_conn.ptnr1_auth_seq_id 
_struct_conn.ptnr2_auth_asym_id 
_struct_conn.ptnr2_auth_comp_id 
_struct_conn.ptnr2_auth_seq_id 
_struct_conn.ptnr2_symmetry 
_struct_conn.pdbx_ptnr3_label_atom_id 
_struct_conn.pdbx_ptnr3_label_seq_id 
_struct_conn.pdbx_ptnr3_label_comp_id 
_struct_conn.pdbx_ptnr3_label_asym_id 
_struct_conn.pdbx_ptnr3_label_alt_id 
_struct_conn.pdbx_ptnr3_PDB_ins_code 
_struct_conn.details 
_struct_conn.pdbx_dist_value 
_struct_conn.pdbx_value_order 
_struct_conn.pdbx_role 
covale1 covale both ? A ALA 2  C ? ? ? 1_555 A MSE 3  N ? ? A ALA 2  A MSE 3  1_555 ? ? ? ? ? ? ? 1.331 ? ? 
covale2 covale both ? A MSE 3  C ? ? ? 1_555 A PRO 4  N ? ? A MSE 3  A PRO 4  1_555 ? ? ? ? ? ? ? 1.352 ? ? 
covale3 covale both ? A LEU 56 C ? ? ? 1_555 A MSE 57 N ? ? A LEU 56 A MSE 57 1_555 ? ? ? ? ? ? ? 1.309 ? ? 
covale4 covale both ? A MSE 57 C ? ? ? 1_555 A GLU 58 N ? ? A MSE 57 A GLU 58 1_555 ? ? ? ? ? ? ? 1.326 ? ? 
# 
_struct_conn_type.id          covale 
_struct_conn_type.criteria    ? 
_struct_conn_type.reference   ? 
# 
loop_
_pdbx_modification_feature.ordinal 
_pdbx_modification_feature.label_comp_id 
_pdbx_modification_feature.label_asym_id 
_pdbx_modification_feature.label_seq_id 
_pdbx_modification_feature.label_alt_id 
_pdbx_modification_feature.modified_residue_label_comp_id 
_pdbx_modification_feature.modified_residue_label_asym_id 
_pdbx_modification_feature.modified_residue_label_seq_id 
_pdbx_modification_feature.modified_residue_label_alt_id 
_pdbx_modification_feature.auth_comp_id 
_pdbx_modification_feature.auth_asym_id 
_pdbx_modification_feature.auth_seq_id 
_pdbx_modification_feature.PDB_ins_code 
_pdbx_modification_feature.symmetry 
_pdbx_modification_feature.modified_residue_auth_comp_id 
_pdbx_modification_feature.modified_residue_auth_asym_id 
_pdbx_modification_feature.modified_residue_auth_seq_id 
_pdbx_modification_feature.modified_residue_PDB_ins_code 
_pdbx_modification_feature.modified_residue_symmetry 
_pdbx_modification_feature.comp_id_linking_atom 
_pdbx_modification_feature.modified_residue_id_linking_atom 
_pdbx_modification_feature.modified_residue_id 
_pdbx_modification_feature.ref_pcm_id 
_pdbx_modification_feature.ref_comp_id 
_pdbx_modification_feature.type 
_pdbx_modification_feature.category 
1 MSE A 3  ? . . . . MSE A 3  ? 1_555 . . . . . . . MET 1 MSE Selenomethionine 'Named protein modification' 
2 MSE A 57 ? . . . . MSE A 57 ? 1_555 . . . . . . . MET 1 MSE Selenomethionine 'Named protein modification' 
# 
_struct_sheet.id               A 
_struct_sheet.type             ? 
_struct_sheet.number_strands   2 
_struct_sheet.details          ? 
# 
_struct_sheet_order.sheet_id     A 
_struct_sheet_order.range_id_1   1 
_struct_sheet_order.range_id_2   2 
_struct_sheet_order.offset       ? 
_struct_sheet_order.sense        anti-parallel 
# 
loop_
_struct_sheet_range.sheet_id 
_struct_sheet_range.id 
_struct_sheet_range.beg_label_comp_id 
_struct_sheet_range.beg_label_asym_id 
_struct_sheet_range.beg_label_seq_id 
_struct_sheet_range.pdbx_beg_PDB_ins_code 
_struct_sheet_range.end_label_comp_id 
_struct_sheet_range.end_label_asym_id 
_struct_sheet_range.end_label_seq_id 
_struct_sheet_range.pdbx_end_PDB_ins_code 
_struct_sheet_range.beg_auth_comp_id 
_struct_sheet_range.beg_auth_asym_id 
_struct_sheet_range.beg_auth_seq_id 
_struct_sheet_range.end_auth_comp_id 
_struct_sheet_range.end_auth_asym_id 
_struct_sheet_range.end_auth_seq_id 
A 1 THR A 28 ? SER A 30 ? THR A 28 SER A 30 
A 2 GLU A 67 ? ASN A 69 ? GLU A 67 ASN A 69 
# 
_pdbx_struct_sheet_hbond.sheet_id                A 
_pdbx_struct_sheet_hbond.range_id_1              1 
_pdbx_struct_sheet_hbond.range_id_2              2 
_pdbx_struct_sheet_hbond.range_1_label_atom_id   N 
_pdbx_struct_sheet_hbond.range_1_label_comp_id   LEU 
_pdbx_struct_sheet_hbond.range_1_label_asym_id   A 
_pdbx_struct_sheet_hbond.range_1_label_seq_id    29 
_pdbx_struct_sheet_hbond.range_1_PDB_ins_code    ? 
_pdbx_struct_sheet_hbond.range_1_auth_atom_id    N 
_pdbx_struct_sheet_hbond.range_1_auth_comp_id    LEU 
_pdbx_struct_sheet_hbond.range_1_auth_asym_id    A 
_pdbx_struct_sheet_hbond.range_1_auth_seq_id     29 
_pdbx_struct_sheet_hbond.range_2_label_atom_id   O 
_pdbx_struct_sheet_hbond.range_2_label_comp_id   VAL 
_pdbx_struct_sheet_hbond.range_2_label_asym_id   A 
_pdbx_struct_sheet_hbond.range_2_label_seq_id    68 
_pdbx_struct_sheet_hbond.range_2_PDB_ins_code    ? 
_pdbx_struct_sheet_hbond.range_2_auth_atom_id    O 
_pdbx_struct_sheet_hbond.range_2_auth_comp_id    VAL 
_pdbx_struct_sheet_hbond.range_2_auth_asym_id    A 
_pdbx_struct_sheet_hbond.range_2_auth_seq_id     68 
# 
_pdbx_entry_details.entry_id                   1K8U 
_pdbx_entry_details.compound_details           ? 
_pdbx_entry_details.source_details             ? 
_pdbx_entry_details.nonpolymer_details         ? 
_pdbx_entry_details.sequence_details           ? 
_pdbx_entry_details.has_ligand_of_interest     ? 
_pdbx_entry_details.has_protein_modification   Y 
# 
_pdbx_validate_symm_contact.id                1 
_pdbx_validate_symm_contact.PDB_model_num     1 
_pdbx_validate_symm_contact.auth_atom_id_1    O 
_pdbx_validate_symm_contact.auth_asym_id_1    A 
_pdbx_validate_symm_contact.auth_comp_id_1    GLY 
_pdbx_validate_symm_contact.auth_seq_id_1     21 
_pdbx_validate_symm_contact.PDB_ins_code_1    ? 
_pdbx_validate_symm_contact.label_alt_id_1    ? 
_pdbx_validate_symm_contact.site_symmetry_1   1_555 
_pdbx_validate_symm_contact.auth_atom_id_2    NH2 
_pdbx_validate_symm_contact.auth_asym_id_2    A 
_pdbx_validate_symm_contact.auth_comp_id_2    ARG 
_pdbx_validate_symm_contact.auth_seq_id_2     62 
_pdbx_validate_symm_contact.PDB_ins_code_2    ? 
_pdbx_validate_symm_contact.label_alt_id_2    ? 
_pdbx_validate_symm_contact.site_symmetry_2   5_445 
_pdbx_validate_symm_contact.dist              2.08 
# 
loop_
_pdbx_validate_rmsd_angle.id 
_pdbx_validate_rmsd_angle.PDB_model_num 
_pdbx_validate_rmsd_angle.auth_atom_id_1 
_pdbx_validate_rmsd_angle.auth_asym_id_1 
_pdbx_validate_rmsd_angle.auth_comp_id_1 
_pdbx_validate_rmsd_angle.auth_seq_id_1 
_pdbx_validate_rmsd_angle.PDB_ins_code_1 
_pdbx_validate_rmsd_angle.label_alt_id_1 
_pdbx_validate_rmsd_angle.auth_atom_id_2 
_pdbx_validate_rmsd_angle.auth_asym_id_2 
_pdbx_validate_rmsd_angle.auth_comp_id_2 
_pdbx_validate_rmsd_angle.auth_seq_id_2 
_pdbx_validate_rmsd_angle.PDB_ins_code_2 
_pdbx_validate_rmsd_angle.label_alt_id_2 
_pdbx_validate_rmsd_angle.auth_atom_id_3 
_pdbx_validate_rmsd_angle.auth_asym_id_3 
_pdbx_validate_rmsd_angle.auth_comp_id_3 
_pdbx_validate_rmsd_angle.auth_seq_id_3 
_pdbx_validate_rmsd_angle.PDB_ins_code_3 
_pdbx_validate_rmsd_angle.label_alt_id_3 
_pdbx_validate_rmsd_angle.angle_value 
_pdbx_validate_rmsd_angle.angle_target_value 
_pdbx_validate_rmsd_angle.angle_deviation 
_pdbx_validate_rmsd_angle.angle_standard_deviation 
_pdbx_validate_rmsd_angle.linker_flag 
1 1 OE1 A GLU 33 ? ? CD A GLU 33 ? ? OE2 A GLU 33 ? ? 115.89 123.30 -7.41 1.20 N 
2 1 NE  A ARG 55 ? ? CZ A ARG 55 ? ? NH1 A ARG 55 ? ? 116.08 120.30 -4.22 0.50 N 
3 1 OE1 A GLU 67 ? ? CD A GLU 67 ? ? OE2 A GLU 67 ? ? 116.02 123.30 -7.28 1.20 N 
# 
loop_
_pdbx_struct_mod_residue.id 
_pdbx_struct_mod_residue.label_asym_id 
_pdbx_struct_mod_residue.label_comp_id 
_pdbx_struct_mod_residue.label_seq_id 
_pdbx_struct_mod_residue.auth_asym_id 
_pdbx_struct_mod_residue.auth_comp_id 
_pdbx_struct_mod_residue.auth_seq_id 
_pdbx_struct_mod_residue.PDB_ins_code 
_pdbx_struct_mod_residue.parent_comp_id 
_pdbx_struct_mod_residue.details 
1 A MSE 3  A MSE 3  ? MET SELENOMETHIONINE 
2 A MSE 57 A MSE 57 ? MET SELENOMETHIONINE 
# 
_pdbx_unobs_or_zero_occ_residues.id               1 
_pdbx_unobs_or_zero_occ_residues.PDB_model_num    1 
_pdbx_unobs_or_zero_occ_residues.polymer_flag     Y 
_pdbx_unobs_or_zero_occ_residues.occupancy_flag   1 
_pdbx_unobs_or_zero_occ_residues.auth_asym_id     A 
_pdbx_unobs_or_zero_occ_residues.auth_comp_id     MET 
_pdbx_unobs_or_zero_occ_residues.auth_seq_id      1 
_pdbx_unobs_or_zero_occ_residues.PDB_ins_code     ? 
_pdbx_unobs_or_zero_occ_residues.label_asym_id    A 
_pdbx_unobs_or_zero_occ_residues.label_comp_id    MET 
_pdbx_unobs_or_zero_occ_residues.label_seq_id     1 
# 
loop_
_chem_comp_atom.comp_id 
_chem_comp_atom.atom_id 
_chem_comp_atom.type_symbol 
_chem_comp_atom.pdbx_aromatic_flag 
_chem_comp_atom.pdbx_stereo_config 
_chem_comp_atom.pdbx_ordinal 
ALA N    N  N N 1   
ALA CA   C  N S 2   
ALA C    C  N N 3   
ALA O    O  N N 4   
ALA CB   C  N N 5   
ALA OXT  O  N N 6   
ALA H    H  N N 7   
ALA H2   H  N N 8   
ALA HA   H  N N 9   
ALA HB1  H  N N 10  
ALA HB2  H  N N 11  
ALA HB3  H  N N 12  
ALA HXT  H  N N 13  
ARG N    N  N N 14  
ARG CA   C  N S 15  
ARG C    C  N N 16  
ARG O    O  N N 17  
ARG CB   C  N N 18  
ARG CG   C  N N 19  
ARG CD   C  N N 20  
ARG NE   N  N N 21  
ARG CZ   C  N N 22  
ARG NH1  N  N N 23  
ARG NH2  N  N N 24  
ARG OXT  O  N N 25  
ARG H    H  N N 26  
ARG H2   H  N N 27  
ARG HA   H  N N 28  
ARG HB2  H  N N 29  
ARG HB3  H  N N 30  
ARG HG2  H  N N 31  
ARG HG3  H  N N 32  
ARG HD2  H  N N 33  
ARG HD3  H  N N 34  
ARG HE   H  N N 35  
ARG HH11 H  N N 36  
ARG HH12 H  N N 37  
ARG HH21 H  N N 38  
ARG HH22 H  N N 39  
ARG HXT  H  N N 40  
ASN N    N  N N 41  
ASN CA   C  N S 42  
ASN C    C  N N 43  
ASN O    O  N N 44  
ASN CB   C  N N 45  
ASN CG   C  N N 46  
ASN OD1  O  N N 47  
ASN ND2  N  N N 48  
ASN OXT  O  N N 49  
ASN H    H  N N 50  
ASN H2   H  N N 51  
ASN HA   H  N N 52  
ASN HB2  H  N N 53  
ASN HB3  H  N N 54  
ASN HD21 H  N N 55  
ASN HD22 H  N N 56  
ASN HXT  H  N N 57  
ASP N    N  N N 58  
ASP CA   C  N S 59  
ASP C    C  N N 60  
ASP O    O  N N 61  
ASP CB   C  N N 62  
ASP CG   C  N N 63  
ASP OD1  O  N N 64  
ASP OD2  O  N N 65  
ASP OXT  O  N N 66  
ASP H    H  N N 67  
ASP H2   H  N N 68  
ASP HA   H  N N 69  
ASP HB2  H  N N 70  
ASP HB3  H  N N 71  
ASP HD2  H  N N 72  
ASP HXT  H  N N 73  
CYS N    N  N N 74  
CYS CA   C  N R 75  
CYS C    C  N N 76  
CYS O    O  N N 77  
CYS CB   C  N N 78  
CYS SG   S  N N 79  
CYS OXT  O  N N 80  
CYS H    H  N N 81  
CYS H2   H  N N 82  
CYS HA   H  N N 83  
CYS HB2  H  N N 84  
CYS HB3  H  N N 85  
CYS HG   H  N N 86  
CYS HXT  H  N N 87  
GLN N    N  N N 88  
GLN CA   C  N S 89  
GLN C    C  N N 90  
GLN O    O  N N 91  
GLN CB   C  N N 92  
GLN CG   C  N N 93  
GLN CD   C  N N 94  
GLN OE1  O  N N 95  
GLN NE2  N  N N 96  
GLN OXT  O  N N 97  
GLN H    H  N N 98  
GLN H2   H  N N 99  
GLN HA   H  N N 100 
GLN HB2  H  N N 101 
GLN HB3  H  N N 102 
GLN HG2  H  N N 103 
GLN HG3  H  N N 104 
GLN HE21 H  N N 105 
GLN HE22 H  N N 106 
GLN HXT  H  N N 107 
GLU N    N  N N 108 
GLU CA   C  N S 109 
GLU C    C  N N 110 
GLU O    O  N N 111 
GLU CB   C  N N 112 
GLU CG   C  N N 113 
GLU CD   C  N N 114 
GLU OE1  O  N N 115 
GLU OE2  O  N N 116 
GLU OXT  O  N N 117 
GLU H    H  N N 118 
GLU H2   H  N N 119 
GLU HA   H  N N 120 
GLU HB2  H  N N 121 
GLU HB3  H  N N 122 
GLU HG2  H  N N 123 
GLU HG3  H  N N 124 
GLU HE2  H  N N 125 
GLU HXT  H  N N 126 
GLY N    N  N N 127 
GLY CA   C  N N 128 
GLY C    C  N N 129 
GLY O    O  N N 130 
GLY OXT  O  N N 131 
GLY H    H  N N 132 
GLY H2   H  N N 133 
GLY HA2  H  N N 134 
GLY HA3  H  N N 135 
GLY HXT  H  N N 136 
HIS N    N  N N 137 
HIS CA   C  N S 138 
HIS C    C  N N 139 
HIS O    O  N N 140 
HIS CB   C  N N 141 
HIS CG   C  Y N 142 
HIS ND1  N  Y N 143 
HIS CD2  C  Y N 144 
HIS CE1  C  Y N 145 
HIS NE2  N  Y N 146 
HIS OXT  O  N N 147 
HIS H    H  N N 148 
HIS H2   H  N N 149 
HIS HA   H  N N 150 
HIS HB2  H  N N 151 
HIS HB3  H  N N 152 
HIS HD1  H  N N 153 
HIS HD2  H  N N 154 
HIS HE1  H  N N 155 
HIS HE2  H  N N 156 
HIS HXT  H  N N 157 
HOH O    O  N N 158 
HOH H1   H  N N 159 
HOH H2   H  N N 160 
ILE N    N  N N 161 
ILE CA   C  N S 162 
ILE C    C  N N 163 
ILE O    O  N N 164 
ILE CB   C  N S 165 
ILE CG1  C  N N 166 
ILE CG2  C  N N 167 
ILE CD1  C  N N 168 
ILE OXT  O  N N 169 
ILE H    H  N N 170 
ILE H2   H  N N 171 
ILE HA   H  N N 172 
ILE HB   H  N N 173 
ILE HG12 H  N N 174 
ILE HG13 H  N N 175 
ILE HG21 H  N N 176 
ILE HG22 H  N N 177 
ILE HG23 H  N N 178 
ILE HD11 H  N N 179 
ILE HD12 H  N N 180 
ILE HD13 H  N N 181 
ILE HXT  H  N N 182 
LEU N    N  N N 183 
LEU CA   C  N S 184 
LEU C    C  N N 185 
LEU O    O  N N 186 
LEU CB   C  N N 187 
LEU CG   C  N N 188 
LEU CD1  C  N N 189 
LEU CD2  C  N N 190 
LEU OXT  O  N N 191 
LEU H    H  N N 192 
LEU H2   H  N N 193 
LEU HA   H  N N 194 
LEU HB2  H  N N 195 
LEU HB3  H  N N 196 
LEU HG   H  N N 197 
LEU HD11 H  N N 198 
LEU HD12 H  N N 199 
LEU HD13 H  N N 200 
LEU HD21 H  N N 201 
LEU HD22 H  N N 202 
LEU HD23 H  N N 203 
LEU HXT  H  N N 204 
LYS N    N  N N 205 
LYS CA   C  N S 206 
LYS C    C  N N 207 
LYS O    O  N N 208 
LYS CB   C  N N 209 
LYS CG   C  N N 210 
LYS CD   C  N N 211 
LYS CE   C  N N 212 
LYS NZ   N  N N 213 
LYS OXT  O  N N 214 
LYS H    H  N N 215 
LYS H2   H  N N 216 
LYS HA   H  N N 217 
LYS HB2  H  N N 218 
LYS HB3  H  N N 219 
LYS HG2  H  N N 220 
LYS HG3  H  N N 221 
LYS HD2  H  N N 222 
LYS HD3  H  N N 223 
LYS HE2  H  N N 224 
LYS HE3  H  N N 225 
LYS HZ1  H  N N 226 
LYS HZ2  H  N N 227 
LYS HZ3  H  N N 228 
LYS HXT  H  N N 229 
MET N    N  N N 230 
MET CA   C  N S 231 
MET C    C  N N 232 
MET O    O  N N 233 
MET CB   C  N N 234 
MET CG   C  N N 235 
MET SD   S  N N 236 
MET CE   C  N N 237 
MET OXT  O  N N 238 
MET H    H  N N 239 
MET H2   H  N N 240 
MET HA   H  N N 241 
MET HB2  H  N N 242 
MET HB3  H  N N 243 
MET HG2  H  N N 244 
MET HG3  H  N N 245 
MET HE1  H  N N 246 
MET HE2  H  N N 247 
MET HE3  H  N N 248 
MET HXT  H  N N 249 
MSE N    N  N N 250 
MSE CA   C  N S 251 
MSE C    C  N N 252 
MSE O    O  N N 253 
MSE OXT  O  N N 254 
MSE CB   C  N N 255 
MSE CG   C  N N 256 
MSE SE   SE N N 257 
MSE CE   C  N N 258 
MSE H    H  N N 259 
MSE H2   H  N N 260 
MSE HA   H  N N 261 
MSE HXT  H  N N 262 
MSE HB2  H  N N 263 
MSE HB3  H  N N 264 
MSE HG2  H  N N 265 
MSE HG3  H  N N 266 
MSE HE1  H  N N 267 
MSE HE2  H  N N 268 
MSE HE3  H  N N 269 
PHE N    N  N N 270 
PHE CA   C  N S 271 
PHE C    C  N N 272 
PHE O    O  N N 273 
PHE CB   C  N N 274 
PHE CG   C  Y N 275 
PHE CD1  C  Y N 276 
PHE CD2  C  Y N 277 
PHE CE1  C  Y N 278 
PHE CE2  C  Y N 279 
PHE CZ   C  Y N 280 
PHE OXT  O  N N 281 
PHE H    H  N N 282 
PHE H2   H  N N 283 
PHE HA   H  N N 284 
PHE HB2  H  N N 285 
PHE HB3  H  N N 286 
PHE HD1  H  N N 287 
PHE HD2  H  N N 288 
PHE HE1  H  N N 289 
PHE HE2  H  N N 290 
PHE HZ   H  N N 291 
PHE HXT  H  N N 292 
PRO N    N  N N 293 
PRO CA   C  N S 294 
PRO C    C  N N 295 
PRO O    O  N N 296 
PRO CB   C  N N 297 
PRO CG   C  N N 298 
PRO CD   C  N N 299 
PRO OXT  O  N N 300 
PRO H    H  N N 301 
PRO HA   H  N N 302 
PRO HB2  H  N N 303 
PRO HB3  H  N N 304 
PRO HG2  H  N N 305 
PRO HG3  H  N N 306 
PRO HD2  H  N N 307 
PRO HD3  H  N N 308 
PRO HXT  H  N N 309 
SER N    N  N N 310 
SER CA   C  N S 311 
SER C    C  N N 312 
SER O    O  N N 313 
SER CB   C  N N 314 
SER OG   O  N N 315 
SER OXT  O  N N 316 
SER H    H  N N 317 
SER H2   H  N N 318 
SER HA   H  N N 319 
SER HB2  H  N N 320 
SER HB3  H  N N 321 
SER HG   H  N N 322 
SER HXT  H  N N 323 
THR N    N  N N 324 
THR CA   C  N S 325 
THR C    C  N N 326 
THR O    O  N N 327 
THR CB   C  N R 328 
THR OG1  O  N N 329 
THR CG2  C  N N 330 
THR OXT  O  N N 331 
THR H    H  N N 332 
THR H2   H  N N 333 
THR HA   H  N N 334 
THR HB   H  N N 335 
THR HG1  H  N N 336 
THR HG21 H  N N 337 
THR HG22 H  N N 338 
THR HG23 H  N N 339 
THR HXT  H  N N 340 
TYR N    N  N N 341 
TYR CA   C  N S 342 
TYR C    C  N N 343 
TYR O    O  N N 344 
TYR CB   C  N N 345 
TYR CG   C  Y N 346 
TYR CD1  C  Y N 347 
TYR CD2  C  Y N 348 
TYR CE1  C  Y N 349 
TYR CE2  C  Y N 350 
TYR CZ   C  Y N 351 
TYR OH   O  N N 352 
TYR OXT  O  N N 353 
TYR H    H  N N 354 
TYR H2   H  N N 355 
TYR HA   H  N N 356 
TYR HB2  H  N N 357 
TYR HB3  H  N N 358 
TYR HD1  H  N N 359 
TYR HD2  H  N N 360 
TYR HE1  H  N N 361 
TYR HE2  H  N N 362 
TYR HH   H  N N 363 
TYR HXT  H  N N 364 
VAL N    N  N N 365 
VAL CA   C  N S 366 
VAL C    C  N N 367 
VAL O    O  N N 368 
VAL CB   C  N N 369 
VAL CG1  C  N N 370 
VAL CG2  C  N N 371 
VAL OXT  O  N N 372 
VAL H    H  N N 373 
VAL H2   H  N N 374 
VAL HA   H  N N 375 
VAL HB   H  N N 376 
VAL HG11 H  N N 377 
VAL HG12 H  N N 378 
VAL HG13 H  N N 379 
VAL HG21 H  N N 380 
VAL HG22 H  N N 381 
VAL HG23 H  N N 382 
VAL HXT  H  N N 383 
# 
loop_
_chem_comp_bond.comp_id 
_chem_comp_bond.atom_id_1 
_chem_comp_bond.atom_id_2 
_chem_comp_bond.value_order 
_chem_comp_bond.pdbx_aromatic_flag 
_chem_comp_bond.pdbx_stereo_config 
_chem_comp_bond.pdbx_ordinal 
ALA N   CA   sing N N 1   
ALA N   H    sing N N 2   
ALA N   H2   sing N N 3   
ALA CA  C    sing N N 4   
ALA CA  CB   sing N N 5   
ALA CA  HA   sing N N 6   
ALA C   O    doub N N 7   
ALA C   OXT  sing N N 8   
ALA CB  HB1  sing N N 9   
ALA CB  HB2  sing N N 10  
ALA CB  HB3  sing N N 11  
ALA OXT HXT  sing N N 12  
ARG N   CA   sing N N 13  
ARG N   H    sing N N 14  
ARG N   H2   sing N N 15  
ARG CA  C    sing N N 16  
ARG CA  CB   sing N N 17  
ARG CA  HA   sing N N 18  
ARG C   O    doub N N 19  
ARG C   OXT  sing N N 20  
ARG CB  CG   sing N N 21  
ARG CB  HB2  sing N N 22  
ARG CB  HB3  sing N N 23  
ARG CG  CD   sing N N 24  
ARG CG  HG2  sing N N 25  
ARG CG  HG3  sing N N 26  
ARG CD  NE   sing N N 27  
ARG CD  HD2  sing N N 28  
ARG CD  HD3  sing N N 29  
ARG NE  CZ   sing N N 30  
ARG NE  HE   sing N N 31  
ARG CZ  NH1  sing N N 32  
ARG CZ  NH2  doub N N 33  
ARG NH1 HH11 sing N N 34  
ARG NH1 HH12 sing N N 35  
ARG NH2 HH21 sing N N 36  
ARG NH2 HH22 sing N N 37  
ARG OXT HXT  sing N N 38  
ASN N   CA   sing N N 39  
ASN N   H    sing N N 40  
ASN N   H2   sing N N 41  
ASN CA  C    sing N N 42  
ASN CA  CB   sing N N 43  
ASN CA  HA   sing N N 44  
ASN C   O    doub N N 45  
ASN C   OXT  sing N N 46  
ASN CB  CG   sing N N 47  
ASN CB  HB2  sing N N 48  
ASN CB  HB3  sing N N 49  
ASN CG  OD1  doub N N 50  
ASN CG  ND2  sing N N 51  
ASN ND2 HD21 sing N N 52  
ASN ND2 HD22 sing N N 53  
ASN OXT HXT  sing N N 54  
ASP N   CA   sing N N 55  
ASP N   H    sing N N 56  
ASP N   H2   sing N N 57  
ASP CA  C    sing N N 58  
ASP CA  CB   sing N N 59  
ASP CA  HA   sing N N 60  
ASP C   O    doub N N 61  
ASP C   OXT  sing N N 62  
ASP CB  CG   sing N N 63  
ASP CB  HB2  sing N N 64  
ASP CB  HB3  sing N N 65  
ASP CG  OD1  doub N N 66  
ASP CG  OD2  sing N N 67  
ASP OD2 HD2  sing N N 68  
ASP OXT HXT  sing N N 69  
CYS N   CA   sing N N 70  
CYS N   H    sing N N 71  
CYS N   H2   sing N N 72  
CYS CA  C    sing N N 73  
CYS CA  CB   sing N N 74  
CYS CA  HA   sing N N 75  
CYS C   O    doub N N 76  
CYS C   OXT  sing N N 77  
CYS CB  SG   sing N N 78  
CYS CB  HB2  sing N N 79  
CYS CB  HB3  sing N N 80  
CYS SG  HG   sing N N 81  
CYS OXT HXT  sing N N 82  
GLN N   CA   sing N N 83  
GLN N   H    sing N N 84  
GLN N   H2   sing N N 85  
GLN CA  C    sing N N 86  
GLN CA  CB   sing N N 87  
GLN CA  HA   sing N N 88  
GLN C   O    doub N N 89  
GLN C   OXT  sing N N 90  
GLN CB  CG   sing N N 91  
GLN CB  HB2  sing N N 92  
GLN CB  HB3  sing N N 93  
GLN CG  CD   sing N N 94  
GLN CG  HG2  sing N N 95  
GLN CG  HG3  sing N N 96  
GLN CD  OE1  doub N N 97  
GLN CD  NE2  sing N N 98  
GLN NE2 HE21 sing N N 99  
GLN NE2 HE22 sing N N 100 
GLN OXT HXT  sing N N 101 
GLU N   CA   sing N N 102 
GLU N   H    sing N N 103 
GLU N   H2   sing N N 104 
GLU CA  C    sing N N 105 
GLU CA  CB   sing N N 106 
GLU CA  HA   sing N N 107 
GLU C   O    doub N N 108 
GLU C   OXT  sing N N 109 
GLU CB  CG   sing N N 110 
GLU CB  HB2  sing N N 111 
GLU CB  HB3  sing N N 112 
GLU CG  CD   sing N N 113 
GLU CG  HG2  sing N N 114 
GLU CG  HG3  sing N N 115 
GLU CD  OE1  doub N N 116 
GLU CD  OE2  sing N N 117 
GLU OE2 HE2  sing N N 118 
GLU OXT HXT  sing N N 119 
GLY N   CA   sing N N 120 
GLY N   H    sing N N 121 
GLY N   H2   sing N N 122 
GLY CA  C    sing N N 123 
GLY CA  HA2  sing N N 124 
GLY CA  HA3  sing N N 125 
GLY C   O    doub N N 126 
GLY C   OXT  sing N N 127 
GLY OXT HXT  sing N N 128 
HIS N   CA   sing N N 129 
HIS N   H    sing N N 130 
HIS N   H2   sing N N 131 
HIS CA  C    sing N N 132 
HIS CA  CB   sing N N 133 
HIS CA  HA   sing N N 134 
HIS C   O    doub N N 135 
HIS C   OXT  sing N N 136 
HIS CB  CG   sing N N 137 
HIS CB  HB2  sing N N 138 
HIS CB  HB3  sing N N 139 
HIS CG  ND1  sing Y N 140 
HIS CG  CD2  doub Y N 141 
HIS ND1 CE1  doub Y N 142 
HIS ND1 HD1  sing N N 143 
HIS CD2 NE2  sing Y N 144 
HIS CD2 HD2  sing N N 145 
HIS CE1 NE2  sing Y N 146 
HIS CE1 HE1  sing N N 147 
HIS NE2 HE2  sing N N 148 
HIS OXT HXT  sing N N 149 
HOH O   H1   sing N N 150 
HOH O   H2   sing N N 151 
ILE N   CA   sing N N 152 
ILE N   H    sing N N 153 
ILE N   H2   sing N N 154 
ILE CA  C    sing N N 155 
ILE CA  CB   sing N N 156 
ILE CA  HA   sing N N 157 
ILE C   O    doub N N 158 
ILE C   OXT  sing N N 159 
ILE CB  CG1  sing N N 160 
ILE CB  CG2  sing N N 161 
ILE CB  HB   sing N N 162 
ILE CG1 CD1  sing N N 163 
ILE CG1 HG12 sing N N 164 
ILE CG1 HG13 sing N N 165 
ILE CG2 HG21 sing N N 166 
ILE CG2 HG22 sing N N 167 
ILE CG2 HG23 sing N N 168 
ILE CD1 HD11 sing N N 169 
ILE CD1 HD12 sing N N 170 
ILE CD1 HD13 sing N N 171 
ILE OXT HXT  sing N N 172 
LEU N   CA   sing N N 173 
LEU N   H    sing N N 174 
LEU N   H2   sing N N 175 
LEU CA  C    sing N N 176 
LEU CA  CB   sing N N 177 
LEU CA  HA   sing N N 178 
LEU C   O    doub N N 179 
LEU C   OXT  sing N N 180 
LEU CB  CG   sing N N 181 
LEU CB  HB2  sing N N 182 
LEU CB  HB3  sing N N 183 
LEU CG  CD1  sing N N 184 
LEU CG  CD2  sing N N 185 
LEU CG  HG   sing N N 186 
LEU CD1 HD11 sing N N 187 
LEU CD1 HD12 sing N N 188 
LEU CD1 HD13 sing N N 189 
LEU CD2 HD21 sing N N 190 
LEU CD2 HD22 sing N N 191 
LEU CD2 HD23 sing N N 192 
LEU OXT HXT  sing N N 193 
LYS N   CA   sing N N 194 
LYS N   H    sing N N 195 
LYS N   H2   sing N N 196 
LYS CA  C    sing N N 197 
LYS CA  CB   sing N N 198 
LYS CA  HA   sing N N 199 
LYS C   O    doub N N 200 
LYS C   OXT  sing N N 201 
LYS CB  CG   sing N N 202 
LYS CB  HB2  sing N N 203 
LYS CB  HB3  sing N N 204 
LYS CG  CD   sing N N 205 
LYS CG  HG2  sing N N 206 
LYS CG  HG3  sing N N 207 
LYS CD  CE   sing N N 208 
LYS CD  HD2  sing N N 209 
LYS CD  HD3  sing N N 210 
LYS CE  NZ   sing N N 211 
LYS CE  HE2  sing N N 212 
LYS CE  HE3  sing N N 213 
LYS NZ  HZ1  sing N N 214 
LYS NZ  HZ2  sing N N 215 
LYS NZ  HZ3  sing N N 216 
LYS OXT HXT  sing N N 217 
MET N   CA   sing N N 218 
MET N   H    sing N N 219 
MET N   H2   sing N N 220 
MET CA  C    sing N N 221 
MET CA  CB   sing N N 222 
MET CA  HA   sing N N 223 
MET C   O    doub N N 224 
MET C   OXT  sing N N 225 
MET CB  CG   sing N N 226 
MET CB  HB2  sing N N 227 
MET CB  HB3  sing N N 228 
MET CG  SD   sing N N 229 
MET CG  HG2  sing N N 230 
MET CG  HG3  sing N N 231 
MET SD  CE   sing N N 232 
MET CE  HE1  sing N N 233 
MET CE  HE2  sing N N 234 
MET CE  HE3  sing N N 235 
MET OXT HXT  sing N N 236 
MSE N   CA   sing N N 237 
MSE N   H    sing N N 238 
MSE N   H2   sing N N 239 
MSE CA  C    sing N N 240 
MSE CA  CB   sing N N 241 
MSE CA  HA   sing N N 242 
MSE C   O    doub N N 243 
MSE C   OXT  sing N N 244 
MSE OXT HXT  sing N N 245 
MSE CB  CG   sing N N 246 
MSE CB  HB2  sing N N 247 
MSE CB  HB3  sing N N 248 
MSE CG  SE   sing N N 249 
MSE CG  HG2  sing N N 250 
MSE CG  HG3  sing N N 251 
MSE SE  CE   sing N N 252 
MSE CE  HE1  sing N N 253 
MSE CE  HE2  sing N N 254 
MSE CE  HE3  sing N N 255 
PHE N   CA   sing N N 256 
PHE N   H    sing N N 257 
PHE N   H2   sing N N 258 
PHE CA  C    sing N N 259 
PHE CA  CB   sing N N 260 
PHE CA  HA   sing N N 261 
PHE C   O    doub N N 262 
PHE C   OXT  sing N N 263 
PHE CB  CG   sing N N 264 
PHE CB  HB2  sing N N 265 
PHE CB  HB3  sing N N 266 
PHE CG  CD1  doub Y N 267 
PHE CG  CD2  sing Y N 268 
PHE CD1 CE1  sing Y N 269 
PHE CD1 HD1  sing N N 270 
PHE CD2 CE2  doub Y N 271 
PHE CD2 HD2  sing N N 272 
PHE CE1 CZ   doub Y N 273 
PHE CE1 HE1  sing N N 274 
PHE CE2 CZ   sing Y N 275 
PHE CE2 HE2  sing N N 276 
PHE CZ  HZ   sing N N 277 
PHE OXT HXT  sing N N 278 
PRO N   CA   sing N N 279 
PRO N   CD   sing N N 280 
PRO N   H    sing N N 281 
PRO CA  C    sing N N 282 
PRO CA  CB   sing N N 283 
PRO CA  HA   sing N N 284 
PRO C   O    doub N N 285 
PRO C   OXT  sing N N 286 
PRO CB  CG   sing N N 287 
PRO CB  HB2  sing N N 288 
PRO CB  HB3  sing N N 289 
PRO CG  CD   sing N N 290 
PRO CG  HG2  sing N N 291 
PRO CG  HG3  sing N N 292 
PRO CD  HD2  sing N N 293 
PRO CD  HD3  sing N N 294 
PRO OXT HXT  sing N N 295 
SER N   CA   sing N N 296 
SER N   H    sing N N 297 
SER N   H2   sing N N 298 
SER CA  C    sing N N 299 
SER CA  CB   sing N N 300 
SER CA  HA   sing N N 301 
SER C   O    doub N N 302 
SER C   OXT  sing N N 303 
SER CB  OG   sing N N 304 
SER CB  HB2  sing N N 305 
SER CB  HB3  sing N N 306 
SER OG  HG   sing N N 307 
SER OXT HXT  sing N N 308 
THR N   CA   sing N N 309 
THR N   H    sing N N 310 
THR N   H2   sing N N 311 
THR CA  C    sing N N 312 
THR CA  CB   sing N N 313 
THR CA  HA   sing N N 314 
THR C   O    doub N N 315 
THR C   OXT  sing N N 316 
THR CB  OG1  sing N N 317 
THR CB  CG2  sing N N 318 
THR CB  HB   sing N N 319 
THR OG1 HG1  sing N N 320 
THR CG2 HG21 sing N N 321 
THR CG2 HG22 sing N N 322 
THR CG2 HG23 sing N N 323 
THR OXT HXT  sing N N 324 
TYR N   CA   sing N N 325 
TYR N   H    sing N N 326 
TYR N   H2   sing N N 327 
TYR CA  C    sing N N 328 
TYR CA  CB   sing N N 329 
TYR CA  HA   sing N N 330 
TYR C   O    doub N N 331 
TYR C   OXT  sing N N 332 
TYR CB  CG   sing N N 333 
TYR CB  HB2  sing N N 334 
TYR CB  HB3  sing N N 335 
TYR CG  CD1  doub Y N 336 
TYR CG  CD2  sing Y N 337 
TYR CD1 CE1  sing Y N 338 
TYR CD1 HD1  sing N N 339 
TYR CD2 CE2  doub Y N 340 
TYR CD2 HD2  sing N N 341 
TYR CE1 CZ   doub Y N 342 
TYR CE1 HE1  sing N N 343 
TYR CE2 CZ   sing Y N 344 
TYR CE2 HE2  sing N N 345 
TYR CZ  OH   sing N N 346 
TYR OH  HH   sing N N 347 
TYR OXT HXT  sing N N 348 
VAL N   CA   sing N N 349 
VAL N   H    sing N N 350 
VAL N   H2   sing N N 351 
VAL CA  C    sing N N 352 
VAL CA  CB   sing N N 353 
VAL CA  HA   sing N N 354 
VAL C   O    doub N N 355 
VAL C   OXT  sing N N 356 
VAL CB  CG1  sing N N 357 
VAL CB  CG2  sing N N 358 
VAL CB  HB   sing N N 359 
VAL CG1 HG11 sing N N 360 
VAL CG1 HG12 sing N N 361 
VAL CG1 HG13 sing N N 362 
VAL CG2 HG21 sing N N 363 
VAL CG2 HG22 sing N N 364 
VAL CG2 HG23 sing N N 365 
VAL OXT HXT  sing N N 366 
# 
_atom_sites.entry_id                    1K8U 
_atom_sites.fract_transf_matrix[1][1]   -0.02293352 
_atom_sites.fract_transf_matrix[1][2]   -0.00782795 
_atom_sites.fract_transf_matrix[1][3]   0.01153728 
_atom_sites.fract_transf_matrix[2][1]   0.00081540 
_atom_sites.fract_transf_matrix[2][2]   -0.01790207 
_atom_sites.fract_transf_matrix[2][3]   -0.01052739 
_atom_sites.fract_transf_matrix[3][1]   0.00620594 
_atom_sites.fract_transf_matrix[3][2]   -0.00498238 
_atom_sites.fract_transf_matrix[3][3]   0.00895447 
_atom_sites.fract_transf_vector[1]      0.152182 
_atom_sites.fract_transf_vector[2]      0.065882 
_atom_sites.fract_transf_vector[3]      0.394553 
# 
loop_
_atom_type.symbol 
C  
N  
O  
SE 
# 
loop_
_atom_site.group_PDB 
_atom_site.id 
_atom_site.type_symbol 
_atom_site.label_atom_id 
_atom_site.label_alt_id 
_atom_site.label_comp_id 
_atom_site.label_asym_id 
_atom_site.label_entity_id 
_atom_site.label_seq_id 
_atom_site.pdbx_PDB_ins_code 
_atom_site.Cartn_x 
_atom_site.Cartn_y 
_atom_site.Cartn_z 
_atom_site.occupancy 
_atom_site.B_iso_or_equiv 
_atom_site.pdbx_formal_charge 
_atom_site.auth_seq_id 
_atom_site.auth_comp_id 
_atom_site.auth_asym_id 
_atom_site.auth_atom_id 
_atom_site.pdbx_PDB_model_num 
ATOM   1   N  N   . ALA A 1 2  ? 20.087  8.394   8.511   1.00 14.33 ? 2   ALA A N   1 
ATOM   2   C  CA  . ALA A 1 2  ? 19.232  7.702   9.515   1.00 12.53 ? 2   ALA A CA  1 
ATOM   3   C  C   . ALA A 1 2  ? 19.519  6.204   9.594   1.00 11.96 ? 2   ALA A C   1 
ATOM   4   O  O   . ALA A 1 2  ? 20.059  5.586   8.644   1.00 13.57 ? 2   ALA A O   1 
ATOM   5   C  CB  . ALA A 1 2  ? 17.789  7.917   9.128   1.00 16.55 ? 2   ALA A CB  1 
HETATM 6   N  N   . MSE A 1 3  ? 19.306  5.611   10.767  1.00 11.63 ? 3   MSE A N   1 
HETATM 7   C  CA  . MSE A 1 3  ? 19.391  4.152   10.934  1.00 10.79 ? 3   MSE A CA  1 
HETATM 8   C  C   . MSE A 1 3  ? 18.405  3.526   9.952   1.00 9.46  ? 3   MSE A C   1 
HETATM 9   O  O   . MSE A 1 3  ? 17.400  4.087   9.595   1.00 10.14 ? 3   MSE A O   1 
HETATM 10  C  CB  . MSE A 1 3  ? 18.913  3.763   12.344  1.00 11.21 ? 3   MSE A CB  1 
HETATM 11  C  CG  A MSE A 1 3  ? 19.871  4.179   13.474  0.50 12.28 ? 3   MSE A CG  1 
HETATM 12  C  CG  B MSE A 1 3  ? 19.801  4.348   13.460  0.50 14.83 ? 3   MSE A CG  1 
HETATM 13  SE SE  A MSE A 1 3  ? 21.475  3.166   13.460  0.50 8.06  ? 3   MSE A SE  1 
HETATM 14  SE SE  B MSE A 1 3  ? 19.762  3.326   15.038  0.50 15.39 ? 3   MSE A SE  1 
HETATM 15  C  CE  A MSE A 1 3  ? 20.759  1.547   13.957  0.50 12.68 ? 3   MSE A CE  1 
HETATM 16  C  CE  B MSE A 1 3  ? 20.343  1.713   14.461  0.50 15.74 ? 3   MSE A CE  1 
ATOM   17  N  N   . PRO A 1 4  ? 18.666  2.254   9.576   1.00 10.32 ? 4   PRO A N   1 
ATOM   18  C  CA  . PRO A 1 4  ? 17.813  1.567   8.597   1.00 10.22 ? 4   PRO A CA  1 
ATOM   19  C  C   . PRO A 1 4  ? 16.324  1.595   8.877   1.00 9.90  ? 4   PRO A C   1 
ATOM   20  O  O   . PRO A 1 4  ? 15.523  1.909   7.997   1.00 10.38 ? 4   PRO A O   1 
ATOM   21  C  CB  . PRO A 1 4  ? 18.395  0.152   8.585   1.00 12.61 ? 4   PRO A CB  1 
ATOM   22  C  CG  . PRO A 1 4  ? 19.852  0.407   8.831   1.00 13.46 ? 4   PRO A CG  1 
ATOM   23  C  CD  . PRO A 1 4  ? 19.857  1.469   9.911   1.00 11.82 ? 4   PRO A CD  1 
ATOM   24  N  N   . LEU A 1 5  ? 15.905  1.306   10.106  1.00 9.62  ? 5   LEU A N   1 
ATOM   25  C  CA  . LEU A 1 5  ? 14.465  1.298   10.365  1.00 9.42  ? 5   LEU A CA  1 
ATOM   26  C  C   . LEU A 1 5  ? 13.916  2.707   10.310  1.00 8.88  ? 5   LEU A C   1 
ATOM   27  O  O   . LEU A 1 5  ? 12.753  2.906   9.931   1.00 10.16 ? 5   LEU A O   1 
ATOM   28  C  CB  . LEU A 1 5  ? 14.173  0.612   11.699  1.00 10.61 ? 5   LEU A CB  1 
ATOM   29  C  CG  . LEU A 1 5  ? 12.692  0.273   11.954  1.00 10.67 ? 5   LEU A CG  1 
ATOM   30  C  CD1 . LEU A 1 5  ? 12.214  -0.728  10.878  1.00 12.51 ? 5   LEU A CD1 1 
ATOM   31  C  CD2 . LEU A 1 5  ? 12.513  -0.221  13.364  1.00 12.24 ? 5   LEU A CD2 1 
ATOM   32  N  N   . ASP A 1 6  ? 14.678  3.753   10.745  1.00 9.84  ? 6   ASP A N   1 
ATOM   33  C  CA  . ASP A 1 6  ? 14.204  5.124   10.619  1.00 10.10 ? 6   ASP A CA  1 
ATOM   34  C  C   . ASP A 1 6  ? 14.051  5.508   9.136   1.00 9.35  ? 6   ASP A C   1 
ATOM   35  O  O   . ASP A 1 6  ? 13.081  6.148   8.772   1.00 9.62  ? 6   ASP A O   1 
ATOM   36  C  CB  . ASP A 1 6  ? 15.190  6.117   11.273  1.00 10.33 ? 6   ASP A CB  1 
ATOM   37  C  CG  . ASP A 1 6  ? 14.914  6.389   12.743  1.00 11.41 ? 6   ASP A CG  1 
ATOM   38  O  OD1 . ASP A 1 6  ? 13.732  6.662   13.065  1.00 12.67 ? 6   ASP A OD1 1 
ATOM   39  O  OD2 . ASP A 1 6  ? 15.887  6.302   13.535  1.00 11.27 ? 6   ASP A OD2 1 
ATOM   40  N  N   . GLN A 1 7  ? 14.983  5.006   8.312   1.00 9.32  ? 7   GLN A N   1 
ATOM   41  C  CA  . GLN A 1 7  ? 14.887  5.239   6.891   1.00 10.50 ? 7   GLN A CA  1 
ATOM   42  C  C   . GLN A 1 7  ? 13.595  4.616   6.324   1.00 10.11 ? 7   GLN A C   1 
ATOM   43  O  O   . GLN A 1 7  ? 12.863  5.216   5.557   1.00 10.85 ? 7   GLN A O   1 
ATOM   44  C  CB  . GLN A 1 7  ? 16.056  4.652   6.120   1.00 12.54 ? 7   GLN A CB  1 
ATOM   45  C  CG  . GLN A 1 7  ? 16.013  4.877   4.633   1.00 17.98 ? 7   GLN A CG  1 
ATOM   46  C  CD  . GLN A 1 7  ? 17.240  4.418   3.885   1.00 22.99 ? 7   GLN A CD  1 
ATOM   47  O  OE1 . GLN A 1 7  ? 17.414  4.741   2.705   1.00 29.12 ? 7   GLN A OE1 1 
ATOM   48  N  NE2 . GLN A 1 7  ? 18.107  3.661   4.531   1.00 24.26 ? 7   GLN A NE2 1 
ATOM   49  N  N   . ALA A 1 8  ? 13.316  3.393   6.758   1.00 9.44  ? 8   ALA A N   1 
ATOM   50  C  CA  . ALA A 1 8  ? 12.134  2.662   6.286   1.00 9.93  ? 8   ALA A CA  1 
ATOM   51  C  C   . ALA A 1 8  ? 10.880  3.436   6.633   1.00 9.01  ? 8   ALA A C   1 
ATOM   52  O  O   . ALA A 1 8  ? 9.965   3.615   5.825   1.00 9.52  ? 8   ALA A O   1 
ATOM   53  C  CB  . ALA A 1 8  ? 12.114  1.265   6.863   1.00 11.10 ? 8   ALA A CB  1 
ATOM   54  N  N   . ILE A 1 9  ? 10.785  3.862   7.925   1.00 9.78  ? 9   ILE A N   1 
ATOM   55  C  CA  . ILE A 1 9  ? 9.605   4.603   8.337   1.00 9.90  ? 9   ILE A CA  1 
ATOM   56  C  C   . ILE A 1 9  ? 9.463   5.915   7.585   1.00 9.46  ? 9   ILE A C   1 
ATOM   57  O  O   . ILE A 1 9  ? 8.370   6.297   7.142   1.00 10.00 ? 9   ILE A O   1 
ATOM   58  C  CB  . ILE A 1 9  ? 9.618   4.831   9.875   1.00 11.44 ? 9   ILE A CB  1 
ATOM   59  C  CG1 . ILE A 1 9  ? 9.474   3.500   10.588  1.00 12.81 ? 9   ILE A CG1 1 
ATOM   60  C  CG2 . ILE A 1 9  ? 8.508   5.786   10.288  1.00 12.38 ? 9   ILE A CG2 1 
ATOM   61  C  CD1 . ILE A 1 9  ? 9.633   3.499   12.101  1.00 14.86 ? 9   ILE A CD1 1 
ATOM   62  N  N   . GLY A 1 10 ? 10.582  6.632   7.396   1.00 9.44  ? 10  GLY A N   1 
ATOM   63  C  CA  . GLY A 1 10 ? 10.502  7.872   6.664   1.00 10.41 ? 10  GLY A CA  1 
ATOM   64  C  C   . GLY A 1 10 ? 9.990   7.672   5.241   1.00 9.27  ? 10  GLY A C   1 
ATOM   65  O  O   . GLY A 1 10 ? 9.225   8.465   4.714   1.00 10.04 ? 10  GLY A O   1 
ATOM   66  N  N   . LEU A 1 11 ? 10.423  6.595   4.584   1.00 9.55  ? 11  LEU A N   1 
ATOM   67  C  CA  . LEU A 1 11 ? 9.918   6.281   3.234   1.00 9.61  ? 11  LEU A CA  1 
ATOM   68  C  C   . LEU A 1 11 ? 8.456   5.915   3.254   1.00 9.59  ? 11  LEU A C   1 
ATOM   69  O  O   . LEU A 1 11 ? 7.690   6.365   2.398   1.00 10.54 ? 11  LEU A O   1 
ATOM   70  C  CB  . LEU A 1 11 ? 10.769  5.156   2.669   1.00 10.37 ? 11  LEU A CB  1 
ATOM   71  C  CG  . LEU A 1 11 ? 12.195  5.506   2.305   1.00 10.16 ? 11  LEU A CG  1 
ATOM   72  C  CD1 . LEU A 1 11 ? 12.958  4.242   1.955   1.00 12.76 ? 11  LEU A CD1 1 
ATOM   73  C  CD2 . LEU A 1 11 ? 12.278  6.471   1.136   1.00 15.15 ? 11  LEU A CD2 1 
ATOM   74  N  N   . LEU A 1 12 ? 7.996   5.128   4.233   1.00 9.99  ? 12  LEU A N   1 
ATOM   75  C  CA  . LEU A 1 12 ? 6.550   4.820   4.341   1.00 10.54 ? 12  LEU A CA  1 
ATOM   76  C  C   . LEU A 1 12 ? 5.722   6.060   4.452   1.00 10.13 ? 12  LEU A C   1 
ATOM   77  O  O   . LEU A 1 12 ? 4.639   6.162   3.851   1.00 9.97  ? 12  LEU A O   1 
ATOM   78  C  CB  . LEU A 1 12 ? 6.249   4.004   5.631   1.00 11.60 ? 12  LEU A CB  1 
ATOM   79  C  CG  . LEU A 1 12 ? 6.777   2.613   5.625   1.00 15.36 ? 12  LEU A CG  1 
ATOM   80  C  CD1 . LEU A 1 12 ? 6.541   1.862   6.916   1.00 17.33 ? 12  LEU A CD1 1 
ATOM   81  C  CD2 . LEU A 1 12 ? 6.133   1.829   4.477   1.00 18.20 ? 12  LEU A CD2 1 
ATOM   82  N  N   . VAL A 1 13 ? 6.182   6.989   5.317   1.00 9.62  ? 13  VAL A N   1 
ATOM   83  C  CA  . VAL A 1 13 ? 5.455   8.235   5.508   1.00 10.07 ? 13  VAL A CA  1 
ATOM   84  C  C   . VAL A 1 13 ? 5.455   9.068   4.245   1.00 9.43  ? 13  VAL A C   1 
ATOM   85  O  O   . VAL A 1 13 ? 4.419   9.650   3.854   1.00 9.93  ? 13  VAL A O   1 
ATOM   86  C  CB  . VAL A 1 13 ? 6.049   9.025   6.698   1.00 10.55 ? 13  VAL A CB  1 
ATOM   87  C  CG1 . VAL A 1 13 ? 5.447   10.411  6.826   1.00 12.53 ? 13  VAL A CG1 1 
ATOM   88  C  CG2 . VAL A 1 13 ? 5.817   8.282   7.999   1.00 12.19 ? 13  VAL A CG2 1 
ATOM   89  N  N   . ALA A 1 14 ? 6.613   9.161   3.576   1.00 8.90  ? 14  ALA A N   1 
ATOM   90  C  CA  . ALA A 1 14 ? 6.688   9.959   2.380   1.00 9.19  ? 14  ALA A CA  1 
ATOM   91  C  C   . ALA A 1 14 ? 5.740   9.448   1.291   1.00 10.01 ? 14  ALA A C   1 
ATOM   92  O  O   . ALA A 1 14 ? 5.040   10.216  0.646   1.00 10.65 ? 14  ALA A O   1 
ATOM   93  C  CB  . ALA A 1 14 ? 8.109   9.995   1.843   1.00 10.38 ? 14  ALA A CB  1 
ATOM   94  N  N   . ILE A 1 15 ? 5.752   8.111   1.091   1.00 8.74  ? 15  ILE A N   1 
ATOM   95  C  CA  . ILE A 1 15 ? 4.862   7.583   0.023   1.00 9.90  ? 15  ILE A CA  1 
ATOM   96  C  C   . ILE A 1 15 ? 3.411   7.754   0.407   1.00 8.39  ? 15  ILE A C   1 
ATOM   97  O  O   . ILE A 1 15 ? 2.594   8.076   -0.454  1.00 9.78  ? 15  ILE A O   1 
ATOM   98  C  CB  . ILE A 1 15 ? 5.269   6.127   -0.268  1.00 10.67 ? 15  ILE A CB  1 
ATOM   99  C  CG1 . ILE A 1 15 ? 6.694   6.080   -0.821  1.00 11.48 ? 15  ILE A CG1 1 
ATOM   100 C  CG2 . ILE A 1 15 ? 4.264   5.502   -1.251  1.00 11.85 ? 15  ILE A CG2 1 
ATOM   101 C  CD1 . ILE A 1 15 ? 6.996   6.875   -2.080  1.00 14.35 ? 15  ILE A CD1 1 
ATOM   102 N  N   . PHE A 1 16 ? 3.053   7.592   1.677   1.00 8.76  ? 16  PHE A N   1 
ATOM   103 C  CA  . PHE A 1 16 ? 1.663   7.870   2.090   1.00 8.16  ? 16  PHE A CA  1 
ATOM   104 C  C   . PHE A 1 16 ? 1.312   9.281   1.699   1.00 9.08  ? 16  PHE A C   1 
ATOM   105 O  O   . PHE A 1 16 ? 0.227   9.488   1.125   1.00 10.04 ? 16  PHE A O   1 
ATOM   106 C  CB  . PHE A 1 16 ? 1.563   7.662   3.601   1.00 9.35  ? 16  PHE A CB  1 
ATOM   107 C  CG  . PHE A 1 16 ? 0.175   7.929   4.153   1.00 8.89  ? 16  PHE A CG  1 
ATOM   108 C  CD1 . PHE A 1 16 ? -0.853  7.031   3.978   1.00 9.86  ? 16  PHE A CD1 1 
ATOM   109 C  CD2 . PHE A 1 16 ? -0.076  9.106   4.850   1.00 11.72 ? 16  PHE A CD2 1 
ATOM   110 C  CE1 . PHE A 1 16 ? -2.098  7.317   4.522   1.00 11.54 ? 16  PHE A CE1 1 
ATOM   111 C  CE2 . PHE A 1 16 ? -1.334  9.369   5.377   1.00 12.92 ? 16  PHE A CE2 1 
ATOM   112 C  CZ  . PHE A 1 16 ? -2.352  8.473   5.184   1.00 12.57 ? 16  PHE A CZ  1 
ATOM   113 N  N   . HIS A 1 17 ? 2.122   10.263  2.104   1.00 9.15  ? 17  HIS A N   1 
ATOM   114 C  CA  . HIS A 1 17 ? 1.786   11.674  1.830   1.00 10.18 ? 17  HIS A CA  1 
ATOM   115 C  C   . HIS A 1 17 ? 1.795   12.031  0.365   1.00 10.19 ? 17  HIS A C   1 
ATOM   116 O  O   . HIS A 1 17 ? 1.010   12.903  -0.037  1.00 11.53 ? 17  HIS A O   1 
ATOM   117 C  CB  . HIS A 1 17 ? 2.726   12.613  2.571   1.00 11.56 ? 17  HIS A CB  1 
ATOM   118 C  CG  . HIS A 1 17 ? 2.428   12.696  4.032   1.00 11.61 ? 17  HIS A CG  1 
ATOM   119 N  ND1 . HIS A 1 17 ? 3.377   13.000  5.001   1.00 17.34 ? 17  HIS A ND1 1 
ATOM   120 C  CD2 . HIS A 1 17 ? 1.277   12.532  4.704   1.00 12.98 ? 17  HIS A CD2 1 
ATOM   121 C  CE1 . HIS A 1 17 ? 2.780   13.044  6.190   1.00 18.25 ? 17  HIS A CE1 1 
ATOM   122 N  NE2 . HIS A 1 17 ? 1.472   12.769  6.058   1.00 15.22 ? 17  HIS A NE2 1 
ATOM   123 N  N   . LYS A 1 18 ? 2.547   11.317  -0.458  1.00 10.54 ? 18  LYS A N   1 
ATOM   124 C  CA  . LYS A 1 18 ? 2.499   11.571  -1.886  1.00 11.04 ? 18  LYS A CA  1 
ATOM   125 C  C   . LYS A 1 18 ? 1.084   11.367  -2.389  1.00 11.53 ? 18  LYS A C   1 
ATOM   126 O  O   . LYS A 1 18 ? 0.603   12.087  -3.298  1.00 13.76 ? 18  LYS A O   1 
ATOM   127 C  CB  . LYS A 1 18 ? 3.458   10.625  -2.591  1.00 10.40 ? 18  LYS A CB  1 
ATOM   128 C  CG  . LYS A 1 18 ? 3.410   10.717  -4.120  1.00 13.02 ? 18  LYS A CG  1 
ATOM   129 C  CD  . LYS A 1 18 ? 4.500   9.827   -4.728  1.00 12.94 ? 18  LYS A CD  1 
ATOM   130 C  CE  . LYS A 1 18 ? 4.417   9.828   -6.240  1.00 15.41 ? 18  LYS A CE  1 
ATOM   131 N  NZ  . LYS A 1 18 ? 5.522   8.998   -6.861  1.00 18.42 ? 18  LYS A NZ  1 
ATOM   132 N  N   . TYR A 1 19 ? 0.388   10.348  -1.894  1.00 10.30 ? 19  TYR A N   1 
ATOM   133 C  CA  . TYR A 1 19 ? -0.965  10.068  -2.360  1.00 9.88  ? 19  TYR A CA  1 
ATOM   134 C  C   . TYR A 1 19 ? -2.005  10.709  -1.470  1.00 10.86 ? 19  TYR A C   1 
ATOM   135 O  O   . TYR A 1 19 ? -3.052  11.144  -2.015  1.00 11.99 ? 19  TYR A O   1 
ATOM   136 C  CB  . TYR A 1 19 ? -1.123  8.524   -2.434  1.00 10.17 ? 19  TYR A CB  1 
ATOM   137 C  CG  . TYR A 1 19 ? -0.283  7.979   -3.563  1.00 10.53 ? 19  TYR A CG  1 
ATOM   138 C  CD1 . TYR A 1 19 ? 1.072   7.689   -3.378  1.00 9.70  ? 19  TYR A CD1 1 
ATOM   139 C  CD2 . TYR A 1 19 ? -0.795  7.810   -4.854  1.00 12.17 ? 19  TYR A CD2 1 
ATOM   140 C  CE1 . TYR A 1 19 ? 1.872   7.247   -4.404  1.00 10.98 ? 19  TYR A CE1 1 
ATOM   141 C  CE2 . TYR A 1 19 ? -0.003  7.335   -5.896  1.00 12.68 ? 19  TYR A CE2 1 
ATOM   142 C  CZ  . TYR A 1 19 ? 1.329   7.098   -5.659  1.00 12.24 ? 19  TYR A CZ  1 
ATOM   143 O  OH  . TYR A 1 19 ? 2.105   6.641   -6.729  1.00 13.17 ? 19  TYR A OH  1 
ATOM   144 N  N   . SER A 1 20 ? -1.843  10.758  -0.161  1.00 9.94  ? 20  SER A N   1 
ATOM   145 C  CA  . SER A 1 20 ? -2.860  11.321  0.719   1.00 10.39 ? 20  SER A CA  1 
ATOM   146 C  C   . SER A 1 20 ? -3.032  12.820  0.456   1.00 11.35 ? 20  SER A C   1 
ATOM   147 O  O   . SER A 1 20 ? -4.109  13.365  0.723   1.00 13.49 ? 20  SER A O   1 
ATOM   148 C  CB  . SER A 1 20 ? -2.546  11.073  2.182   1.00 11.53 ? 20  SER A CB  1 
ATOM   149 O  OG  . SER A 1 20 ? -1.485  11.898  2.592   1.00 11.24 ? 20  SER A OG  1 
ATOM   150 N  N   . GLY A 1 21 ? -1.983  13.472  -0.005  1.00 13.14 ? 21  GLY A N   1 
ATOM   151 C  CA  . GLY A 1 21 ? -2.098  14.905  -0.307  1.00 17.96 ? 21  GLY A CA  1 
ATOM   152 C  C   . GLY A 1 21 ? -2.852  15.098  -1.597  1.00 19.55 ? 21  GLY A C   1 
ATOM   153 O  O   . GLY A 1 21 ? -3.316  16.246  -1.746  1.00 23.91 ? 21  GLY A O   1 
ATOM   154 N  N   . ARG A 1 22 ? -3.157  14.196  -2.475  1.00 18.53 ? 22  ARG A N   1 
ATOM   155 C  CA  . ARG A 1 22 ? -3.810  14.510  -3.751  1.00 20.01 ? 22  ARG A CA  1 
ATOM   156 C  C   . ARG A 1 22 ? -5.207  15.059  -3.611  1.00 21.66 ? 22  ARG A C   1 
ATOM   157 O  O   . ARG A 1 22 ? -5.613  15.943  -4.423  1.00 22.81 ? 22  ARG A O   1 
ATOM   158 C  CB  . ARG A 1 22 ? -3.833  13.235  -4.591  1.00 20.80 ? 22  ARG A CB  1 
ATOM   159 C  CG  . ARG A 1 22 ? -2.417  12.965  -5.099  1.00 21.11 ? 22  ARG A CG  1 
ATOM   160 C  CD  . ARG A 1 22 ? -2.366  11.658  -5.891  1.00 21.94 ? 22  ARG A CD  1 
ATOM   161 N  NE  . ARG A 1 22 ? -1.006  11.541  -6.414  1.00 22.32 ? 22  ARG A NE  1 
ATOM   162 C  CZ  . ARG A 1 22 ? -0.576  10.661  -7.305  1.00 21.00 ? 22  ARG A CZ  1 
ATOM   163 N  NH1 . ARG A 1 22 ? -1.410  9.762   -7.773  1.00 21.62 ? 22  ARG A NH1 1 
ATOM   164 N  NH2 . ARG A 1 22 ? 0.691   10.702  -7.679  1.00 23.29 ? 22  ARG A NH2 1 
ATOM   165 N  N   . GLU A 1 23 ? -5.957  14.587  -2.632  1.00 20.72 ? 23  GLU A N   1 
ATOM   166 C  CA  . GLU A 1 23 ? -7.289  15.171  -2.489  1.00 22.00 ? 23  GLU A CA  1 
ATOM   167 C  C   . GLU A 1 23 ? -7.672  15.275  -1.038  1.00 20.99 ? 23  GLU A C   1 
ATOM   168 O  O   . GLU A 1 23 ? -7.347  14.411  -0.212  1.00 19.14 ? 23  GLU A O   1 
ATOM   169 C  CB  . GLU A 1 23 ? -8.275  14.423  -3.341  1.00 26.10 ? 23  GLU A CB  1 
ATOM   170 C  CG  . GLU A 1 23 ? -8.848  13.101  -2.922  1.00 30.65 ? 23  GLU A CG  1 
ATOM   171 C  CD  . GLU A 1 23 ? -10.267 13.008  -3.487  1.00 33.71 ? 23  GLU A CD  1 
ATOM   172 O  OE1 . GLU A 1 23 ? -10.394 12.644  -4.670  1.00 35.64 ? 23  GLU A OE1 1 
ATOM   173 O  OE2 . GLU A 1 23 ? -11.211 13.343  -2.742  1.00 35.95 ? 23  GLU A OE2 1 
ATOM   174 N  N   . GLY A 1 24 ? -8.293  16.407  -0.689  1.00 19.49 ? 24  GLY A N   1 
ATOM   175 C  CA  . GLY A 1 24 ? -8.806  16.628  0.648   1.00 20.30 ? 24  GLY A CA  1 
ATOM   176 C  C   . GLY A 1 24 ? -7.784  16.632  1.755   1.00 19.06 ? 24  GLY A C   1 
ATOM   177 O  O   . GLY A 1 24 ? -6.777  17.314  1.814   1.00 21.57 ? 24  GLY A O   1 
ATOM   178 N  N   . ASP A 1 25 ? -8.167  15.876  2.794   1.00 20.16 ? 25  ASP A N   1 
ATOM   179 C  CA  . ASP A 1 25 ? -7.391  15.680  4.001   1.00 19.95 ? 25  ASP A CA  1 
ATOM   180 C  C   . ASP A 1 25 ? -6.071  14.993  3.747   1.00 15.18 ? 25  ASP A C   1 
ATOM   181 O  O   . ASP A 1 25 ? -6.116  13.853  3.250   1.00 15.94 ? 25  ASP A O   1 
ATOM   182 C  CB  . ASP A 1 25 ? -8.285  14.781  4.880   1.00 21.47 ? 25  ASP A CB  1 
ATOM   183 C  CG  . ASP A 1 25 ? -7.748  14.560  6.277   1.00 20.34 ? 25  ASP A CG  1 
ATOM   184 O  OD1 . ASP A 1 25 ? -6.719  15.144  6.674   1.00 20.97 ? 25  ASP A OD1 1 
ATOM   185 O  OD2 . ASP A 1 25 ? -8.436  13.776  6.987   1.00 23.58 ? 25  ASP A OD2 1 
ATOM   186 N  N   . LYS A 1 26 ? -4.933  15.462  4.182   1.00 14.96 ? 26  LYS A N   1 
ATOM   187 C  CA  . LYS A 1 26 ? -3.662  14.786  4.024   1.00 16.04 ? 26  LYS A CA  1 
ATOM   188 C  C   . LYS A 1 26 ? -3.565  13.616  4.972   1.00 13.85 ? 26  LYS A C   1 
ATOM   189 O  O   . LYS A 1 26 ? -2.614  12.807  4.862   1.00 14.46 ? 26  LYS A O   1 
ATOM   190 C  CB  . LYS A 1 26 ? -2.496  15.750  4.295   1.00 20.71 ? 26  LYS A CB  1 
ATOM   191 C  CG  . LYS A 1 26 ? -2.393  16.274  5.712   1.00 24.66 ? 26  LYS A CG  1 
ATOM   192 C  CD  . LYS A 1 26 ? -1.005  16.821  6.019   1.00 27.95 ? 26  LYS A CD  1 
ATOM   193 C  CE  . LYS A 1 26 ? -0.866  17.330  7.437   1.00 29.58 ? 26  LYS A CE  1 
ATOM   194 N  NZ  . LYS A 1 26 ? 0.560   17.291  7.881   1.00 32.29 ? 26  LYS A NZ  1 
ATOM   195 N  N   . HIS A 1 27 ? -4.502  13.427  5.904   1.00 12.15 ? 27  HIS A N   1 
ATOM   196 C  CA  . HIS A 1 27 ? -4.454  12.310  6.812   1.00 10.45 ? 27  HIS A CA  1 
ATOM   197 C  C   . HIS A 1 27 ? -5.074  11.038  6.223   1.00 10.06 ? 27  HIS A C   1 
ATOM   198 O  O   . HIS A 1 27 ? -5.007  10.027  6.940   1.00 10.81 ? 27  HIS A O   1 
ATOM   199 C  CB  . HIS A 1 27 ? -5.108  12.663  8.139   1.00 11.53 ? 27  HIS A CB  1 
ATOM   200 C  CG  . HIS A 1 27 ? -4.481  13.811  8.875   1.00 12.19 ? 27  HIS A CG  1 
ATOM   201 N  ND1 . HIS A 1 27 ? -4.908  15.115  8.735   1.00 14.58 ? 27  HIS A ND1 1 
ATOM   202 C  CD2 . HIS A 1 27 ? -3.464  13.804  9.750   1.00 14.48 ? 27  HIS A CD2 1 
ATOM   203 C  CE1 . HIS A 1 27 ? -4.111  15.856  9.510   1.00 14.85 ? 27  HIS A CE1 1 
ATOM   204 N  NE2 . HIS A 1 27 ? -3.257  15.116  10.154  1.00 15.67 ? 27  HIS A NE2 1 
ATOM   205 N  N   . THR A 1 28 ? -5.729  11.080  5.056   1.00 10.11 ? 28  THR A N   1 
ATOM   206 C  CA  . THR A 1 28 ? -6.328  9.828   4.557   1.00 10.65 ? 28  THR A CA  1 
ATOM   207 C  C   . THR A 1 28 ? -6.136  9.781   3.018   1.00 10.24 ? 28  THR A C   1 
ATOM   208 O  O   . THR A 1 28 ? -5.859  10.780  2.377   1.00 11.50 ? 28  THR A O   1 
ATOM   209 C  CB  . THR A 1 28 ? -7.794  9.631   4.899   1.00 12.44 ? 28  THR A CB  1 
ATOM   210 O  OG1 . THR A 1 28 ? -8.600  10.641  4.300   1.00 15.92 ? 28  THR A OG1 1 
ATOM   211 C  CG2 . THR A 1 28 ? -8.146  9.558   6.379   1.00 12.45 ? 28  THR A CG2 1 
ATOM   212 N  N   . LEU A 1 29 ? -6.335  8.576   2.501   1.00 10.89 ? 29  LEU A N   1 
ATOM   213 C  CA  . LEU A 1 29 ? -6.371  8.380   1.038   1.00 10.80 ? 29  LEU A CA  1 
ATOM   214 C  C   . LEU A 1 29 ? -7.477  7.336   0.807   1.00 10.54 ? 29  LEU A C   1 
ATOM   215 O  O   . LEU A 1 29 ? -7.764  6.491   1.644   1.00 11.41 ? 29  LEU A O   1 
ATOM   216 C  CB  . LEU A 1 29 ? -5.074  8.013   0.365   1.00 11.86 ? 29  LEU A CB  1 
ATOM   217 C  CG  . LEU A 1 29 ? -4.567  6.582   0.531   1.00 12.37 ? 29  LEU A CG  1 
ATOM   218 C  CD1 . LEU A 1 29 ? -3.455  6.256   -0.456  1.00 14.64 ? 29  LEU A CD1 1 
ATOM   219 C  CD2 . LEU A 1 29 ? -4.149  6.240   1.952   1.00 15.22 ? 29  LEU A CD2 1 
ATOM   220 N  N   . SER A 1 30 ? -8.079  7.375   -0.375  1.00 10.81 ? 30  SER A N   1 
ATOM   221 C  CA  . SER A 1 30 ? -9.097  6.384   -0.696  1.00 10.37 ? 30  SER A CA  1 
ATOM   222 C  C   . SER A 1 30 ? -8.490  5.046   -1.066  1.00 9.89  ? 30  SER A C   1 
ATOM   223 O  O   . SER A 1 30 ? -7.314  4.967   -1.448  1.00 9.76  ? 30  SER A O   1 
ATOM   224 C  CB  . SER A 1 30 ? -9.933  6.915   -1.875  1.00 12.57 ? 30  SER A CB  1 
ATOM   225 O  OG  . SER A 1 30 ? -9.180  6.825   -3.074  1.00 13.42 ? 30  SER A OG  1 
ATOM   226 N  N   . LYS A 1 31 ? -9.295  3.978   -1.018  1.00 10.03 ? 31  LYS A N   1 
ATOM   227 C  CA  . LYS A 1 31 ? -8.774  2.665   -1.439  1.00 10.85 ? 31  LYS A CA  1 
ATOM   228 C  C   . LYS A 1 31 ? -8.471  2.643   -2.938  1.00 10.17 ? 31  LYS A C   1 
ATOM   229 O  O   . LYS A 1 31 ? -7.528  1.927   -3.310  1.00 10.71 ? 31  LYS A O   1 
ATOM   230 C  CB  . LYS A 1 31 ? -9.704  1.558   -0.977  1.00 10.57 ? 31  LYS A CB  1 
ATOM   231 C  CG  . LYS A 1 31 ? -9.615  1.345   0.543   1.00 11.90 ? 31  LYS A CG  1 
ATOM   232 C  CD  . LYS A 1 31 ? -10.500 0.206   1.022   1.00 12.41 ? 31  LYS A CD  1 
ATOM   233 C  CE  . LYS A 1 31 ? -10.412 0.127   2.550   1.00 15.64 ? 31  LYS A CE  1 
ATOM   234 N  NZ  . LYS A 1 31 ? -11.410 -0.836  3.117   1.00 18.99 ? 31  LYS A NZ  1 
ATOM   235 N  N   . LYS A 1 32 ? -9.176  3.434   -3.727  1.00 10.60 ? 32  LYS A N   1 
ATOM   236 C  CA  . LYS A 1 32 ? -8.794  3.575   -5.141  1.00 12.50 ? 32  LYS A CA  1 
ATOM   237 C  C   . LYS A 1 32 ? -7.365  4.107   -5.286  1.00 11.34 ? 32  LYS A C   1 
ATOM   238 O  O   . LYS A 1 32 ? -6.522  3.621   -6.050  1.00 11.72 ? 32  LYS A O   1 
ATOM   239 C  CB  . LYS A 1 32 ? -9.764  4.553   -5.826  1.00 15.21 ? 32  LYS A CB  1 
ATOM   240 C  CG  . LYS A 1 32 ? -9.537  4.695   -7.324  1.00 19.91 ? 32  LYS A CG  1 
ATOM   241 C  CD  . LYS A 1 32 ? -10.519 5.688   -7.959  1.00 24.30 ? 32  LYS A CD  1 
ATOM   242 C  CE  . LYS A 1 32 ? -10.379 5.628   -9.486  1.00 27.74 ? 32  LYS A CE  1 
ATOM   243 N  NZ  . LYS A 1 32 ? -11.446 6.401   -10.185 1.00 31.05 ? 32  LYS A NZ  1 
ATOM   244 N  N   . GLU A 1 33 ? -7.114  5.141   -4.487  1.00 10.93 ? 33  GLU A N   1 
ATOM   245 C  CA  . GLU A 1 33 ? -5.784  5.746   -4.456  1.00 11.52 ? 33  GLU A CA  1 
ATOM   246 C  C   . GLU A 1 33 ? -4.729  4.782   -3.905  1.00 9.66  ? 33  GLU A C   1 
ATOM   247 O  O   . GLU A 1 33 ? -3.573  4.792   -4.424  1.00 10.56 ? 33  GLU A O   1 
ATOM   248 C  CB  . GLU A 1 33 ? -5.778  7.057   -3.685  1.00 13.65 ? 33  GLU A CB  1 
ATOM   249 C  CG  . GLU A 1 33 ? -6.571  8.184   -4.309  1.00 19.93 ? 33  GLU A CG  1 
ATOM   250 C  CD  . GLU A 1 33 ? -6.860  9.403   -3.465  1.00 21.52 ? 33  GLU A CD  1 
ATOM   251 O  OE1 . GLU A 1 33 ? -7.352  9.450   -2.300  1.00 21.90 ? 33  GLU A OE1 1 
ATOM   252 O  OE2 . GLU A 1 33 ? -6.645  10.517  -4.018  1.00 26.04 ? 33  GLU A OE2 1 
ATOM   253 N  N   . LEU A 1 34 ? -5.051  4.007   -2.902  1.00 9.24  ? 34  LEU A N   1 
ATOM   254 C  CA  . LEU A 1 34 ? -4.119  3.029   -2.366  1.00 8.92  ? 34  LEU A CA  1 
ATOM   255 C  C   . LEU A 1 34 ? -3.766  1.991   -3.413  1.00 9.20  ? 34  LEU A C   1 
ATOM   256 O  O   . LEU A 1 34 ? -2.608  1.571   -3.509  1.00 9.70  ? 34  LEU A O   1 
ATOM   257 C  CB  . LEU A 1 34 ? -4.746  2.387   -1.136  1.00 9.44  ? 34  LEU A CB  1 
ATOM   258 C  CG  . LEU A 1 34 ? -3.885  1.332   -0.439  1.00 8.51  ? 34  LEU A CG  1 
ATOM   259 C  CD1 . LEU A 1 34 ? -2.502  1.861   -0.105  1.00 10.30 ? 34  LEU A CD1 1 
ATOM   260 C  CD2 . LEU A 1 34 ? -4.634  0.825   0.774   1.00 10.81 ? 34  LEU A CD2 1 
ATOM   261 N  N   . LYS A 1 35 ? -4.752  1.546   -4.207  1.00 9.26  ? 35  LYS A N   1 
ATOM   262 C  CA  . LYS A 1 35 ? -4.463  0.609   -5.287  1.00 9.79  ? 35  LYS A CA  1 
ATOM   263 C  C   . LYS A 1 35 ? -3.488  1.186   -6.295  1.00 11.32 ? 35  LYS A C   1 
ATOM   264 O  O   . LYS A 1 35 ? -2.524  0.520   -6.729  1.00 11.21 ? 35  LYS A O   1 
ATOM   265 C  CB  . LYS A 1 35 ? -5.752  0.128   -5.953  1.00 11.77 ? 35  LYS A CB  1 
ATOM   266 C  CG  . LYS A 1 35 ? -5.467  -0.997  -6.958  1.00 12.84 ? 35  LYS A CG  1 
ATOM   267 C  CD  . LYS A 1 35 ? -6.737  -1.325  -7.754  1.00 17.49 ? 35  LYS A CD  1 
ATOM   268 C  CE  . LYS A 1 35 ? -6.379  -2.318  -8.848  1.00 20.42 ? 35  LYS A CE  1 
ATOM   269 N  NZ  . LYS A 1 35 ? -7.421  -2.463  -9.894  1.00 20.71 ? 35  LYS A NZ  1 
ATOM   270 N  N   . GLU A 1 36 ? -3.686  2.446   -6.668  1.00 10.43 ? 36  GLU A N   1 
ATOM   271 C  CA  . GLU A 1 36 ? -2.773  3.157   -7.537  1.00 12.55 ? 36  GLU A CA  1 
ATOM   272 C  C   . GLU A 1 36 ? -1.388  3.265   -6.921  1.00 11.03 ? 36  GLU A C   1 
ATOM   273 O  O   . GLU A 1 36 ? -0.357  3.036   -7.620  1.00 11.52 ? 36  GLU A O   1 
ATOM   274 C  CB  A GLU A 1 36 ? -3.301  4.561   -7.843  0.50 15.26 ? 36  GLU A CB  1 
ATOM   275 C  CB  B GLU A 1 36 ? -3.350  4.534   -7.876  0.50 14.31 ? 36  GLU A CB  1 
ATOM   276 C  CG  A GLU A 1 36 ? -4.668  4.657   -8.490  0.50 18.72 ? 36  GLU A CG  1 
ATOM   277 C  CG  B GLU A 1 36 ? -2.387  5.393   -8.675  0.50 16.32 ? 36  GLU A CG  1 
ATOM   278 C  CD  A GLU A 1 36 ? -5.331  6.000   -8.227  0.50 21.42 ? 36  GLU A CD  1 
ATOM   279 C  CD  B GLU A 1 36 ? -2.913  6.784   -8.958  0.50 19.77 ? 36  GLU A CD  1 
ATOM   280 O  OE1 A GLU A 1 36 ? -4.612  7.020   -8.167  0.50 22.84 ? 36  GLU A OE1 1 
ATOM   281 O  OE1 B GLU A 1 36 ? -4.125  7.058   -9.059  0.50 22.05 ? 36  GLU A OE1 1 
ATOM   282 O  OE2 A GLU A 1 36 ? -6.576  6.041   -8.082  0.50 22.29 ? 36  GLU A OE2 1 
ATOM   283 O  OE2 B GLU A 1 36 ? -2.029  7.650   -9.111  0.50 20.73 ? 36  GLU A OE2 1 
ATOM   284 N  N   . LEU A 1 37 ? -1.299  3.606   -5.631  1.00 10.55 ? 37  LEU A N   1 
ATOM   285 C  CA  . LEU A 1 37 ? -0.039  3.677   -4.927  1.00 9.44  ? 37  LEU A CA  1 
ATOM   286 C  C   . LEU A 1 37 ? 0.694   2.340   -5.026  1.00 9.74  ? 37  LEU A C   1 
ATOM   287 O  O   . LEU A 1 37 ? 1.910   2.277   -5.366  1.00 9.97  ? 37  LEU A O   1 
ATOM   288 C  CB  . LEU A 1 37 ? -0.364  4.077   -3.474  1.00 10.09 ? 37  LEU A CB  1 
ATOM   289 C  CG  . LEU A 1 37 ? 0.799   4.221   -2.480  1.00 9.79  ? 37  LEU A CG  1 
ATOM   290 C  CD1 . LEU A 1 37 ? 0.235   4.958   -1.253  1.00 9.91  ? 37  LEU A CD1 1 
ATOM   291 C  CD2 . LEU A 1 37 ? 1.423   2.913   -2.035  1.00 10.32 ? 37  LEU A CD2 1 
ATOM   292 N  N   . ILE A 1 38 ? 0.041   1.237   -4.730  1.00 9.40  ? 38  ILE A N   1 
ATOM   293 C  CA  . ILE A 1 38 ? 0.727   -0.065  -4.800  1.00 9.71  ? 38  ILE A CA  1 
ATOM   294 C  C   . ILE A 1 38 ? 1.217   -0.360  -6.215  1.00 10.74 ? 38  ILE A C   1 
ATOM   295 O  O   . ILE A 1 38 ? 2.370   -0.825  -6.373  1.00 11.24 ? 38  ILE A O   1 
ATOM   296 C  CB  . ILE A 1 38 ? -0.235  -1.172  -4.308  1.00 12.12 ? 38  ILE A CB  1 
ATOM   297 C  CG1 . ILE A 1 38 ? -0.559  -0.985  -2.826  1.00 12.96 ? 38  ILE A CG1 1 
ATOM   298 C  CG2 . ILE A 1 38 ? 0.279   -2.585  -4.636  1.00 13.21 ? 38  ILE A CG2 1 
ATOM   299 C  CD1 . ILE A 1 38 ? 0.571   -0.975  -1.868  1.00 16.53 ? 38  ILE A CD1 1 
ATOM   300 N  N   . GLN A 1 39 ? 0.402   -0.112  -7.215  1.00 10.07 ? 39  GLN A N   1 
ATOM   301 C  CA  . GLN A 1 39 ? 0.797   -0.452  -8.580  1.00 11.90 ? 39  GLN A CA  1 
ATOM   302 C  C   . GLN A 1 39 ? 1.904   0.443   -9.085  1.00 11.28 ? 39  GLN A C   1 
ATOM   303 O  O   . GLN A 1 39 ? 2.758   0.015   -9.912  1.00 14.18 ? 39  GLN A O   1 
ATOM   304 C  CB  . GLN A 1 39 ? -0.428  -0.336  -9.490  1.00 13.66 ? 39  GLN A CB  1 
ATOM   305 C  CG  . GLN A 1 39 ? -1.502  -1.374  -9.266  1.00 16.95 ? 39  GLN A CG  1 
ATOM   306 C  CD  . GLN A 1 39 ? -2.802  -1.140  -10.015 1.00 21.11 ? 39  GLN A CD  1 
ATOM   307 O  OE1 . GLN A 1 39 ? -3.150  -0.001  -10.331 1.00 23.98 ? 39  GLN A OE1 1 
ATOM   308 N  NE2 . GLN A 1 39 ? -3.550  -2.201  -10.280 1.00 25.01 ? 39  GLN A NE2 1 
ATOM   309 N  N   . LYS A 1 40 ? 1.993   1.687   -8.632  1.00 10.70 ? 40  LYS A N   1 
ATOM   310 C  CA  . LYS A 1 40 ? 3.034   2.580   -9.081  1.00 11.67 ? 40  LYS A CA  1 
ATOM   311 C  C   . LYS A 1 40 ? 4.288   2.547   -8.258  1.00 9.85  ? 40  LYS A C   1 
ATOM   312 O  O   . LYS A 1 40 ? 5.389   2.777   -8.820  1.00 13.77 ? 40  LYS A O   1 
ATOM   313 C  CB  . LYS A 1 40 ? 2.463   4.026   -9.119  1.00 14.02 ? 40  LYS A CB  1 
ATOM   314 C  CG  . LYS A 1 40 ? 1.364   4.087   -10.189 1.00 20.51 ? 40  LYS A CG  1 
ATOM   315 C  CD  . LYS A 1 40 ? 0.909   5.482   -10.549 1.00 24.41 ? 40  LYS A CD  1 
ATOM   316 C  CE  . LYS A 1 40 ? 0.412   5.583   -11.980 1.00 29.04 ? 40  LYS A CE  1 
ATOM   317 N  NZ  . LYS A 1 40 ? -0.029  4.255   -12.497 1.00 32.85 ? 40  LYS A NZ  1 
ATOM   318 N  N   . GLU A 1 41 ? 4.207   2.231   -6.966  1.00 9.59  ? 41  GLU A N   1 
ATOM   319 C  CA  . GLU A 1 41 ? 5.340   2.390   -6.082  1.00 8.85  ? 41  GLU A CA  1 
ATOM   320 C  C   . GLU A 1 41 ? 6.074   1.102   -5.810  1.00 8.28  ? 41  GLU A C   1 
ATOM   321 O  O   . GLU A 1 41 ? 7.143   1.141   -5.186  1.00 9.81  ? 41  GLU A O   1 
ATOM   322 C  CB  . GLU A 1 41 ? 4.854   3.030   -4.772  1.00 9.43  ? 41  GLU A CB  1 
ATOM   323 C  CG  . GLU A 1 41 ? 4.252   4.417   -4.952  1.00 10.66 ? 41  GLU A CG  1 
ATOM   324 C  CD  . GLU A 1 41 ? 5.181   5.455   -5.505  1.00 11.38 ? 41  GLU A CD  1 
ATOM   325 O  OE1 . GLU A 1 41 ? 6.401   5.370   -5.323  1.00 11.85 ? 41  GLU A OE1 1 
ATOM   326 O  OE2 . GLU A 1 41 ? 4.654   6.443   -6.107  1.00 12.47 ? 41  GLU A OE2 1 
ATOM   327 N  N   . LEU A 1 42 ? 5.542   -0.031  -6.176  1.00 8.97  ? 42  LEU A N   1 
ATOM   328 C  CA  . LEU A 1 42 ? 6.188   -1.330  -6.002  1.00 8.87  ? 42  LEU A CA  1 
ATOM   329 C  C   . LEU A 1 42 ? 6.399   -1.978  -7.390  1.00 8.39  ? 42  LEU A C   1 
ATOM   330 O  O   . LEU A 1 42 ? 5.540   -1.812  -8.261  1.00 9.77  ? 42  LEU A O   1 
ATOM   331 C  CB  . LEU A 1 42 ? 5.303   -2.279  -5.195  1.00 9.80  ? 42  LEU A CB  1 
ATOM   332 C  CG  . LEU A 1 42 ? 5.037   -1.814  -3.768  1.00 10.27 ? 42  LEU A CG  1 
ATOM   333 C  CD1 . LEU A 1 42 ? 4.095   -2.747  -3.041  1.00 11.98 ? 42  LEU A CD1 1 
ATOM   334 C  CD2 . LEU A 1 42 ? 6.338   -1.700  -2.984  1.00 10.80 ? 42  LEU A CD2 1 
ATOM   335 N  N   . THR A 1 43 ? 7.439   -2.782  -7.494  1.00 9.41  ? 43  THR A N   1 
ATOM   336 C  CA  . THR A 1 43 ? 7.617   -3.539  -8.761  1.00 8.61  ? 43  THR A CA  1 
ATOM   337 C  C   . THR A 1 43 ? 6.772   -4.795  -8.642  1.00 9.63  ? 43  THR A C   1 
ATOM   338 O  O   . THR A 1 43 ? 7.286   -5.903  -8.388  1.00 9.83  ? 43  THR A O   1 
ATOM   339 C  CB  . THR A 1 43 ? 9.096   -3.837  -9.027  1.00 9.96  ? 43  THR A CB  1 
ATOM   340 O  OG1 . THR A 1 43 ? 9.775   -2.562  -9.097  1.00 10.67 ? 43  THR A OG1 1 
ATOM   341 C  CG2 . THR A 1 43 ? 9.319   -4.585  -10.341 1.00 10.48 ? 43  THR A CG2 1 
ATOM   342 N  N   . ILE A 1 44 ? 5.474   -4.612  -8.776  1.00 8.77  ? 44  ILE A N   1 
ATOM   343 C  CA  . ILE A 1 44 ? 4.517   -5.697  -8.531  1.00 9.87  ? 44  ILE A CA  1 
ATOM   344 C  C   . ILE A 1 44 ? 3.877   -6.166  -9.820  1.00 9.30  ? 44  ILE A C   1 
ATOM   345 O  O   . ILE A 1 44 ? 3.073   -7.097  -9.787  1.00 10.20 ? 44  ILE A O   1 
ATOM   346 C  CB  . ILE A 1 44 ? 3.511   -5.218  -7.459  1.00 9.84  ? 44  ILE A CB  1 
ATOM   347 C  CG1 . ILE A 1 44 ? 2.642   -6.353  -6.863  1.00 10.72 ? 44  ILE A CG1 1 
ATOM   348 C  CG2 . ILE A 1 44 ? 2.640   -4.100  -7.987  1.00 11.72 ? 44  ILE A CG2 1 
ATOM   349 C  CD1 . ILE A 1 44 ? 2.014   -5.960  -5.540  1.00 11.70 ? 44  ILE A CD1 1 
ATOM   350 N  N   . GLY A 1 45 ? 4.234   -5.568  -10.954 1.00 10.11 ? 45  GLY A N   1 
ATOM   351 C  CA  . GLY A 1 45 ? 3.550   -5.916  -12.190 1.00 11.05 ? 45  GLY A CA  1 
ATOM   352 C  C   . GLY A 1 45 ? 3.651   -7.382  -12.546 1.00 12.14 ? 45  GLY A C   1 
ATOM   353 O  O   . GLY A 1 45 ? 2.677   -7.911  -13.154 1.00 16.66 ? 45  GLY A O   1 
ATOM   354 N  N   . SER A 1 46 ? 4.667   -8.116  -12.218 1.00 10.75 ? 46  SER A N   1 
ATOM   355 C  CA  . SER A 1 46 ? 4.759   -9.538  -12.567 1.00 11.74 ? 46  SER A CA  1 
ATOM   356 C  C   . SER A 1 46 ? 3.929   -10.393 -11.640 1.00 10.72 ? 46  SER A C   1 
ATOM   357 O  O   . SER A 1 46 ? 3.766   -11.615 -11.901 1.00 12.13 ? 46  SER A O   1 
ATOM   358 C  CB  . SER A 1 46 ? 6.222   -9.984  -12.535 1.00 12.30 ? 46  SER A CB  1 
ATOM   359 O  OG  . SER A 1 46 ? 6.677   -10.144 -11.244 1.00 12.89 ? 46  SER A OG  1 
ATOM   360 N  N   . LYS A 1 47 ? 3.405   -9.832  -10.540 1.00 10.73 ? 47  LYS A N   1 
ATOM   361 C  CA  . LYS A 1 47 ? 2.775   -10.612 -9.508  1.00 11.68 ? 47  LYS A CA  1 
ATOM   362 C  C   . LYS A 1 47 ? 1.304   -10.326 -9.316  1.00 11.35 ? 47  LYS A C   1 
ATOM   363 O  O   . LYS A 1 47 ? 0.652   -10.892 -8.442  1.00 12.36 ? 47  LYS A O   1 
ATOM   364 C  CB  . LYS A 1 47 ? 3.466   -10.314 -8.150  1.00 14.48 ? 47  LYS A CB  1 
ATOM   365 C  CG  . LYS A 1 47 ? 4.936   -10.704 -8.198  1.00 19.09 ? 47  LYS A CG  1 
ATOM   366 C  CD  . LYS A 1 47 ? 5.735   -10.437 -6.955  1.00 23.25 ? 47  LYS A CD  1 
ATOM   367 C  CE  . LYS A 1 47 ? 7.205   -10.577 -7.336  1.00 26.98 ? 47  LYS A CE  1 
ATOM   368 N  NZ  . LYS A 1 47 ? 7.544   -11.952 -7.776  1.00 29.76 ? 47  LYS A NZ  1 
ATOM   369 N  N   . LEU A 1 48 ? 0.760   -9.388  -10.099 1.00 13.93 ? 48  LEU A N   1 
ATOM   370 C  CA  . LEU A 1 48 ? -0.639  -8.967  -9.883  1.00 14.83 ? 48  LEU A CA  1 
ATOM   371 C  C   . LEU A 1 48 ? -1.657  -10.069 -10.122 1.00 16.10 ? 48  LEU A C   1 
ATOM   372 O  O   . LEU A 1 48 ? -2.762  -9.904  -9.561  1.00 17.75 ? 48  LEU A O   1 
ATOM   373 C  CB  . LEU A 1 48 ? -0.933  -7.678  -10.643 1.00 15.65 ? 48  LEU A CB  1 
ATOM   374 C  CG  . LEU A 1 48 ? -0.296  -6.404  -10.076 1.00 14.72 ? 48  LEU A CG  1 
ATOM   375 C  CD1 . LEU A 1 48 ? -0.398  -5.313  -11.144 1.00 16.78 ? 48  LEU A CD1 1 
ATOM   376 C  CD2 . LEU A 1 48 ? -0.873  -5.902  -8.773  1.00 15.22 ? 48  LEU A CD2 1 
ATOM   377 N  N   . GLN A 1 49 ? -1.332  -11.133 -10.842 1.00 15.08 ? 49  GLN A N   1 
ATOM   378 C  CA  . GLN A 1 49 ? -2.259  -12.229 -11.022 1.00 16.62 ? 49  GLN A CA  1 
ATOM   379 C  C   . GLN A 1 49 ? -2.000  -13.377 -10.071 1.00 14.64 ? 49  GLN A C   1 
ATOM   380 O  O   . GLN A 1 49 ? -2.715  -14.397 -10.177 1.00 16.03 ? 49  GLN A O   1 
ATOM   381 C  CB  . GLN A 1 49 ? -2.174  -12.715 -12.474 1.00 19.78 ? 49  GLN A CB  1 
ATOM   382 C  CG  . GLN A 1 49 ? -2.460  -11.608 -13.475 1.00 26.23 ? 49  GLN A CG  1 
ATOM   383 C  CD  . GLN A 1 49 ? -3.902  -11.431 -13.861 1.00 29.48 ? 49  GLN A CD  1 
ATOM   384 O  OE1 . GLN A 1 49 ? -4.827  -11.625 -13.068 1.00 32.75 ? 49  GLN A OE1 1 
ATOM   385 N  NE2 . GLN A 1 49 ? -4.115  -11.051 -15.123 1.00 30.41 ? 49  GLN A NE2 1 
ATOM   386 N  N   . ASP A 1 50 ? -1.067  -13.260 -9.145  1.00 12.89 ? 50  ASP A N   1 
ATOM   387 C  CA  . ASP A 1 50 ? -0.872  -14.262 -8.104  1.00 12.08 ? 50  ASP A CA  1 
ATOM   388 C  C   . ASP A 1 50 ? -2.172  -14.337 -7.346  1.00 9.92  ? 50  ASP A C   1 
ATOM   389 O  O   . ASP A 1 50 ? -2.851  -13.348 -7.098  1.00 11.95 ? 50  ASP A O   1 
ATOM   390 C  CB  . ASP A 1 50 ? 0.249   -13.761 -7.193  1.00 14.01 ? 50  ASP A CB  1 
ATOM   391 C  CG  . ASP A 1 50 ? 0.303   -14.463 -5.867  1.00 17.43 ? 50  ASP A CG  1 
ATOM   392 O  OD1 . ASP A 1 50 ? 0.933   -15.554 -5.893  1.00 20.67 ? 50  ASP A OD1 1 
ATOM   393 O  OD2 . ASP A 1 50 ? -0.290  -13.987 -4.869  1.00 18.35 ? 50  ASP A OD2 1 
ATOM   394 N  N   . ALA A 1 51 ? -2.545  -15.555 -6.942  1.00 10.99 ? 51  ALA A N   1 
ATOM   395 C  CA  . ALA A 1 51 ? -3.855  -15.752 -6.353  1.00 12.06 ? 51  ALA A CA  1 
ATOM   396 C  C   . ALA A 1 51 ? -4.128  -14.848 -5.166  1.00 11.98 ? 51  ALA A C   1 
ATOM   397 O  O   . ALA A 1 51 ? -5.183  -14.193 -5.070  1.00 13.23 ? 51  ALA A O   1 
ATOM   398 C  CB  . ALA A 1 51 ? -4.077  -17.201 -5.962  1.00 12.71 ? 51  ALA A CB  1 
ATOM   399 N  N   . GLU A 1 52 ? -3.202  -14.737 -4.223  1.00 10.90 ? 52  GLU A N   1 
ATOM   400 C  CA  . GLU A 1 52 ? -3.473  -13.919 -3.048  1.00 11.65 ? 52  GLU A CA  1 
ATOM   401 C  C   . GLU A 1 52 ? -3.378  -12.434 -3.329  1.00 10.18 ? 52  GLU A C   1 
ATOM   402 O  O   . GLU A 1 52 ? -4.203  -11.667 -2.850  1.00 11.59 ? 52  GLU A O   1 
ATOM   403 C  CB  . GLU A 1 52 ? -2.513  -14.358 -1.932  1.00 13.55 ? 52  GLU A CB  1 
ATOM   404 C  CG  . GLU A 1 52 ? -2.861  -15.768 -1.463  1.00 15.11 ? 52  GLU A CG  1 
ATOM   405 C  CD  . GLU A 1 52 ? -1.753  -16.315 -0.588  1.00 20.07 ? 52  GLU A CD  1 
ATOM   406 O  OE1 . GLU A 1 52 ? -0.748  -16.741 -1.170  1.00 23.92 ? 52  GLU A OE1 1 
ATOM   407 O  OE2 . GLU A 1 52 ? -2.036  -16.327 0.616   1.00 22.77 ? 52  GLU A OE2 1 
ATOM   408 N  N   . ILE A 1 53 ? -2.395  -12.013 -4.134  1.00 10.19 ? 53  ILE A N   1 
ATOM   409 C  CA  . ILE A 1 53 ? -2.283  -10.570 -4.407  1.00 10.60 ? 53  ILE A CA  1 
ATOM   410 C  C   . ILE A 1 53 ? -3.482  -10.076 -5.169  1.00 10.16 ? 53  ILE A C   1 
ATOM   411 O  O   . ILE A 1 53 ? -4.007  -8.997  -4.881  1.00 10.91 ? 53  ILE A O   1 
ATOM   412 C  CB  . ILE A 1 53 ? -0.989  -10.274 -5.141  1.00 10.34 ? 53  ILE A CB  1 
ATOM   413 C  CG1 . ILE A 1 53 ? 0.202   -10.492 -4.223  1.00 11.56 ? 53  ILE A CG1 1 
ATOM   414 C  CG2 . ILE A 1 53 ? -0.948  -8.857  -5.710  1.00 12.05 ? 53  ILE A CG2 1 
ATOM   415 C  CD1 . ILE A 1 53 ? 1.558   -10.359 -4.894  1.00 12.75 ? 53  ILE A CD1 1 
ATOM   416 N  N   . ALA A 1 54 ? -3.991  -10.866 -6.112  1.00 10.05 ? 54  ALA A N   1 
ATOM   417 C  CA  . ALA A 1 54 ? -5.129  -10.420 -6.922  1.00 10.52 ? 54  ALA A CA  1 
ATOM   418 C  C   . ALA A 1 54 ? -6.337  -10.207 -6.027  1.00 11.00 ? 54  ALA A C   1 
ATOM   419 O  O   . ALA A 1 54 ? -7.141  -9.296  -6.263  1.00 12.15 ? 54  ALA A O   1 
ATOM   420 C  CB  . ALA A 1 54 ? -5.418  -11.477 -7.951  1.00 11.86 ? 54  ALA A CB  1 
ATOM   421 N  N   . ARG A 1 55 ? -6.518  -10.979 -4.981  1.00 11.04 ? 55  ARG A N   1 
ATOM   422 C  CA  . ARG A 1 55 ? -7.656  -10.788 -4.091  1.00 11.69 ? 55  ARG A CA  1 
ATOM   423 C  C   . ARG A 1 55 ? -7.488  -9.524  -3.287  1.00 12.08 ? 55  ARG A C   1 
ATOM   424 O  O   . ARG A 1 55 ? -8.473  -8.823  -3.000  1.00 12.67 ? 55  ARG A O   1 
ATOM   425 C  CB  . ARG A 1 55 ? -7.834  -11.975 -3.163  1.00 14.20 ? 55  ARG A CB  1 
ATOM   426 C  CG  . ARG A 1 55 ? -8.882  -12.943 -3.744  1.00 15.63 ? 55  ARG A CG  1 
ATOM   427 C  CD  . ARG A 1 55 ? -8.306  -13.700 -4.922  1.00 17.82 ? 55  ARG A CD  1 
ATOM   428 N  NE  . ARG A 1 55 ? -8.649  -13.160 -6.233  1.00 17.02 ? 55  ARG A NE  1 
ATOM   429 C  CZ  . ARG A 1 55 ? -8.135  -13.709 -7.328  1.00 17.39 ? 55  ARG A CZ  1 
ATOM   430 N  NH1 . ARG A 1 55 ? -7.251  -14.682 -7.134  1.00 15.49 ? 55  ARG A NH1 1 
ATOM   431 N  NH2 . ARG A 1 55 ? -8.518  -13.237 -8.501  1.00 16.93 ? 55  ARG A NH2 1 
ATOM   432 N  N   . LEU A 1 56 ? -6.276  -9.147  -2.870  1.00 12.26 ? 56  LEU A N   1 
ATOM   433 C  CA  . LEU A 1 56 ? -6.095  -7.870  -2.159  1.00 13.39 ? 56  LEU A CA  1 
ATOM   434 C  C   . LEU A 1 56 ? -6.418  -6.729  -3.112  1.00 12.80 ? 56  LEU A C   1 
ATOM   435 O  O   . LEU A 1 56 ? -7.079  -5.729  -2.708  1.00 14.17 ? 56  LEU A O   1 
ATOM   436 C  CB  . LEU A 1 56 ? -4.628  -7.775  -1.757  1.00 16.62 ? 56  LEU A CB  1 
ATOM   437 C  CG  . LEU A 1 56 ? -4.094  -8.501  -0.541  1.00 20.81 ? 56  LEU A CG  1 
ATOM   438 C  CD1 . LEU A 1 56 ? -2.849  -7.735  -0.037  1.00 23.46 ? 56  LEU A CD1 1 
ATOM   439 C  CD2 . LEU A 1 56 ? -5.079  -8.689  0.593   1.00 23.20 ? 56  LEU A CD2 1 
HETATM 440 N  N   . MSE A 1 57 ? -5.987  -6.824  -4.344  1.00 12.48 ? 57  MSE A N   1 
HETATM 441 C  CA  . MSE A 1 57 ? -6.295  -5.712  -5.296  1.00 13.59 ? 57  MSE A CA  1 
HETATM 442 C  C   . MSE A 1 57 ? -7.786  -5.644  -5.574  1.00 13.57 ? 57  MSE A C   1 
HETATM 443 O  O   . MSE A 1 57 ? -8.331  -4.539  -5.670  1.00 15.27 ? 57  MSE A O   1 
HETATM 444 C  CB  . MSE A 1 57 ? -5.536  -5.910  -6.607  1.00 16.15 ? 57  MSE A CB  1 
HETATM 445 C  CG  . MSE A 1 57 ? -3.998  -5.934  -6.459  1.00 15.60 ? 57  MSE A CG  1 
HETATM 446 SE SE  . MSE A 1 57 ? -3.321  -4.282  -5.788  1.00 12.60 ? 57  MSE A SE  1 
HETATM 447 C  CE  . MSE A 1 57 ? -3.087  -4.439  -4.114  1.00 17.82 ? 57  MSE A CE  1 
ATOM   448 N  N   . GLU A 1 58 ? -8.471  -6.772  -5.696  1.00 13.21 ? 58  GLU A N   1 
ATOM   449 C  CA  . GLU A 1 58 ? -9.909  -6.786  -5.913  1.00 14.99 ? 58  GLU A CA  1 
ATOM   450 C  C   . GLU A 1 58 ? -10.596 -6.170  -4.719  1.00 13.45 ? 58  GLU A C   1 
ATOM   451 O  O   . GLU A 1 58 ? -11.638 -5.492  -4.906  1.00 15.00 ? 58  GLU A O   1 
ATOM   452 C  CB  . GLU A 1 58 ? -10.438 -8.201  -6.155  1.00 15.35 ? 58  GLU A CB  1 
ATOM   453 C  CG  . GLU A 1 58 ? -10.149 -8.803  -7.510  1.00 19.83 ? 58  GLU A CG  1 
ATOM   454 C  CD  . GLU A 1 58 ? -10.195 -10.317 -7.570  1.00 22.37 ? 58  GLU A CD  1 
ATOM   455 O  OE1 . GLU A 1 58 ? -10.469 -11.045 -6.606  1.00 22.08 ? 58  GLU A OE1 1 
ATOM   456 O  OE2 . GLU A 1 58 ? -9.853  -10.801 -8.681  1.00 27.24 ? 58  GLU A OE2 1 
ATOM   457 N  N   . ASP A 1 59 ? -10.135 -6.446  -3.516  1.00 12.08 ? 59  ASP A N   1 
ATOM   458 C  CA  . ASP A 1 59 ? -10.809 -5.867  -2.350  1.00 14.59 ? 59  ASP A CA  1 
ATOM   459 C  C   . ASP A 1 59 ? -10.717 -4.350  -2.310  1.00 12.78 ? 59  ASP A C   1 
ATOM   460 O  O   . ASP A 1 59 ? -11.677 -3.664  -1.978  1.00 13.92 ? 59  ASP A O   1 
ATOM   461 C  CB  . ASP A 1 59 ? -10.312 -6.507  -1.047  1.00 18.14 ? 59  ASP A CB  1 
ATOM   462 C  CG  . ASP A 1 59 ? -11.393 -6.237  0.016   1.00 24.10 ? 59  ASP A CG  1 
ATOM   463 O  OD1 . ASP A 1 59 ? -12.556 -6.723  -0.078  1.00 27.27 ? 59  ASP A OD1 1 
ATOM   464 O  OD2 . ASP A 1 59 ? -11.107 -5.508  0.961   1.00 28.61 ? 59  ASP A OD2 1 
ATOM   465 N  N   . LEU A 1 60 ? -9.565  -3.835  -2.742  1.00 12.02 ? 60  LEU A N   1 
ATOM   466 C  CA  . LEU A 1 60 ? -9.440  -2.379  -2.851  1.00 12.10 ? 60  LEU A CA  1 
ATOM   467 C  C   . LEU A 1 60 ? -10.447 -1.853  -3.857  1.00 12.17 ? 60  LEU A C   1 
ATOM   468 O  O   . LEU A 1 60 ? -11.124 -0.865  -3.577  1.00 14.14 ? 60  LEU A O   1 
ATOM   469 C  CB  . LEU A 1 60 ? -8.046  -1.957  -3.220  1.00 11.42 ? 60  LEU A CB  1 
ATOM   470 C  CG  . LEU A 1 60 ? -6.949  -2.278  -2.193  1.00 12.40 ? 60  LEU A CG  1 
ATOM   471 C  CD1 . LEU A 1 60 ? -5.578  -1.787  -2.654  1.00 13.24 ? 60  LEU A CD1 1 
ATOM   472 C  CD2 . LEU A 1 60 ? -7.278  -1.618  -0.858  1.00 14.89 ? 60  LEU A CD2 1 
ATOM   473 N  N   . ASP A 1 61 ? -10.561 -2.448  -5.030  1.00 13.65 ? 61  ASP A N   1 
ATOM   474 C  CA  . ASP A 1 61 ? -11.529 -1.960  -6.021  1.00 13.91 ? 61  ASP A CA  1 
ATOM   475 C  C   . ASP A 1 61 ? -12.949 -2.152  -5.521  1.00 13.43 ? 61  ASP A C   1 
ATOM   476 O  O   . ASP A 1 61 ? -13.725 -1.184  -5.699  1.00 14.06 ? 61  ASP A O   1 
ATOM   477 C  CB  . ASP A 1 61 ? -11.355 -2.765  -7.306  1.00 18.75 ? 61  ASP A CB  1 
ATOM   478 C  CG  . ASP A 1 61 ? -10.282 -2.283  -8.259  1.00 23.60 ? 61  ASP A CG  1 
ATOM   479 O  OD1 . ASP A 1 61 ? -9.966  -1.083  -8.344  1.00 28.67 ? 61  ASP A OD1 1 
ATOM   480 O  OD2 . ASP A 1 61 ? -9.736  -3.119  -9.003  1.00 27.28 ? 61  ASP A OD2 1 
ATOM   481 N  N   . ARG A 1 62 ? -13.293 -3.193  -4.820  1.00 13.37 ? 62  ARG A N   1 
ATOM   482 C  CA  . ARG A 1 62 ? -14.653 -3.371  -4.320  1.00 14.74 ? 62  ARG A CA  1 
ATOM   483 C  C   . ARG A 1 62 ? -15.009 -2.345  -3.267  1.00 13.14 ? 62  ARG A C   1 
ATOM   484 O  O   . ARG A 1 62 ? -16.184 -2.011  -3.094  1.00 14.87 ? 62  ARG A O   1 
ATOM   485 C  CB  . ARG A 1 62 ? -14.737 -4.791  -3.743  1.00 17.91 ? 62  ARG A CB  1 
ATOM   486 C  CG  . ARG A 1 62 ? -14.959 -5.838  -4.820  1.00 24.06 ? 62  ARG A CG  1 
ATOM   487 C  CD  . ARG A 1 62 ? -15.686 -7.063  -4.292  1.00 29.58 ? 62  ARG A CD  1 
ATOM   488 N  NE  . ARG A 1 62 ? -16.811 -7.524  -5.088  1.00 33.45 ? 62  ARG A NE  1 
ATOM   489 C  CZ  . ARG A 1 62 ? -16.902 -7.677  -6.401  1.00 34.68 ? 62  ARG A CZ  1 
ATOM   490 N  NH1 . ARG A 1 62 ? -15.900 -7.405  -7.227  1.00 36.48 ? 62  ARG A NH1 1 
ATOM   491 N  NH2 . ARG A 1 62 ? -18.039 -8.113  -6.937  1.00 36.36 ? 62  ARG A NH2 1 
ATOM   492 N  N   . ASN A 1 63 ? -14.010 -1.787  -2.568  1.00 12.19 ? 63  ASN A N   1 
ATOM   493 C  CA  . ASN A 1 63 ? -14.190 -0.797  -1.525  1.00 12.31 ? 63  ASN A CA  1 
ATOM   494 C  C   . ASN A 1 63 ? -13.513 0.505   -1.881  1.00 11.50 ? 63  ASN A C   1 
ATOM   495 O  O   . ASN A 1 63 ? -13.071 1.264   -0.997  1.00 11.63 ? 63  ASN A O   1 
ATOM   496 C  CB  . ASN A 1 63 ? -13.585 -1.330  -0.202  1.00 13.22 ? 63  ASN A CB  1 
ATOM   497 C  CG  . ASN A 1 63 ? -14.418 -2.526  0.191   1.00 14.20 ? 63  ASN A CG  1 
ATOM   498 O  OD1 . ASN A 1 63 ? -15.573 -2.379  0.634   1.00 15.11 ? 63  ASN A OD1 1 
ATOM   499 N  ND2 . ASN A 1 63 ? -13.911 -3.728  -0.023  1.00 18.32 ? 63  ASN A ND2 1 
ATOM   500 N  N   . LYS A 1 64 ? -13.495 0.850   -3.158  1.00 11.57 ? 64  LYS A N   1 
ATOM   501 C  CA  . LYS A 1 64 ? -12.691 1.941   -3.697  1.00 11.42 ? 64  LYS A CA  1 
ATOM   502 C  C   . LYS A 1 64 ? -12.911 3.302   -3.104  1.00 11.97 ? 64  LYS A C   1 
ATOM   503 O  O   . LYS A 1 64 ? -11.993 4.135   -3.074  1.00 11.94 ? 64  LYS A O   1 
ATOM   504 C  CB  . LYS A 1 64 ? -12.944 2.004   -5.225  1.00 13.52 ? 64  LYS A CB  1 
ATOM   505 C  CG  . LYS A 1 64 ? -14.390 2.337   -5.598  1.00 13.24 ? 64  LYS A CG  1 
ATOM   506 C  CD  . LYS A 1 64 ? -14.557 2.287   -7.120  1.00 14.96 ? 64  LYS A CD  1 
ATOM   507 C  CE  A LYS A 1 64 ? -15.963 2.735   -7.513  0.50 15.65 ? 64  LYS A CE  1 
ATOM   508 C  CE  B LYS A 1 64 ? -16.046 2.334   -7.502  0.50 13.53 ? 64  LYS A CE  1 
ATOM   509 N  NZ  A LYS A 1 64 ? -16.250 2.316   -8.912  0.50 17.56 ? 64  LYS A NZ  1 
ATOM   510 N  NZ  B LYS A 1 64 ? -16.598 3.702   -7.283  0.50 14.70 ? 64  LYS A NZ  1 
ATOM   511 N  N   . ASP A 1 65 ? -14.122 3.582   -2.627  1.00 12.09 ? 65  ASP A N   1 
ATOM   512 C  CA  . ASP A 1 65 ? -14.424 4.913   -2.083  1.00 13.12 ? 65  ASP A CA  1 
ATOM   513 C  C   . ASP A 1 65 ? -14.205 5.005   -0.582  1.00 12.89 ? 65  ASP A C   1 
ATOM   514 O  O   . ASP A 1 65 ? -14.501 6.085   -0.021  1.00 17.23 ? 65  ASP A O   1 
ATOM   515 C  CB  . ASP A 1 65 ? -15.849 5.311   -2.476  1.00 15.62 ? 65  ASP A CB  1 
ATOM   516 C  CG  . ASP A 1 65 ? -15.970 5.448   -3.987  1.00 18.19 ? 65  ASP A CG  1 
ATOM   517 O  OD1 . ASP A 1 65 ? -15.144 6.193   -4.561  1.00 20.67 ? 65  ASP A OD1 1 
ATOM   518 O  OD2 . ASP A 1 65 ? -16.844 4.788   -4.604  1.00 20.33 ? 65  ASP A OD2 1 
ATOM   519 N  N   . GLN A 1 66 ? -13.884 3.927   0.063   1.00 12.36 ? 66  GLN A N   1 
ATOM   520 C  CA  . GLN A 1 66 ? -13.603 3.970   1.492   1.00 12.99 ? 66  GLN A CA  1 
ATOM   521 C  C   . GLN A 1 66 ? -12.256 4.632   1.753   1.00 12.28 ? 66  GLN A C   1 
ATOM   522 O  O   . GLN A 1 66 ? -11.301 4.490   0.952   1.00 13.90 ? 66  GLN A O   1 
ATOM   523 C  CB  . GLN A 1 66 ? -13.604 2.571   2.066   1.00 13.18 ? 66  GLN A CB  1 
ATOM   524 C  CG  . GLN A 1 66 ? -15.010 1.964   2.039   1.00 15.78 ? 66  GLN A CG  1 
ATOM   525 C  CD  . GLN A 1 66 ? -15.020 0.626   2.726   1.00 19.01 ? 66  GLN A CD  1 
ATOM   526 O  OE1 . GLN A 1 66 ? -14.059 -0.082  2.932   1.00 18.42 ? 66  GLN A OE1 1 
ATOM   527 N  NE2 . GLN A 1 66 ? -16.213 0.217   3.185   1.00 21.06 ? 66  GLN A NE2 1 
ATOM   528 N  N   . GLU A 1 67 ? -12.135 5.405   2.813   1.00 12.89 ? 67  GLU A N   1 
ATOM   529 C  CA  . GLU A 1 67 ? -10.900 6.081   3.187   1.00 12.09 ? 67  GLU A CA  1 
ATOM   530 C  C   . GLU A 1 67 ? -10.042 5.174   4.044   1.00 11.04 ? 67  GLU A C   1 
ATOM   531 O  O   . GLU A 1 67 ? -10.537 4.279   4.694   1.00 12.48 ? 67  GLU A O   1 
ATOM   532 C  CB  . GLU A 1 67 ? -11.159 7.399   3.947   1.00 14.49 ? 67  GLU A CB  1 
ATOM   533 C  CG  . GLU A 1 67 ? -11.721 8.427   2.949   1.00 18.19 ? 67  GLU A CG  1 
ATOM   534 C  CD  . GLU A 1 67 ? -10.822 8.951   1.863   1.00 20.54 ? 67  GLU A CD  1 
ATOM   535 O  OE1 . GLU A 1 67 ? -9.658  9.346   2.115   1.00 21.34 ? 67  GLU A OE1 1 
ATOM   536 O  OE2 . GLU A 1 67 ? -11.202 9.076   0.663   1.00 23.12 ? 67  GLU A OE2 1 
ATOM   537 N  N   . VAL A 1 68 ? -8.740  5.467   4.047   1.00 10.37 ? 68  VAL A N   1 
ATOM   538 C  CA  . VAL A 1 68 ? -7.718  4.741   4.781   1.00 10.29 ? 68  VAL A CA  1 
ATOM   539 C  C   . VAL A 1 68 ? -6.845  5.781   5.513   1.00 8.78  ? 68  VAL A C   1 
ATOM   540 O  O   . VAL A 1 68 ? -6.380  6.683   4.835   1.00 10.11 ? 68  VAL A O   1 
ATOM   541 C  CB  . VAL A 1 68 ? -6.873  3.972   3.725   1.00 12.30 ? 68  VAL A CB  1 
ATOM   542 C  CG1 . VAL A 1 68 ? -5.767  3.167   4.379   1.00 13.01 ? 68  VAL A CG1 1 
ATOM   543 C  CG2 . VAL A 1 68 ? -7.712  3.117   2.784   1.00 13.38 ? 68  VAL A CG2 1 
ATOM   544 N  N   . ASN A 1 69 ? -6.665  5.561   6.801   1.00 7.93  ? 69  ASN A N   1 
ATOM   545 C  CA  . ASN A 1 69 ? -5.751  6.448   7.541   1.00 7.86  ? 69  ASN A CA  1 
ATOM   546 C  C   . ASN A 1 69 ? -4.354  5.840   7.500   1.00 7.77  ? 69  ASN A C   1 
ATOM   547 O  O   . ASN A 1 69 ? -4.103  4.772   6.927   1.00 7.86  ? 69  ASN A O   1 
ATOM   548 C  CB  . ASN A 1 69 ? -6.263  6.719   8.933   1.00 8.49  ? 69  ASN A CB  1 
ATOM   549 C  CG  . ASN A 1 69 ? -6.307  5.518   9.860   1.00 8.82  ? 69  ASN A CG  1 
ATOM   550 O  OD1 . ASN A 1 69 ? -5.786  4.459   9.524   1.00 9.81  ? 69  ASN A OD1 1 
ATOM   551 N  ND2 . ASN A 1 69 ? -6.915  5.694   11.023  1.00 10.04 ? 69  ASN A ND2 1 
ATOM   552 N  N   . PHE A 1 70 ? -3.374  6.546   8.104   1.00 8.08  ? 70  PHE A N   1 
ATOM   553 C  CA  . PHE A 1 70 ? -1.998  6.082   8.083   1.00 8.10  ? 70  PHE A CA  1 
ATOM   554 C  C   . PHE A 1 70 ? -1.829  4.723   8.745   1.00 7.65  ? 70  PHE A C   1 
ATOM   555 O  O   . PHE A 1 70 ? -1.177  3.809   8.175   1.00 8.10  ? 70  PHE A O   1 
ATOM   556 C  CB  . PHE A 1 70 ? -1.079  7.134   8.720   1.00 8.35  ? 70  PHE A CB  1 
ATOM   557 C  CG  . PHE A 1 70 ? 0.348   6.661   8.742   1.00 8.25  ? 70  PHE A CG  1 
ATOM   558 C  CD1 . PHE A 1 70 ? 1.146   6.728   7.647   1.00 8.50  ? 70  PHE A CD1 1 
ATOM   559 C  CD2 . PHE A 1 70 ? 0.880   6.117   9.889   1.00 9.70  ? 70  PHE A CD2 1 
ATOM   560 C  CE1 . PHE A 1 70 ? 2.476   6.287   7.686   1.00 9.78  ? 70  PHE A CE1 1 
ATOM   561 C  CE2 . PHE A 1 70 ? 2.182   5.669   9.941   1.00 10.52 ? 70  PHE A CE2 1 
ATOM   562 C  CZ  . PHE A 1 70 ? 2.989   5.753   8.844   1.00 10.44 ? 70  PHE A CZ  1 
ATOM   563 N  N   . GLN A 1 71 ? -2.424  4.520   9.888   1.00 7.44  ? 71  GLN A N   1 
ATOM   564 C  CA  . GLN A 1 71 ? -2.323  3.232   10.569  1.00 8.50  ? 71  GLN A CA  1 
ATOM   565 C  C   . GLN A 1 71 ? -2.843  2.104   9.686   1.00 8.15  ? 71  GLN A C   1 
ATOM   566 O  O   . GLN A 1 71 ? -2.191  1.030   9.607   1.00 8.68  ? 71  GLN A O   1 
ATOM   567 C  CB  . GLN A 1 71 ? -3.104  3.271   11.890  1.00 8.52  ? 71  GLN A CB  1 
ATOM   568 C  CG  . GLN A 1 71 ? -3.267  1.922   12.598  1.00 9.66  ? 71  GLN A CG  1 
ATOM   569 C  CD  . GLN A 1 71 ? -1.980  1.421   13.192  1.00 9.39  ? 71  GLN A CD  1 
ATOM   570 O  OE1 . GLN A 1 71 ? -1.710  1.669   14.372  1.00 11.83 ? 71  GLN A OE1 1 
ATOM   571 N  NE2 . GLN A 1 71 ? -1.170  0.681   12.458  1.00 10.27 ? 71  GLN A NE2 1 
ATOM   572 N  N   . GLU A 1 72 ? -3.975  2.291   9.041   1.00 8.44  ? 72  GLU A N   1 
ATOM   573 C  CA  . GLU A 1 72 ? -4.546  1.236   8.200   1.00 8.59  ? 72  GLU A CA  1 
ATOM   574 C  C   . GLU A 1 72 ? -3.698  1.025   6.958   1.00 7.80  ? 72  GLU A C   1 
ATOM   575 O  O   . GLU A 1 72 ? -3.566  -0.151  6.501   1.00 8.51  ? 72  GLU A O   1 
ATOM   576 C  CB  . GLU A 1 72 ? -5.977  1.680   7.818   1.00 9.07  ? 72  GLU A CB  1 
ATOM   577 C  CG  . GLU A 1 72 ? -6.895  1.661   9.039   1.00 11.55 ? 72  GLU A CG  1 
ATOM   578 C  CD  . GLU A 1 72 ? -8.086  2.581   8.846   1.00 13.09 ? 72  GLU A CD  1 
ATOM   579 O  OE1 . GLU A 1 72 ? -8.291  3.246   7.844   1.00 14.35 ? 72  GLU A OE1 1 
ATOM   580 O  OE2 . GLU A 1 72 ? -8.932  2.687   9.790   1.00 16.81 ? 72  GLU A OE2 1 
ATOM   581 N  N   . TYR A 1 73 ? -3.116  2.047   6.391   1.00 7.43  ? 73  TYR A N   1 
ATOM   582 C  CA  . TYR A 1 73 ? -2.168  1.933   5.271   1.00 8.26  ? 73  TYR A CA  1 
ATOM   583 C  C   . TYR A 1 73 ? -0.996  1.086   5.674   1.00 7.99  ? 73  TYR A C   1 
ATOM   584 O  O   . TYR A 1 73 ? -0.587  0.188   4.910   1.00 8.33  ? 73  TYR A O   1 
ATOM   585 C  CB  . TYR A 1 73 ? -1.784  3.321   4.807   1.00 8.17  ? 73  TYR A CB  1 
ATOM   586 C  CG  . TYR A 1 73 ? -0.429  3.458   4.177   1.00 7.76  ? 73  TYR A CG  1 
ATOM   587 C  CD1 . TYR A 1 73 ? -0.178  3.198   2.841   1.00 7.91  ? 73  TYR A CD1 1 
ATOM   588 C  CD2 . TYR A 1 73 ? 0.649   3.967   4.925   1.00 7.70  ? 73  TYR A CD2 1 
ATOM   589 C  CE1 . TYR A 1 73 ? 1.063   3.410   2.274   1.00 8.31  ? 73  TYR A CE1 1 
ATOM   590 C  CE2 . TYR A 1 73 ? 1.896   4.174   4.341   1.00 8.04  ? 73  TYR A CE2 1 
ATOM   591 C  CZ  . TYR A 1 73 ? 2.093   3.928   3.019   1.00 7.92  ? 73  TYR A CZ  1 
ATOM   592 O  OH  . TYR A 1 73 ? 3.317   4.151   2.417   1.00 9.08  ? 73  TYR A OH  1 
ATOM   593 N  N   . VAL A 1 74 ? -0.378  1.342   6.819   1.00 8.14  ? 74  VAL A N   1 
ATOM   594 C  CA  . VAL A 1 74 ? 0.764   0.562   7.270   1.00 7.65  ? 74  VAL A CA  1 
ATOM   595 C  C   . VAL A 1 74 ? 0.364   -0.880  7.494   1.00 7.78  ? 74  VAL A C   1 
ATOM   596 O  O   . VAL A 1 74 ? 1.074   -1.824  7.065   1.00 8.44  ? 74  VAL A O   1 
ATOM   597 C  CB  . VAL A 1 74 ? 1.415   1.193   8.505   1.00 8.90  ? 74  VAL A CB  1 
ATOM   598 C  CG1 . VAL A 1 74 ? 2.506   0.289   9.019   1.00 10.18 ? 74  VAL A CG1 1 
ATOM   599 C  CG2 . VAL A 1 74 ? 2.005   2.563   8.173   1.00 9.34  ? 74  VAL A CG2 1 
ATOM   600 N  N   . THR A 1 75 ? -0.775  -1.114  8.181   1.00 7.64  ? 75  THR A N   1 
ATOM   601 C  CA  . THR A 1 75 ? -1.242  -2.489  8.353   1.00 7.99  ? 75  THR A CA  1 
ATOM   602 C  C   . THR A 1 75 ? -1.375  -3.200  7.019   1.00 7.92  ? 75  THR A C   1 
ATOM   603 O  O   . THR A 1 75 ? -1.019  -4.373  6.893   1.00 8.73  ? 75  THR A O   1 
ATOM   604 C  CB  . THR A 1 75 ? -2.545  -2.516  9.181   1.00 8.77  ? 75  THR A CB  1 
ATOM   605 O  OG1 . THR A 1 75 ? -2.199  -1.982  10.500  1.00 8.59  ? 75  THR A OG1 1 
ATOM   606 C  CG2 . THR A 1 75 ? -3.213  -3.853  9.252   1.00 9.51  ? 75  THR A CG2 1 
ATOM   607 N  N   . PHE A 1 76 ? -1.978  -2.539  6.055   1.00 8.08  ? 76  PHE A N   1 
ATOM   608 C  CA  . PHE A 1 76 ? -2.173  -3.106  4.712   1.00 9.10  ? 76  PHE A CA  1 
ATOM   609 C  C   . PHE A 1 76 ? -0.858  -3.442  4.071   1.00 8.58  ? 76  PHE A C   1 
ATOM   610 O  O   . PHE A 1 76 ? -0.702  -4.508  3.455   1.00 9.09  ? 76  PHE A O   1 
ATOM   611 C  CB  . PHE A 1 76 ? -2.968  -2.080  3.864   1.00 9.77  ? 76  PHE A CB  1 
ATOM   612 C  CG  . PHE A 1 76 ? -3.115  -2.555  2.439   1.00 11.80 ? 76  PHE A CG  1 
ATOM   613 C  CD1 . PHE A 1 76 ? -4.170  -3.347  2.087   1.00 14.45 ? 76  PHE A CD1 1 
ATOM   614 C  CD2 . PHE A 1 76 ? -2.191  -2.275  1.440   1.00 14.68 ? 76  PHE A CD2 1 
ATOM   615 C  CE1 . PHE A 1 76 ? -4.352  -3.824  0.783   1.00 17.24 ? 76  PHE A CE1 1 
ATOM   616 C  CE2 . PHE A 1 76 ? -2.349  -2.712  0.131   1.00 17.37 ? 76  PHE A CE2 1 
ATOM   617 C  CZ  . PHE A 1 76 ? -3.437  -3.496  -0.156  1.00 17.67 ? 76  PHE A CZ  1 
ATOM   618 N  N   . LEU A 1 77 ? 0.154   -2.573  4.181   1.00 8.54  ? 77  LEU A N   1 
ATOM   619 C  CA  . LEU A 1 77 ? 1.462   -2.908  3.624   1.00 9.64  ? 77  LEU A CA  1 
ATOM   620 C  C   . LEU A 1 77 ? 2.022   -4.140  4.265   1.00 8.60  ? 77  LEU A C   1 
ATOM   621 O  O   . LEU A 1 77 ? 2.724   -4.926  3.594   1.00 9.38  ? 77  LEU A O   1 
ATOM   622 C  CB  . LEU A 1 77 ? 2.450   -1.771  3.779   1.00 9.87  ? 77  LEU A CB  1 
ATOM   623 C  CG  . LEU A 1 77 ? 2.164   -0.548  2.893   1.00 12.68 ? 77  LEU A CG  1 
ATOM   624 C  CD1 . LEU A 1 77 ? 3.249   0.505   3.159   1.00 14.71 ? 77  LEU A CD1 1 
ATOM   625 C  CD2 . LEU A 1 77 ? 2.068   -0.897  1.421   1.00 13.76 ? 77  LEU A CD2 1 
ATOM   626 N  N   . GLY A 1 78 ? 1.801   -4.360  5.543   1.00 8.59  ? 78  GLY A N   1 
ATOM   627 C  CA  . GLY A 1 78 ? 2.231   -5.596  6.187   1.00 8.97  ? 78  GLY A CA  1 
ATOM   628 C  C   . GLY A 1 78 ? 1.528   -6.817  5.607   1.00 8.00  ? 78  GLY A C   1 
ATOM   629 O  O   . GLY A 1 78 ? 2.180   -7.846  5.290   1.00 9.33  ? 78  GLY A O   1 
ATOM   630 N  N   . ALA A 1 79 ? 0.228   -6.708  5.375   1.00 8.79  ? 79  ALA A N   1 
ATOM   631 C  CA  . ALA A 1 79 ? -0.521  -7.805  4.768   1.00 8.66  ? 79  ALA A CA  1 
ATOM   632 C  C   . ALA A 1 79 ? 0.023   -8.109  3.392   1.00 8.61  ? 79  ALA A C   1 
ATOM   633 O  O   . ALA A 1 79 ? 0.183   -9.297  3.015   1.00 9.83  ? 79  ALA A O   1 
ATOM   634 C  CB  . ALA A 1 79 ? -1.990  -7.429  4.719   1.00 9.74  ? 79  ALA A CB  1 
ATOM   635 N  N   . LEU A 1 80 ? 0.268   -7.075  2.591   1.00 8.36  ? 80  LEU A N   1 
ATOM   636 C  CA  . LEU A 1 80 ? 0.768   -7.300  1.239   1.00 9.74  ? 80  LEU A CA  1 
ATOM   637 C  C   . LEU A 1 80 ? 2.156   -7.867  1.295   1.00 9.04  ? 80  LEU A C   1 
ATOM   638 O  O   . LEU A 1 80 ? 2.471   -8.788  0.511   1.00 9.68  ? 80  LEU A O   1 
ATOM   639 C  CB  . LEU A 1 80 ? 0.788   -5.939  0.534   1.00 10.30 ? 80  LEU A CB  1 
ATOM   640 C  CG  . LEU A 1 80 ? 1.411   -5.952  -0.875  1.00 11.08 ? 80  LEU A CG  1 
ATOM   641 C  CD1 . LEU A 1 80 ? 0.697   -6.941  -1.775  1.00 13.31 ? 80  LEU A CD1 1 
ATOM   642 C  CD2 . LEU A 1 80 ? 1.356   -4.573  -1.490  1.00 14.04 ? 80  LEU A CD2 1 
ATOM   643 N  N   . ALA A 1 81 ? 3.055   -7.349  2.142   1.00 9.24  ? 81  ALA A N   1 
ATOM   644 C  CA  . ALA A 1 81 ? 4.408   -7.902  2.207   1.00 9.03  ? 81  ALA A CA  1 
ATOM   645 C  C   . ALA A 1 81 ? 4.418   -9.387  2.434   1.00 8.61  ? 81  ALA A C   1 
ATOM   646 O  O   . ALA A 1 81 ? 5.243   -10.118 1.852   1.00 9.31  ? 81  ALA A O   1 
ATOM   647 C  CB  . ALA A 1 81 ? 5.223   -7.182  3.257   1.00 9.52  ? 81  ALA A CB  1 
ATOM   648 N  N   . LEU A 1 82 ? 3.534   -9.906  3.279   1.00 8.54  ? 82  LEU A N   1 
ATOM   649 C  CA  . LEU A 1 82 ? 3.506   -11.340 3.519   1.00 10.14 ? 82  LEU A CA  1 
ATOM   650 C  C   . LEU A 1 82 ? 3.294   -12.166 2.259   1.00 10.49 ? 82  LEU A C   1 
ATOM   651 O  O   . LEU A 1 82 ? 3.810   -13.312 2.200   1.00 12.23 ? 82  LEU A O   1 
ATOM   652 C  CB  . LEU A 1 82 ? 2.373   -11.651 4.511   1.00 10.20 ? 82  LEU A CB  1 
ATOM   653 C  CG  . LEU A 1 82 ? 2.699   -11.280 5.956   1.00 11.35 ? 82  LEU A CG  1 
ATOM   654 C  CD1 . LEU A 1 82 ? 1.461   -11.129 6.813   1.00 13.93 ? 82  LEU A CD1 1 
ATOM   655 C  CD2 . LEU A 1 82 ? 3.654   -12.316 6.595   1.00 11.23 ? 82  LEU A CD2 1 
ATOM   656 N  N   . ILE A 1 83 ? 2.593   -11.657 1.279   1.00 9.56  ? 83  ILE A N   1 
ATOM   657 C  CA  . ILE A 1 83 ? 2.312   -12.405 0.060   1.00 12.13 ? 83  ILE A CA  1 
ATOM   658 C  C   . ILE A 1 83 ? 3.106   -11.879 -1.099  1.00 11.17 ? 83  ILE A C   1 
ATOM   659 O  O   . ILE A 1 83 ? 2.992   -12.417 -2.225  1.00 14.41 ? 83  ILE A O   1 
ATOM   660 C  CB  . ILE A 1 83 ? 0.810   -12.387 -0.262  1.00 13.02 ? 83  ILE A CB  1 
ATOM   661 C  CG1 . ILE A 1 83 ? 0.232   -10.971 -0.379  1.00 11.71 ? 83  ILE A CG1 1 
ATOM   662 C  CG2 . ILE A 1 83 ? 0.063   -13.169 0.834   1.00 14.70 ? 83  ILE A CG2 1 
ATOM   663 C  CD1 . ILE A 1 83 ? -1.235  -10.945 -0.779  1.00 13.83 ? 83  ILE A CD1 1 
ATOM   664 N  N   . TYR A 1 84 ? 3.948   -10.878 -0.991  1.00 11.74 ? 84  TYR A N   1 
ATOM   665 C  CA  . TYR A 1 84 ? 4.703   -10.272 -2.053  1.00 11.09 ? 84  TYR A CA  1 
ATOM   666 C  C   . TYR A 1 84 ? 6.181   -10.331 -1.837  1.00 11.96 ? 84  TYR A C   1 
ATOM   667 O  O   . TYR A 1 84 ? 6.943   -10.461 -2.833  1.00 13.66 ? 84  TYR A O   1 
ATOM   668 C  CB  . TYR A 1 84 ? 4.228   -8.810  -2.144  1.00 12.44 ? 84  TYR A CB  1 
ATOM   669 C  CG  . TYR A 1 84 ? 5.069   -7.887  -2.960  1.00 11.44 ? 84  TYR A CG  1 
ATOM   670 C  CD1 . TYR A 1 84 ? 5.127   -7.968  -4.344  1.00 11.72 ? 84  TYR A CD1 1 
ATOM   671 C  CD2 . TYR A 1 84 ? 5.813   -6.895  -2.332  1.00 12.27 ? 84  TYR A CD2 1 
ATOM   672 C  CE1 . TYR A 1 84 ? 5.926   -7.123  -5.082  1.00 11.20 ? 84  TYR A CE1 1 
ATOM   673 C  CE2 . TYR A 1 84 ? 6.599   -6.029  -3.057  1.00 10.91 ? 84  TYR A CE2 1 
ATOM   674 C  CZ  . TYR A 1 84 ? 6.631   -6.130  -4.448  1.00 10.32 ? 84  TYR A CZ  1 
ATOM   675 O  OH  . TYR A 1 84 ? 7.412   -5.294  -5.216  1.00 12.37 ? 84  TYR A OH  1 
ATOM   676 N  N   . ASN A 1 85 ? 6.689   -10.099 -0.639  1.00 12.77 ? 85  ASN A N   1 
ATOM   677 C  CA  . ASN A 1 85 ? 8.133   -10.050 -0.410  1.00 13.50 ? 85  ASN A CA  1 
ATOM   678 C  C   . ASN A 1 85 ? 8.729   -11.419 -0.332  1.00 13.18 ? 85  ASN A C   1 
ATOM   679 O  O   . ASN A 1 85 ? 8.288   -12.302 0.368   1.00 13.50 ? 85  ASN A O   1 
ATOM   680 C  CB  . ASN A 1 85 ? 8.301   -9.171  0.843   1.00 15.02 ? 85  ASN A CB  1 
ATOM   681 C  CG  . ASN A 1 85 ? 9.775   -8.919  1.107   1.00 16.69 ? 85  ASN A CG  1 
ATOM   682 O  OD1 . ASN A 1 85 ? 10.276  -9.841  1.716   1.00 17.96 ? 85  ASN A OD1 1 
ATOM   683 N  ND2 . ASN A 1 85 ? 10.280  -7.775  0.662   1.00 17.57 ? 85  ASN A ND2 1 
ATOM   684 N  N   . GLU A 1 86 ? 9.847   -11.676 -1.097  1.00 16.16 ? 86  GLU A N   1 
ATOM   685 C  CA  . GLU A 1 86 ? 10.466  -12.973 -1.155  1.00 16.94 ? 86  GLU A CA  1 
ATOM   686 C  C   . GLU A 1 86 ? 11.013  -13.628 0.121   1.00 15.76 ? 86  GLU A C   1 
ATOM   687 O  O   . GLU A 1 86 ? 10.940  -14.796 0.410   1.00 17.96 ? 86  GLU A O   1 
ATOM   688 C  CB  . GLU A 1 86 ? 11.653  -13.133 -2.121  1.00 19.63 ? 86  GLU A CB  1 
ATOM   689 C  CG  . GLU A 1 86 ? 11.427  -13.669 -3.483  1.00 21.66 ? 86  GLU A CG  1 
ATOM   690 C  CD  . GLU A 1 86 ? 10.259  -14.459 -3.959  1.00 23.27 ? 86  GLU A CD  1 
ATOM   691 O  OE1 . GLU A 1 86 ? 9.081   -14.046 -3.917  1.00 27.97 ? 86  GLU A OE1 1 
ATOM   692 O  OE2 . GLU A 1 86 ? 10.453  -15.601 -4.453  1.00 27.69 ? 86  GLU A OE2 1 
ATOM   693 N  N   . ALA A 1 87 ? 11.562  -12.693 0.941   1.00 17.62 ? 87  ALA A N   1 
ATOM   694 C  CA  . ALA A 1 87 ? 12.119  -13.045 2.236   1.00 19.58 ? 87  ALA A CA  1 
ATOM   695 C  C   . ALA A 1 87 ? 11.064  -13.519 3.217   1.00 19.67 ? 87  ALA A C   1 
ATOM   696 O  O   . ALA A 1 87 ? 11.420  -14.230 4.158   1.00 24.19 ? 87  ALA A O   1 
ATOM   697 C  CB  . ALA A 1 87 ? 12.957  -11.904 2.815   1.00 20.78 ? 87  ALA A CB  1 
ATOM   698 N  N   . LEU A 1 88 ? 9.768   -13.248 3.021   1.00 16.34 ? 88  LEU A N   1 
ATOM   699 C  CA  . LEU A 1 88 ? 8.655   -13.730 3.821   1.00 15.22 ? 88  LEU A CA  1 
ATOM   700 C  C   . LEU A 1 88 ? 8.054   -15.051 3.326   1.00 16.09 ? 88  LEU A C   1 
ATOM   701 O  O   . LEU A 1 88 ? 7.123   -15.607 3.931   1.00 18.41 ? 88  LEU A O   1 
ATOM   702 C  CB  . LEU A 1 88 ? 7.586   -12.640 4.013   1.00 13.11 ? 88  LEU A CB  1 
ATOM   703 C  CG  . LEU A 1 88 ? 8.091   -11.488 4.889   1.00 11.85 ? 88  LEU A CG  1 
ATOM   704 C  CD1 . LEU A 1 88 ? 6.985   -10.441 4.948   1.00 11.97 ? 88  LEU A CD1 1 
ATOM   705 C  CD2 . LEU A 1 88 ? 8.487   -11.903 6.287   1.00 14.12 ? 88  LEU A CD2 1 
ATOM   706 N  N   . LYS A 1 89 ? 8.667   -15.631 2.279   1.00 19.47 ? 89  LYS A N   1 
ATOM   707 C  CA  . LYS A 1 89 ? 8.239   -16.967 1.818   1.00 21.36 ? 89  LYS A CA  1 
ATOM   708 C  C   . LYS A 1 89 ? 8.732   -17.976 2.837   1.00 21.75 ? 89  LYS A C   1 
ATOM   709 O  O   . LYS A 1 89 ? 9.738   -17.806 3.532   1.00 23.03 ? 89  LYS A O   1 
ATOM   710 C  CB  . LYS A 1 89 ? 8.824   -17.206 0.426   1.00 23.67 ? 89  LYS A CB  1 
ATOM   711 C  CG  . LYS A 1 89 ? 8.264   -16.295 -0.649  1.00 26.66 ? 89  LYS A CG  1 
ATOM   712 C  CD  . LYS A 1 89 ? 6.765   -16.459 -0.837  1.00 29.13 ? 89  LYS A CD  1 
ATOM   713 C  CE  . LYS A 1 89 ? 6.276   -15.877 -2.144  1.00 31.65 ? 89  LYS A CE  1 
ATOM   714 N  NZ  . LYS A 1 89 ? 6.282   -14.391 -2.164  1.00 33.11 ? 89  LYS A NZ  1 
ATOM   715 N  N   . GLY A 1 90 ? 7.962   -19.029 3.092   1.00 22.07 ? 90  GLY A N   1 
ATOM   716 C  CA  . GLY A 1 90 ? 8.295   -20.062 4.055   1.00 22.22 ? 90  GLY A CA  1 
ATOM   717 C  C   . GLY A 1 90 ? 8.010   -19.710 5.504   1.00 22.04 ? 90  GLY A C   1 
ATOM   718 O  O   . GLY A 1 90 ? 8.256   -20.550 6.403   1.00 24.65 ? 90  GLY A O   1 
ATOM   719 O  OXT . GLY A 1 90 ? 7.444   -18.633 5.791   1.00 20.54 ? 90  GLY A OXT 1 
HETATM 720 O  O   . HOH B 2 .  ? -6.400  12.696  1.046   1.00 9.27  ? 91  HOH A O   1 
HETATM 721 O  O   . HOH B 2 .  ? -3.693  9.299   9.099   1.00 9.59  ? 92  HOH A O   1 
HETATM 722 O  O   . HOH B 2 .  ? -3.718  6.543   11.552  1.00 9.89  ? 93  HOH A O   1 
HETATM 723 O  O   . HOH B 2 .  ? 8.232   3.501   -4.392  1.00 10.46 ? 94  HOH A O   1 
HETATM 724 O  O   . HOH B 2 .  ? 12.101  -6.137  -8.567  1.00 11.17 ? 95  HOH A O   1 
HETATM 725 O  O   . HOH B 2 .  ? -5.572  -2.077  6.822   1.00 11.49 ? 96  HOH A O   1 
HETATM 726 O  O   . HOH B 2 .  ? 18.225  7.297   12.879  1.00 11.54 ? 97  HOH A O   1 
HETATM 727 O  O   . HOH B 2 .  ? -1.957  -0.190  16.517  1.00 12.08 ? 98  HOH A O   1 
HETATM 728 O  O   . HOH B 2 .  ? 9.648   -7.074  -7.625  1.00 13.09 ? 99  HOH A O   1 
HETATM 729 O  O   . HOH B 2 .  ? 7.009   -7.559  -10.723 1.00 13.35 ? 100 HOH A O   1 
HETATM 730 O  O   . HOH B 2 .  ? -4.971  -4.639  5.875   1.00 13.60 ? 101 HOH A O   1 
HETATM 731 O  O   . HOH B 2 .  ? -4.503  5.408   14.058  1.00 13.96 ? 102 HOH A O   1 
HETATM 732 O  O   . HOH B 2 .  ? -1.432  10.777  9.463   1.00 14.20 ? 103 HOH A O   1 
HETATM 733 O  O   . HOH B 2 .  ? 18.050  9.888   12.090  1.00 14.68 ? 104 HOH A O   1 
HETATM 734 O  O   . HOH B 2 .  ? -2.867  3.896   15.576  1.00 15.11 ? 105 HOH A O   1 
HETATM 735 O  O   . HOH B 2 .  ? -5.813  11.692  -1.172  1.00 15.51 ? 106 HOH A O   1 
HETATM 736 O  O   . HOH B 2 .  ? -6.560  -2.173  9.336   1.00 15.96 ? 107 HOH A O   1 
HETATM 737 O  O   . HOH B 2 .  ? 5.528   -15.428 6.713   1.00 16.16 ? 108 HOH A O   1 
HETATM 738 O  O   . HOH B 2 .  ? 10.213  -11.495 -6.877  1.00 16.30 ? 109 HOH A O   1 
HETATM 739 O  O   . HOH B 2 .  ? -18.410 2.925   -3.866  1.00 17.00 ? 110 HOH A O   1 
HETATM 740 O  O   . HOH B 2 .  ? -4.654  -1.189  11.415  1.00 17.14 ? 111 HOH A O   1 
HETATM 741 O  O   . HOH B 2 .  ? -18.331 -3.416  -3.982  1.00 17.46 ? 112 HOH A O   1 
HETATM 742 O  O   . HOH B 2 .  ? 14.647  -11.191 -2.020  1.00 17.88 ? 113 HOH A O   1 
HETATM 743 O  O   . HOH B 2 .  ? 5.678   -3.258  -11.833 1.00 18.25 ? 114 HOH A O   1 
HETATM 744 O  O   . HOH B 2 .  ? -8.329  14.490  9.433   1.00 18.90 ? 115 HOH A O   1 
HETATM 745 O  O   . HOH B 2 .  ? -0.947  -13.726 4.475   1.00 19.15 ? 116 HOH A O   1 
HETATM 746 O  O   . HOH B 2 .  ? 14.894  -14.042 -1.213  1.00 19.35 ? 117 HOH A O   1 
HETATM 747 O  O   . HOH B 2 .  ? 4.149   -15.126 4.236   1.00 19.86 ? 118 HOH A O   1 
HETATM 748 O  O   . HOH B 2 .  ? -0.601  12.840  7.787   1.00 19.96 ? 119 HOH A O   1 
HETATM 749 O  O   . HOH B 2 .  ? 12.955  -10.323 -0.264  1.00 20.18 ? 120 HOH A O   1 
HETATM 750 O  O   . HOH B 2 .  ? -7.265  2.518   -8.491  1.00 20.29 ? 121 HOH A O   1 
HETATM 751 O  O   . HOH B 2 .  ? -1.722  -11.137 3.502   1.00 20.46 ? 122 HOH A O   1 
HETATM 752 O  O   . HOH B 2 .  ? 16.047  10.934  8.259   1.00 20.58 ? 123 HOH A O   1 
HETATM 753 O  O   . HOH B 2 .  ? 8.926   11.158  5.495   1.00 21.49 ? 124 HOH A O   1 
HETATM 754 O  O   . HOH B 2 .  ? -8.617  11.748  1.270   1.00 21.61 ? 125 HOH A O   1 
HETATM 755 O  O   . HOH B 2 .  ? -1.000  -17.808 -8.114  1.00 21.93 ? 126 HOH A O   1 
HETATM 756 O  O   . HOH B 2 .  ? 11.356  -7.447  -5.229  1.00 22.17 ? 127 HOH A O   1 
HETATM 757 O  O   . HOH B 2 .  ? -6.708  -4.675  -11.235 1.00 22.32 ? 128 HOH A O   1 
HETATM 758 O  O   . HOH B 2 .  ? 1.187   -12.610 -11.762 1.00 22.34 ? 129 HOH A O   1 
HETATM 759 O  O   . HOH B 2 .  ? -0.816  -16.617 -4.029  1.00 22.63 ? 130 HOH A O   1 
HETATM 760 O  O   . HOH B 2 .  ? -14.465 5.711   4.416   1.00 22.84 ? 131 HOH A O   1 
HETATM 761 O  O   . HOH B 2 .  ? -11.059 -9.942  -2.622  1.00 23.16 ? 132 HOH A O   1 
HETATM 762 O  O   . HOH B 2 .  ? 11.737  7.412   11.183  1.00 23.62 ? 133 HOH A O   1 
HETATM 763 O  O   . HOH B 2 .  ? -5.241  -12.040 -0.271  1.00 23.82 ? 134 HOH A O   1 
HETATM 764 O  O   . HOH B 2 .  ? 5.854   -13.694 0.323   1.00 23.92 ? 135 HOH A O   1 
HETATM 765 O  O   . HOH B 2 .  ? -6.887  -4.521  10.635  1.00 24.40 ? 136 HOH A O   1 
HETATM 766 O  O   . HOH B 2 .  ? 0.518   -17.015 2.223   1.00 24.50 ? 137 HOH A O   1 
HETATM 767 O  O   . HOH B 2 .  ? -4.314  -5.392  -10.505 1.00 25.00 ? 138 HOH A O   1 
HETATM 768 O  O   . HOH B 2 .  ? 10.345  -14.590 -7.371  1.00 25.07 ? 139 HOH A O   1 
HETATM 769 O  O   . HOH B 2 .  ? -4.533  -7.850  -9.496  1.00 25.10 ? 140 HOH A O   1 
HETATM 770 O  O   . HOH B 2 .  ? 19.831  7.819   5.798   1.00 25.25 ? 141 HOH A O   1 
HETATM 771 O  O   . HOH B 2 .  ? -12.121 -10.941 -4.604  1.00 25.60 ? 142 HOH A O   1 
HETATM 772 O  O   . HOH B 2 .  ? 13.325  -8.053  1.210   1.00 26.25 ? 143 HOH A O   1 
HETATM 773 O  O   . HOH B 2 .  ? -11.375 1.623   9.309   1.00 26.47 ? 144 HOH A O   1 
HETATM 774 O  O   . HOH B 2 .  ? 2.659   -2.476  -11.303 1.00 26.58 ? 145 HOH A O   1 
HETATM 775 O  O   . HOH B 2 .  ? -7.567  -1.115  5.155   1.00 26.94 ? 146 HOH A O   1 
HETATM 776 O  O   . HOH B 2 .  ? -7.077  -8.557  -9.244  1.00 27.01 ? 147 HOH A O   1 
HETATM 777 O  O   . HOH B 2 .  ? -2.508  -15.474 3.484   1.00 27.07 ? 148 HOH A O   1 
HETATM 778 O  O   . HOH B 2 .  ? -6.686  -16.379 -9.234  1.00 27.17 ? 149 HOH A O   1 
HETATM 779 O  O   . HOH B 2 .  ? 1.241   -12.243 -14.601 1.00 27.18 ? 150 HOH A O   1 
HETATM 780 O  O   . HOH B 2 .  ? 5.900   -0.014  -10.435 1.00 27.33 ? 151 HOH A O   1 
HETATM 781 O  O   . HOH B 2 .  ? 20.306  3.600   6.779   1.00 27.54 ? 152 HOH A O   1 
HETATM 782 O  O   . HOH B 2 .  ? 1.658   -14.598 -2.940  1.00 27.58 ? 153 HOH A O   1 
HETATM 783 O  O   . HOH B 2 .  ? -9.210  1.204   6.035   1.00 27.82 ? 154 HOH A O   1 
HETATM 784 O  O   . HOH B 2 .  ? -4.536  16.373  0.846   1.00 28.19 ? 155 HOH A O   1 
HETATM 785 O  O   . HOH B 2 .  ? -3.869  16.822  -6.393  1.00 28.68 ? 156 HOH A O   1 
HETATM 786 O  O   . HOH B 2 .  ? -12.824 2.935   5.454   1.00 28.80 ? 157 HOH A O   1 
HETATM 787 O  O   . HOH B 2 .  ? 8.210   -11.597 -4.920  1.00 28.88 ? 158 HOH A O   1 
HETATM 788 O  O   . HOH B 2 .  ? 15.497  10.156  10.954  1.00 29.03 ? 159 HOH A O   1 
HETATM 789 O  O   . HOH B 2 .  ? -9.780  10.752  -1.162  1.00 29.21 ? 160 HOH A O   1 
HETATM 790 O  O   . HOH B 2 .  ? -10.309 13.812  2.384   1.00 29.30 ? 161 HOH A O   1 
HETATM 791 O  O   . HOH B 2 .  ? -10.629 -5.479  -9.253  1.00 29.66 ? 162 HOH A O   1 
HETATM 792 O  O   . HOH B 2 .  ? 12.593  -16.904 -4.245  1.00 29.89 ? 163 HOH A O   1 
HETATM 793 O  O   . HOH B 2 .  ? -13.391 8.509   -0.590  1.00 29.90 ? 164 HOH A O   1 
HETATM 794 O  O   . HOH B 2 .  ? 10.609  -8.951  -2.819  1.00 29.93 ? 165 HOH A O   1 
HETATM 795 O  O   . HOH B 2 .  ? -3.654  -11.861 1.778   1.00 30.52 ? 166 HOH A O   1 
HETATM 796 O  O   . HOH B 2 .  ? 1.670   8.310   -9.026  1.00 31.02 ? 167 HOH A O   1 
HETATM 797 O  O   . HOH B 2 .  ? -6.288  10.812  -6.620  1.00 31.32 ? 168 HOH A O   1 
HETATM 798 O  O   . HOH B 2 .  ? 2.895   -16.118 1.192   1.00 31.56 ? 169 HOH A O   1 
HETATM 799 O  O   . HOH B 2 .  ? -8.323  -6.164  -9.776  1.00 31.64 ? 170 HOH A O   1 
HETATM 800 O  O   . HOH B 2 .  ? 1.086   13.928  -5.375  1.00 31.78 ? 171 HOH A O   1 
HETATM 801 O  O   . HOH B 2 .  ? 3.066   12.996  -7.376  1.00 31.83 ? 172 HOH A O   1 
HETATM 802 O  O   . HOH B 2 .  ? -10.033 1.453   -7.801  1.00 31.91 ? 173 HOH A O   1 
HETATM 803 O  O   . HOH B 2 .  ? 4.974   -12.829 -4.445  1.00 31.95 ? 174 HOH A O   1 
HETATM 804 O  O   . HOH B 2 .  ? -5.581  1.187   -10.141 1.00 33.19 ? 175 HOH A O   1 
HETATM 805 O  O   . HOH B 2 .  ? 8.070   7.200   -6.175  1.00 33.51 ? 176 HOH A O   1 
HETATM 806 O  O   . HOH B 2 .  ? 14.330  8.999   8.831   1.00 33.61 ? 177 HOH A O   1 
HETATM 807 O  O   . HOH B 2 .  ? 6.990   12.873  4.329   1.00 34.10 ? 178 HOH A O   1 
HETATM 808 O  O   . HOH B 2 .  ? -7.521  -5.385  0.141   1.00 34.20 ? 179 HOH A O   1 
HETATM 809 O  O   . HOH B 2 .  ? -5.140  18.308  5.133   1.00 34.45 ? 180 HOH A O   1 
HETATM 810 O  O   . HOH B 2 .  ? 0.387   15.075  -2.463  1.00 34.92 ? 181 HOH A O   1 
HETATM 811 O  O   . HOH B 2 .  ? -15.209 -0.527  -9.432  1.00 35.10 ? 182 HOH A O   1 
HETATM 812 O  O   . HOH B 2 .  ? -8.000  -10.315 0.558   1.00 35.32 ? 183 HOH A O   1 
HETATM 813 O  O   . HOH B 2 .  ? 9.338   -16.373 6.298   1.00 35.49 ? 184 HOH A O   1 
HETATM 814 O  O   . HOH B 2 .  ? -11.160 11.054  5.386   1.00 35.50 ? 185 HOH A O   1 
HETATM 815 O  O   . HOH B 2 .  ? 5.839   5.585   -10.133 1.00 35.76 ? 186 HOH A O   1 
HETATM 816 O  O   . HOH B 2 .  ? -1.533  -8.264  -14.539 1.00 35.81 ? 187 HOH A O   1 
HETATM 817 O  O   . HOH B 2 .  ? 1.283   -17.131 -9.492  1.00 36.00 ? 188 HOH A O   1 
HETATM 818 O  O   . HOH B 2 .  ? -3.921  9.478   -7.177  1.00 36.03 ? 189 HOH A O   1 
HETATM 819 O  O   . HOH B 2 .  ? 8.191   -23.291 5.603   1.00 36.30 ? 190 HOH A O   1 
HETATM 820 O  O   . HOH B 2 .  ? -10.409 -3.220  2.006   1.00 36.51 ? 191 HOH A O   1 
HETATM 821 O  O   . HOH B 2 .  ? -7.375  4.498   -10.101 1.00 36.69 ? 192 HOH A O   1 
HETATM 822 O  O   . HOH B 2 .  ? -4.297  0.348   -14.123 1.00 36.80 ? 193 HOH A O   1 
HETATM 823 O  O   . HOH B 2 .  ? 0.662   -9.821  -13.222 1.00 37.53 ? 194 HOH A O   1 
HETATM 824 O  O   . HOH B 2 .  ? -2.674  2.407   -11.393 1.00 37.64 ? 195 HOH A O   1 
HETATM 825 O  O   . HOH B 2 .  ? 2.052   -16.256 -1.222  1.00 37.81 ? 196 HOH A O   1 
HETATM 826 O  O   . HOH B 2 .  ? -6.947  -5.506  4.172   1.00 38.08 ? 197 HOH A O   1 
HETATM 827 O  O   . HOH B 2 .  ? -15.473 -6.142  1.369   1.00 39.10 ? 198 HOH A O   1 
HETATM 828 O  O   . HOH B 2 .  ? -0.966  -18.654 0.609   1.00 40.53 ? 199 HOH A O   1 
HETATM 829 O  O   . HOH B 2 .  ? -0.534  -18.767 -5.751  1.00 40.92 ? 200 HOH A O   1 
HETATM 830 O  O   . HOH B 2 .  ? -13.738 -2.924  3.737   1.00 42.17 ? 201 HOH A O   1 
HETATM 831 O  O   . HOH B 2 .  ? -5.822  -2.082  -12.318 1.00 42.25 ? 202 HOH A O   1 
HETATM 832 O  O   . HOH B 2 .  ? -13.270 -8.665  -1.980  1.00 42.57 ? 203 HOH A O   1 
HETATM 833 O  O   . HOH B 2 .  ? -9.007  -0.527  -11.817 1.00 44.67 ? 204 HOH A O   1 
HETATM 834 O  O   . HOH B 2 .  ? -7.950  -14.496 -11.001 1.00 47.69 ? 205 HOH A O   1 
HETATM 835 O  O   . HOH B 2 .  ? 2.606   0.780   -12.923 1.00 51.58 ? 206 HOH A O   1 
HETATM 836 O  O   . HOH B 2 .  ? 5.400   1.675   -12.569 1.00 52.37 ? 207 HOH A O   1 
# 
